data_8X0U
#
_entry.id   8X0U
#
_cell.length_a   73.700
_cell.length_b   253.977
_cell.length_c   73.835
_cell.angle_alpha   90.000
_cell.angle_beta   102.790
_cell.angle_gamma   90.000
#
_symmetry.space_group_name_H-M   'P 1 21 1'
#
loop_
_entity.id
_entity.type
_entity.pdbx_description
1 polymer 'Cupin conserved barrel domain protein'
2 water water
#
_entity_poly.entity_id   1
_entity_poly.type   'polypeptide(L)'
_entity_poly.pdbx_seq_one_letter_code
;MAEQTEQTTTPFVLPGLNYVHSGFPAPGLRQINRHITGHDDNGKSVFLSTDHGDHHRIMGEKQAVANILYSTQETPVQLN
GNVDIDKAAKEEPPLHYHNGSIVRMIDFAPAVESPLHRAVSIDYGIVVEGVFKLVLDSGEERIMRQGDVSVQRATAHKWI
NITDNGTAPGRMMWILLDCHDVVVNGQVMEGYLGDLEKEYVGRGASK
;
_entity_poly.pdbx_strand_id   A,B,C,D,E,F,G,H,I,J,K,L
#
# COMPACT_ATOMS: atom_id res chain seq x y z
N VAL A 13 -20.20 -0.97 -30.63
CA VAL A 13 -19.50 -1.87 -29.71
C VAL A 13 -18.22 -1.22 -29.22
N LEU A 14 -18.10 -1.07 -27.90
CA LEU A 14 -16.87 -0.53 -27.32
C LEU A 14 -15.79 -1.61 -27.35
N PRO A 15 -14.62 -1.34 -27.95
CA PRO A 15 -13.67 -2.44 -28.22
C PRO A 15 -13.24 -3.24 -27.00
N GLY A 16 -12.81 -2.57 -25.93
CA GLY A 16 -12.27 -3.30 -24.79
C GLY A 16 -13.14 -3.27 -23.55
N LEU A 17 -14.45 -3.29 -23.73
CA LEU A 17 -15.39 -3.11 -22.63
C LEU A 17 -15.19 -4.18 -21.55
N ASN A 18 -14.79 -3.74 -20.36
CA ASN A 18 -14.70 -4.59 -19.17
C ASN A 18 -13.71 -5.74 -19.35
N TYR A 19 -12.65 -5.50 -20.14
CA TYR A 19 -11.64 -6.53 -20.36
C TYR A 19 -10.61 -6.58 -19.24
N VAL A 20 -10.28 -5.43 -18.65
CA VAL A 20 -9.25 -5.37 -17.59
C VAL A 20 -10.00 -5.53 -16.27
N HIS A 21 -10.21 -6.79 -15.89
CA HIS A 21 -11.03 -7.07 -14.71
C HIS A 21 -10.25 -7.07 -13.41
N SER A 22 -8.92 -7.16 -13.46
CA SER A 22 -8.10 -7.23 -12.25
C SER A 22 -6.92 -6.27 -12.33
N GLY A 23 -7.14 -5.08 -12.86
CA GLY A 23 -6.08 -4.10 -12.95
C GLY A 23 -4.88 -4.60 -13.75
N PHE A 24 -3.70 -4.16 -13.33
CA PHE A 24 -2.46 -4.58 -13.99
C PHE A 24 -2.02 -5.92 -13.44
N PRO A 25 -1.66 -6.88 -14.31
CA PRO A 25 -1.64 -6.76 -15.76
C PRO A 25 -2.96 -7.15 -16.42
N ALA A 26 -3.14 -6.76 -17.68
CA ALA A 26 -4.33 -7.15 -18.42
C ALA A 26 -4.31 -8.65 -18.69
N PRO A 27 -5.48 -9.28 -18.77
CA PRO A 27 -5.52 -10.73 -19.08
C PRO A 27 -4.89 -11.01 -20.44
N GLY A 28 -3.95 -11.95 -20.45
CA GLY A 28 -3.18 -12.26 -21.64
C GLY A 28 -1.80 -11.64 -21.66
N LEU A 29 -1.51 -10.71 -20.75
CA LEU A 29 -0.22 -10.06 -20.66
C LEU A 29 0.44 -10.42 -19.33
N ARG A 30 1.76 -10.34 -19.29
CA ARG A 30 2.54 -10.86 -18.18
C ARG A 30 2.71 -9.82 -17.08
N GLN A 31 2.62 -10.28 -15.83
CA GLN A 31 3.07 -9.49 -14.70
C GLN A 31 4.58 -9.26 -14.84
N ILE A 32 5.06 -8.15 -14.26
CA ILE A 32 6.42 -7.70 -14.52
C ILE A 32 7.24 -7.64 -13.24
N ASN A 33 8.51 -7.25 -13.40
CA ASN A 33 9.42 -7.03 -12.28
C ASN A 33 10.10 -5.68 -12.50
N ARG A 34 9.87 -4.75 -11.58
CA ARG A 34 10.59 -3.50 -11.54
C ARG A 34 11.62 -3.57 -10.43
N HIS A 35 12.89 -3.41 -10.77
CA HIS A 35 13.97 -3.37 -9.80
C HIS A 35 14.51 -1.95 -9.70
N ILE A 36 14.65 -1.46 -8.47
CA ILE A 36 15.23 -0.15 -8.22
C ILE A 36 16.45 -0.34 -7.34
N THR A 37 17.57 0.27 -7.74
CA THR A 37 18.82 0.14 -7.04
C THR A 37 19.14 1.43 -6.29
N GLY A 38 20.04 1.31 -5.31
CA GLY A 38 20.48 2.44 -4.53
C GLY A 38 21.77 2.10 -3.83
N HIS A 39 22.14 2.97 -2.89
CA HIS A 39 23.36 2.81 -2.11
C HIS A 39 23.03 2.57 -0.64
N ASP A 40 23.82 1.71 0.00
CA ASP A 40 23.70 1.48 1.43
C ASP A 40 24.43 2.58 2.19
N ASP A 41 24.22 2.59 3.51
CA ASP A 41 24.93 3.53 4.36
C ASP A 41 26.44 3.28 4.40
N ASN A 42 26.92 2.23 3.74
CA ASN A 42 28.34 1.92 3.66
C ASN A 42 28.90 2.16 2.26
N GLY A 43 28.13 2.75 1.36
CA GLY A 43 28.60 3.07 0.03
C GLY A 43 28.54 1.95 -0.99
N LYS A 44 28.02 0.78 -0.64
CA LYS A 44 27.86 -0.30 -1.59
C LYS A 44 26.50 -0.21 -2.27
N SER A 45 26.44 -0.69 -3.51
CA SER A 45 25.22 -0.61 -4.30
C SER A 45 24.35 -1.84 -4.06
N VAL A 46 23.06 -1.61 -3.79
CA VAL A 46 22.14 -2.66 -3.36
C VAL A 46 20.82 -2.51 -4.09
N PHE A 47 20.02 -3.58 -4.04
CA PHE A 47 18.68 -3.58 -4.61
C PHE A 47 17.69 -3.12 -3.55
N LEU A 48 17.02 -1.99 -3.80
CA LEU A 48 16.13 -1.40 -2.83
C LEU A 48 14.70 -1.93 -2.90
N SER A 49 14.28 -2.45 -4.05
CA SER A 49 12.88 -2.88 -4.17
C SER A 49 12.71 -3.77 -5.40
N THR A 50 11.71 -4.65 -5.32
CA THR A 50 11.22 -5.44 -6.43
C THR A 50 9.71 -5.47 -6.34
N ASP A 51 9.02 -4.99 -7.37
CA ASP A 51 7.56 -4.90 -7.30
C ASP A 51 6.99 -4.88 -8.71
N HIS A 52 5.69 -4.55 -8.78
CA HIS A 52 4.92 -4.52 -10.02
C HIS A 52 4.70 -3.09 -10.53
N GLY A 53 5.51 -2.14 -10.07
CA GLY A 53 5.33 -0.76 -10.46
C GLY A 53 4.62 0.05 -9.39
N ASP A 54 3.93 1.12 -9.82
CA ASP A 54 3.24 2.00 -8.89
C ASP A 54 2.19 2.78 -9.65
N HIS A 55 1.24 3.34 -8.89
CA HIS A 55 0.22 4.24 -9.43
C HIS A 55 -0.56 3.59 -10.56
N HIS A 56 -0.97 2.34 -10.34
CA HIS A 56 -1.83 1.66 -11.30
C HIS A 56 -3.12 2.45 -11.51
N ARG A 57 -3.57 2.51 -12.77
CA ARG A 57 -4.74 3.31 -13.11
C ARG A 57 -5.52 2.63 -14.21
N ILE A 58 -6.81 2.39 -13.97
CA ILE A 58 -7.69 1.85 -14.99
C ILE A 58 -8.13 2.98 -15.90
N MET A 59 -8.01 2.77 -17.20
CA MET A 59 -8.34 3.80 -18.19
C MET A 59 -9.57 3.36 -18.98
N GLY A 60 -10.50 4.29 -19.18
CA GLY A 60 -11.71 3.98 -19.91
C GLY A 60 -12.64 3.07 -19.12
N GLU A 61 -13.36 2.23 -19.86
CA GLU A 61 -14.30 1.28 -19.26
C GLU A 61 -13.60 -0.08 -19.03
N LYS A 62 -12.59 -0.04 -18.17
CA LYS A 62 -11.67 -1.18 -18.00
C LYS A 62 -11.09 -1.59 -19.36
N GLN A 63 -10.83 -0.59 -20.19
CA GLN A 63 -10.30 -0.79 -21.53
C GLN A 63 -8.78 -0.83 -21.57
N ALA A 64 -8.12 -0.22 -20.60
CA ALA A 64 -6.68 -0.25 -20.50
C ALA A 64 -6.30 -0.07 -19.04
N VAL A 65 -5.02 -0.28 -18.74
CA VAL A 65 -4.49 0.01 -17.41
C VAL A 65 -3.09 0.56 -17.57
N ALA A 66 -2.81 1.66 -16.86
CA ALA A 66 -1.50 2.29 -16.90
C ALA A 66 -0.66 1.82 -15.71
N ASN A 67 0.65 1.89 -15.88
CA ASN A 67 1.61 1.50 -14.86
C ASN A 67 2.79 2.45 -14.96
N ILE A 68 2.98 3.29 -13.94
CA ILE A 68 4.03 4.29 -13.92
C ILE A 68 5.23 3.68 -13.21
N LEU A 69 6.27 3.33 -13.99
CA LEU A 69 7.43 2.64 -13.44
C LEU A 69 8.35 3.58 -12.67
N TYR A 70 8.50 4.81 -13.12
CA TYR A 70 9.30 5.78 -12.39
C TYR A 70 8.99 7.17 -12.90
N SER A 71 9.43 8.17 -12.15
CA SER A 71 9.22 9.57 -12.50
C SER A 71 10.33 10.40 -11.86
N THR A 72 10.61 11.54 -12.49
CA THR A 72 11.51 12.54 -11.94
C THR A 72 10.90 13.91 -12.15
N GLN A 73 11.17 14.83 -11.23
CA GLN A 73 10.58 16.16 -11.26
C GLN A 73 11.63 17.27 -11.34
N GLU A 74 12.87 16.93 -11.63
CA GLU A 74 13.94 17.92 -11.69
C GLU A 74 15.03 17.44 -12.64
N THR A 75 15.77 18.39 -13.18
CA THR A 75 16.94 18.11 -14.02
C THR A 75 18.09 18.98 -13.53
N PRO A 76 19.24 18.38 -13.15
CA PRO A 76 19.45 16.93 -13.05
C PRO A 76 18.71 16.34 -11.86
N VAL A 77 18.48 15.03 -11.88
CA VAL A 77 17.74 14.40 -10.78
C VAL A 77 18.60 14.38 -9.54
N GLN A 78 17.98 14.61 -8.38
CA GLN A 78 18.65 14.53 -7.09
C GLN A 78 18.37 13.13 -6.52
N LEU A 79 19.43 12.33 -6.38
CA LEU A 79 19.31 10.98 -5.84
C LEU A 79 19.75 10.88 -4.39
N ASN A 80 20.31 11.94 -3.81
CA ASN A 80 20.78 11.86 -2.44
C ASN A 80 19.60 11.86 -1.48
N GLY A 81 19.76 11.12 -0.38
CA GLY A 81 18.71 10.96 0.60
C GLY A 81 17.49 10.25 0.05
N ASN A 82 17.64 9.64 -1.13
CA ASN A 82 16.57 8.88 -1.80
C ASN A 82 15.34 9.74 -2.05
N VAL A 83 15.53 11.06 -2.21
CA VAL A 83 14.39 11.95 -2.38
C VAL A 83 13.66 11.72 -3.70
N ASP A 84 14.35 11.16 -4.70
CA ASP A 84 13.68 10.84 -5.96
C ASP A 84 12.73 9.66 -5.81
N ILE A 85 13.07 8.71 -4.94
CA ILE A 85 12.18 7.57 -4.70
C ILE A 85 10.91 8.02 -4.01
N ASP A 86 11.05 8.82 -2.94
CA ASP A 86 9.88 9.28 -2.21
C ASP A 86 9.01 10.19 -3.08
N LYS A 87 9.64 11.10 -3.83
CA LYS A 87 8.87 11.97 -4.72
C LYS A 87 8.10 11.17 -5.76
N ALA A 88 8.65 10.03 -6.18
CA ALA A 88 7.99 9.21 -7.19
C ALA A 88 6.86 8.36 -6.61
N ALA A 89 6.94 7.99 -5.33
CA ALA A 89 5.91 7.21 -4.69
C ALA A 89 4.87 8.05 -3.97
N LYS A 90 5.20 9.31 -3.65
CA LYS A 90 4.31 10.14 -2.84
C LYS A 90 3.02 10.47 -3.59
N GLU A 91 3.14 10.96 -4.82
CA GLU A 91 2.00 11.42 -5.60
C GLU A 91 1.88 10.63 -6.89
N GLU A 92 0.64 10.49 -7.37
CA GLU A 92 0.43 10.01 -8.72
C GLU A 92 0.81 11.13 -9.69
N PRO A 93 1.60 10.84 -10.72
CA PRO A 93 2.10 11.91 -11.59
C PRO A 93 1.07 12.34 -12.60
N PRO A 94 1.13 13.59 -13.06
CA PRO A 94 0.28 14.01 -14.18
C PRO A 94 0.75 13.43 -15.51
N LEU A 95 0.15 13.91 -16.61
CA LEU A 95 0.53 13.42 -17.94
C LEU A 95 2.03 13.50 -18.17
N HIS A 96 2.63 14.66 -17.92
CA HIS A 96 4.08 14.79 -17.99
C HIS A 96 4.54 15.81 -16.95
N TYR A 97 5.79 15.66 -16.54
CA TYR A 97 6.40 16.48 -15.50
C TYR A 97 7.27 17.56 -16.13
N HIS A 98 7.15 18.78 -15.63
CA HIS A 98 7.99 19.87 -16.11
C HIS A 98 9.42 19.70 -15.62
N ASN A 99 10.37 19.77 -16.54
CA ASN A 99 11.79 19.52 -16.26
C ASN A 99 12.02 18.13 -15.68
N GLY A 100 11.22 17.16 -16.10
CA GLY A 100 11.32 15.83 -15.55
C GLY A 100 10.92 14.73 -16.52
N SER A 101 10.87 13.49 -16.00
CA SER A 101 10.57 12.31 -16.81
C SER A 101 9.45 11.51 -16.17
N ILE A 102 8.77 10.74 -17.01
CA ILE A 102 7.76 9.77 -16.56
C ILE A 102 7.88 8.54 -17.46
N VAL A 103 8.01 7.37 -16.85
CA VAL A 103 8.02 6.11 -17.58
C VAL A 103 6.65 5.47 -17.36
N ARG A 104 5.78 5.60 -18.35
CA ARG A 104 4.41 5.10 -18.27
C ARG A 104 4.24 3.89 -19.18
N MET A 105 3.82 2.77 -18.60
CA MET A 105 3.51 1.55 -19.33
C MET A 105 1.99 1.37 -19.34
N ILE A 106 1.45 0.99 -20.50
CA ILE A 106 0.00 0.86 -20.68
C ILE A 106 -0.32 -0.47 -21.34
N ASP A 107 -1.24 -1.22 -20.74
CA ASP A 107 -1.77 -2.45 -21.31
C ASP A 107 -3.06 -2.13 -22.04
N PHE A 108 -3.10 -2.45 -23.33
CA PHE A 108 -4.27 -2.20 -24.17
C PHE A 108 -5.13 -3.45 -24.25
N ALA A 109 -6.43 -3.31 -24.01
CA ALA A 109 -7.35 -4.39 -24.33
C ALA A 109 -7.45 -4.53 -25.85
N PRO A 110 -7.93 -5.67 -26.35
CA PRO A 110 -7.96 -5.88 -27.80
C PRO A 110 -8.70 -4.77 -28.53
N ALA A 111 -8.09 -4.29 -29.62
CA ALA A 111 -8.67 -3.32 -30.55
C ALA A 111 -8.96 -1.97 -29.90
N VAL A 112 -8.37 -1.68 -28.75
CA VAL A 112 -8.61 -0.41 -28.08
C VAL A 112 -7.82 0.69 -28.77
N GLU A 113 -8.50 1.79 -29.09
CA GLU A 113 -7.87 2.97 -29.68
C GLU A 113 -7.71 4.06 -28.64
N SER A 114 -6.60 4.76 -28.69
CA SER A 114 -6.54 6.02 -27.95
C SER A 114 -7.16 7.13 -28.80
N PRO A 115 -7.68 8.18 -28.16
CA PRO A 115 -8.18 9.32 -28.94
C PRO A 115 -7.03 10.09 -29.58
N LEU A 116 -7.33 10.72 -30.71
CA LEU A 116 -6.40 11.67 -31.28
C LEU A 116 -6.12 12.77 -30.28
N HIS A 117 -4.85 12.99 -29.96
CA HIS A 117 -4.49 13.96 -28.93
C HIS A 117 -3.06 14.43 -29.19
N ARG A 118 -2.69 15.52 -28.53
CA ARG A 118 -1.35 16.06 -28.59
C ARG A 118 -0.89 16.41 -27.19
N ALA A 119 0.13 15.71 -26.70
CA ALA A 119 0.83 16.10 -25.49
C ALA A 119 2.09 16.86 -25.89
N VAL A 120 2.30 18.03 -25.28
CA VAL A 120 3.49 18.81 -25.57
C VAL A 120 4.62 18.24 -24.74
N SER A 121 5.28 17.23 -25.30
CA SER A 121 6.36 16.48 -24.66
C SER A 121 6.94 15.56 -25.73
N ILE A 122 8.25 15.34 -25.65
CA ILE A 122 8.92 14.39 -26.52
C ILE A 122 8.85 13.02 -25.86
N ASP A 123 8.28 12.04 -26.57
CA ASP A 123 7.97 10.74 -26.01
C ASP A 123 8.75 9.67 -26.76
N TYR A 124 9.64 8.97 -26.04
CA TYR A 124 10.21 7.74 -26.54
C TYR A 124 9.25 6.59 -26.25
N GLY A 125 8.91 5.83 -27.27
CA GLY A 125 8.00 4.71 -27.09
C GLY A 125 8.55 3.45 -27.73
N ILE A 126 8.37 2.33 -27.03
CA ILE A 126 8.78 1.02 -27.53
C ILE A 126 7.60 0.06 -27.31
N VAL A 127 7.30 -0.73 -28.34
CA VAL A 127 6.27 -1.76 -28.23
C VAL A 127 6.83 -2.92 -27.44
N VAL A 128 6.22 -3.22 -26.29
CA VAL A 128 6.70 -4.30 -25.44
C VAL A 128 6.10 -5.64 -25.85
N GLU A 129 4.83 -5.66 -26.23
CA GLU A 129 4.16 -6.89 -26.65
C GLU A 129 3.05 -6.53 -27.62
N GLY A 130 2.98 -7.25 -28.74
CA GLY A 130 1.91 -7.07 -29.70
C GLY A 130 2.29 -6.19 -30.87
N VAL A 131 1.25 -5.66 -31.51
CA VAL A 131 1.38 -4.83 -32.72
C VAL A 131 0.48 -3.62 -32.55
N PHE A 132 1.08 -2.44 -32.61
CA PHE A 132 0.35 -1.18 -32.51
C PHE A 132 0.47 -0.39 -33.80
N LYS A 133 -0.55 0.42 -34.07
CA LYS A 133 -0.57 1.31 -35.22
C LYS A 133 -0.56 2.75 -34.71
N LEU A 134 0.43 3.52 -35.15
CA LEU A 134 0.55 4.94 -34.79
C LEU A 134 0.02 5.76 -35.96
N VAL A 135 -1.08 6.46 -35.74
CA VAL A 135 -1.72 7.29 -36.75
C VAL A 135 -1.56 8.75 -36.35
N LEU A 136 -1.17 9.59 -37.29
CA LEU A 136 -0.97 11.01 -37.05
C LEU A 136 -2.15 11.80 -37.60
N ASP A 137 -2.22 13.08 -37.22
CA ASP A 137 -3.38 13.89 -37.58
C ASP A 137 -3.53 14.07 -39.08
N SER A 138 -2.45 13.89 -39.84
CA SER A 138 -2.51 14.00 -41.30
C SER A 138 -3.00 12.72 -41.96
N GLY A 139 -3.11 11.62 -41.23
CA GLY A 139 -3.49 10.35 -41.79
C GLY A 139 -2.32 9.42 -42.07
N GLU A 140 -1.09 9.91 -42.02
CA GLU A 140 0.07 9.03 -42.13
C GLU A 140 0.05 8.02 -41.00
N GLU A 141 0.60 6.83 -41.27
CA GLU A 141 0.50 5.76 -40.30
C GLU A 141 1.69 4.82 -40.45
N ARG A 142 2.09 4.23 -39.33
CA ARG A 142 3.13 3.21 -39.28
C ARG A 142 2.67 2.07 -38.39
N ILE A 143 2.87 0.85 -38.85
CA ILE A 143 2.65 -0.33 -38.04
C ILE A 143 3.90 -0.59 -37.22
N MET A 144 3.74 -0.71 -35.91
CA MET A 144 4.86 -0.90 -34.99
C MET A 144 4.71 -2.23 -34.29
N ARG A 145 5.67 -3.12 -34.50
CA ARG A 145 5.68 -4.45 -33.92
C ARG A 145 6.67 -4.50 -32.77
N GLN A 146 6.61 -5.60 -32.01
CA GLN A 146 7.42 -5.76 -30.81
C GLN A 146 8.89 -5.49 -31.10
N GLY A 147 9.42 -4.45 -30.44
CA GLY A 147 10.81 -4.05 -30.60
C GLY A 147 11.00 -2.73 -31.31
N ASP A 148 9.97 -2.23 -31.99
CA ASP A 148 10.09 -0.99 -32.74
C ASP A 148 10.02 0.22 -31.81
N VAL A 149 10.69 1.30 -32.21
CA VAL A 149 10.86 2.49 -31.39
C VAL A 149 10.34 3.69 -32.16
N SER A 150 9.55 4.53 -31.47
CA SER A 150 9.06 5.77 -32.04
C SER A 150 9.52 6.95 -31.19
N VAL A 151 9.82 8.06 -31.86
CA VAL A 151 10.23 9.30 -31.19
C VAL A 151 9.13 10.31 -31.47
N GLN A 152 8.24 10.51 -30.51
CA GLN A 152 7.08 11.37 -30.67
C GLN A 152 7.47 12.78 -30.28
N ARG A 153 7.65 13.65 -31.27
CA ARG A 153 8.13 15.01 -31.04
C ARG A 153 6.94 15.98 -31.02
N ALA A 154 6.20 15.92 -29.92
CA ALA A 154 5.10 16.85 -29.63
C ALA A 154 4.09 16.90 -30.77
N THR A 155 3.88 15.77 -31.43
CA THR A 155 2.95 15.67 -32.55
C THR A 155 1.60 15.14 -32.09
N ALA A 156 0.57 15.45 -32.88
CA ALA A 156 -0.78 14.95 -32.62
C ALA A 156 -0.95 13.57 -33.25
N HIS A 157 -1.35 12.60 -32.44
CA HIS A 157 -1.32 11.20 -32.84
C HIS A 157 -2.39 10.44 -32.09
N LYS A 158 -2.55 9.16 -32.46
CA LYS A 158 -3.35 8.23 -31.69
C LYS A 158 -2.80 6.82 -31.88
N TRP A 159 -2.82 6.04 -30.81
CA TRP A 159 -2.32 4.67 -30.82
C TRP A 159 -3.49 3.70 -30.94
N ILE A 160 -3.34 2.72 -31.83
CA ILE A 160 -4.37 1.70 -32.06
C ILE A 160 -3.74 0.34 -31.82
N ASN A 161 -4.34 -0.45 -30.93
CA ASN A 161 -3.93 -1.83 -30.73
C ASN A 161 -4.57 -2.69 -31.81
N ILE A 162 -3.74 -3.38 -32.59
CA ILE A 162 -4.23 -4.21 -33.70
C ILE A 162 -3.65 -5.61 -33.59
N THR A 163 -3.21 -5.99 -32.39
CA THR A 163 -2.55 -7.27 -32.18
C THR A 163 -3.48 -8.42 -32.54
N ASP A 164 -3.03 -9.24 -33.51
CA ASP A 164 -3.77 -10.40 -34.00
C ASP A 164 -5.17 -9.99 -34.46
N ASN A 165 -5.19 -9.05 -35.41
CA ASN A 165 -6.43 -8.56 -36.01
C ASN A 165 -7.42 -8.11 -34.94
N GLY A 166 -6.92 -7.37 -33.96
CA GLY A 166 -7.77 -6.76 -32.95
C GLY A 166 -8.43 -7.73 -31.99
N THR A 167 -7.82 -8.88 -31.74
CA THR A 167 -8.36 -9.87 -30.81
C THR A 167 -7.41 -10.18 -29.67
N ALA A 168 -6.30 -9.47 -29.56
CA ALA A 168 -5.27 -9.77 -28.57
C ALA A 168 -4.81 -8.47 -27.91
N PRO A 169 -4.39 -8.54 -26.65
CA PRO A 169 -3.90 -7.35 -25.97
C PRO A 169 -2.43 -7.08 -26.29
N GLY A 170 -2.05 -5.81 -26.16
CA GLY A 170 -0.68 -5.40 -26.36
C GLY A 170 -0.25 -4.44 -25.28
N ARG A 171 1.05 -4.15 -25.26
CA ARG A 171 1.62 -3.35 -24.19
C ARG A 171 2.66 -2.38 -24.75
N MET A 172 2.48 -1.10 -24.46
CA MET A 172 3.41 -0.06 -24.83
C MET A 172 4.11 0.49 -23.58
N MET A 173 5.34 0.95 -23.75
CA MET A 173 6.01 1.73 -22.73
C MET A 173 6.45 3.06 -23.33
N TRP A 174 6.35 4.12 -22.54
CA TRP A 174 6.74 5.46 -22.95
C TRP A 174 7.64 6.08 -21.90
N ILE A 175 8.53 6.96 -22.34
CA ILE A 175 9.29 7.85 -21.49
C ILE A 175 8.99 9.26 -21.95
N LEU A 176 8.29 10.03 -21.12
CA LEU A 176 7.81 11.36 -21.47
C LEU A 176 8.73 12.40 -20.83
N LEU A 177 9.44 13.16 -21.67
CA LEU A 177 10.31 14.22 -21.22
C LEU A 177 9.73 15.57 -21.61
N ASP A 178 10.17 16.61 -20.90
CA ASP A 178 9.67 17.96 -21.11
C ASP A 178 10.27 18.56 -22.38
N CYS A 179 9.45 19.27 -23.14
CA CYS A 179 9.88 20.01 -24.32
C CYS A 179 9.28 21.41 -24.29
N HIS A 180 9.80 22.28 -25.15
CA HIS A 180 9.23 23.59 -25.35
C HIS A 180 8.05 23.51 -26.32
N ASP A 181 7.26 24.57 -26.36
CA ASP A 181 6.09 24.60 -27.23
C ASP A 181 6.51 24.62 -28.69
N VAL A 182 5.78 23.86 -29.51
CA VAL A 182 6.04 23.79 -30.94
C VAL A 182 5.30 24.94 -31.61
N VAL A 183 6.03 25.77 -32.36
CA VAL A 183 5.48 26.92 -33.04
C VAL A 183 5.77 26.79 -34.54
N VAL A 184 4.72 26.71 -35.35
CA VAL A 184 4.84 26.61 -36.80
C VAL A 184 4.30 27.91 -37.39
N ASN A 185 5.20 28.72 -37.93
CA ASN A 185 4.86 29.96 -38.64
C ASN A 185 3.99 30.86 -37.79
N GLY A 186 4.50 31.20 -36.61
CA GLY A 186 3.79 32.03 -35.66
C GLY A 186 2.73 31.32 -34.86
N GLN A 187 2.24 30.17 -35.32
CA GLN A 187 1.15 29.46 -34.65
C GLN A 187 1.71 28.46 -33.64
N VAL A 188 1.10 28.42 -32.46
CA VAL A 188 1.47 27.44 -31.44
C VAL A 188 0.63 26.19 -31.64
N MET A 189 1.28 25.05 -31.83
CA MET A 189 0.60 23.76 -31.85
C MET A 189 0.26 23.42 -30.40
N GLU A 190 -0.97 23.70 -30.00
CA GLU A 190 -1.36 23.62 -28.60
C GLU A 190 -1.74 22.20 -28.22
N GLY A 191 -1.39 21.81 -27.00
CA GLY A 191 -1.78 20.51 -26.51
C GLY A 191 -3.28 20.38 -26.37
N TYR A 192 -3.76 19.15 -26.46
CA TYR A 192 -5.16 18.81 -26.24
C TYR A 192 -5.25 17.31 -26.06
N LEU A 193 -6.20 16.88 -25.23
CA LEU A 193 -6.29 15.48 -24.86
C LEU A 193 -7.60 14.82 -25.29
N GLY A 194 -8.55 15.57 -25.85
CA GLY A 194 -9.79 15.00 -26.32
C GLY A 194 -10.52 14.20 -25.26
N ASP A 195 -10.70 12.90 -25.51
CA ASP A 195 -11.37 12.03 -24.55
C ASP A 195 -10.47 11.63 -23.38
N LEU A 196 -9.15 11.81 -23.51
CA LEU A 196 -8.22 11.30 -22.51
C LEU A 196 -8.09 12.19 -21.28
N GLU A 197 -8.75 13.35 -21.25
CA GLU A 197 -8.69 14.19 -20.06
C GLU A 197 -9.36 13.54 -18.86
N LYS A 198 -10.17 12.50 -19.08
CA LYS A 198 -10.80 11.79 -17.98
C LYS A 198 -9.78 11.09 -17.09
N GLU A 199 -8.64 10.71 -17.66
CA GLU A 199 -7.73 9.75 -17.02
C GLU A 199 -6.44 10.39 -16.51
N TYR A 200 -6.46 11.67 -16.17
CA TYR A 200 -5.25 12.32 -15.69
C TYR A 200 -5.62 13.36 -14.64
N VAL A 201 -4.72 13.52 -13.66
CA VAL A 201 -4.95 14.27 -12.42
C VAL A 201 -6.42 14.31 -12.01
N VAL B 13 38.62 -18.65 -22.90
CA VAL B 13 38.17 -18.09 -24.17
C VAL B 13 37.26 -16.89 -23.92
N LEU B 14 37.24 -15.95 -24.86
CA LEU B 14 36.44 -14.73 -24.75
C LEU B 14 35.02 -14.97 -25.23
N PRO B 15 34.01 -14.65 -24.43
CA PRO B 15 32.63 -14.88 -24.87
C PRO B 15 32.25 -13.96 -26.03
N GLY B 16 31.54 -14.53 -27.00
CA GLY B 16 31.11 -13.76 -28.15
C GLY B 16 32.25 -13.30 -29.05
N LEU B 17 33.42 -13.92 -28.95
CA LEU B 17 34.58 -13.53 -29.74
C LEU B 17 34.26 -13.56 -31.23
N ASN B 18 34.28 -12.39 -31.88
CA ASN B 18 34.00 -12.24 -33.30
C ASN B 18 32.58 -12.69 -33.67
N TYR B 19 31.62 -12.50 -32.77
CA TYR B 19 30.26 -12.96 -33.03
C TYR B 19 29.50 -11.99 -33.93
N VAL B 20 29.69 -10.69 -33.73
CA VAL B 20 28.89 -9.67 -34.40
C VAL B 20 29.66 -9.28 -35.67
N HIS B 21 29.37 -9.97 -36.77
CA HIS B 21 30.15 -9.82 -37.99
C HIS B 21 29.59 -8.78 -38.95
N SER B 22 28.38 -8.27 -38.73
CA SER B 22 27.77 -7.33 -39.66
C SER B 22 27.07 -6.19 -38.92
N GLY B 23 27.74 -5.64 -37.90
CA GLY B 23 27.19 -4.50 -37.19
C GLY B 23 25.86 -4.80 -36.54
N PHE B 24 24.95 -3.82 -36.57
CA PHE B 24 23.60 -3.95 -36.01
C PHE B 24 22.64 -4.40 -37.10
N PRO B 25 21.80 -5.42 -36.86
CA PRO B 25 21.70 -6.17 -35.59
C PRO B 25 22.63 -7.39 -35.53
N ALA B 26 22.94 -7.82 -34.32
CA ALA B 26 23.78 -8.99 -34.14
C ALA B 26 23.07 -10.23 -34.69
N PRO B 27 23.82 -11.25 -35.12
CA PRO B 27 23.18 -12.48 -35.64
C PRO B 27 22.31 -13.13 -34.57
N GLY B 28 21.03 -13.30 -34.90
CA GLY B 28 20.04 -13.84 -34.00
C GLY B 28 18.98 -12.85 -33.58
N LEU B 29 19.30 -11.56 -33.60
CA LEU B 29 18.36 -10.52 -33.22
C LEU B 29 17.80 -9.83 -34.46
N ARG B 30 16.67 -9.15 -34.27
CA ARG B 30 15.91 -8.59 -35.37
C ARG B 30 16.38 -7.18 -35.72
N GLN B 31 16.21 -6.82 -36.99
CA GLN B 31 16.38 -5.44 -37.41
C GLN B 31 15.18 -4.62 -36.95
N ILE B 32 15.44 -3.36 -36.60
CA ILE B 32 14.41 -2.53 -35.98
C ILE B 32 14.00 -1.41 -36.94
N ASN B 33 12.85 -0.81 -36.63
CA ASN B 33 12.38 0.40 -37.28
C ASN B 33 12.30 1.50 -36.23
N ARG B 34 13.07 2.57 -36.42
CA ARG B 34 12.95 3.77 -35.60
C ARG B 34 12.10 4.77 -36.38
N HIS B 35 11.00 5.20 -35.77
CA HIS B 35 10.10 6.18 -36.38
C HIS B 35 10.23 7.50 -35.65
N ILE B 36 10.51 8.57 -36.39
CA ILE B 36 10.59 9.92 -35.85
C ILE B 36 9.48 10.75 -36.47
N THR B 37 8.67 11.37 -35.63
CA THR B 37 7.57 12.20 -36.08
C THR B 37 7.95 13.68 -36.00
N GLY B 38 7.17 14.50 -36.69
CA GLY B 38 7.41 15.93 -36.71
C GLY B 38 6.28 16.65 -37.40
N HIS B 39 6.52 17.93 -37.69
CA HIS B 39 5.54 18.79 -38.32
C HIS B 39 6.00 19.22 -39.70
N ASP B 40 5.08 19.25 -40.65
CA ASP B 40 5.36 19.77 -41.97
C ASP B 40 5.16 21.29 -41.96
N ASP B 41 5.17 21.92 -43.14
CA ASP B 41 5.08 23.37 -43.21
C ASP B 41 3.69 23.89 -42.86
N ASN B 42 2.66 23.05 -42.93
CA ASN B 42 1.30 23.48 -42.66
C ASN B 42 0.86 23.25 -41.22
N GLY B 43 1.72 22.68 -40.38
CA GLY B 43 1.35 22.37 -39.02
C GLY B 43 0.74 20.99 -38.83
N LYS B 44 0.94 20.09 -39.77
CA LYS B 44 0.41 18.73 -39.69
C LYS B 44 1.48 17.78 -39.18
N SER B 45 1.06 16.80 -38.38
CA SER B 45 1.99 15.82 -37.83
C SER B 45 2.27 14.75 -38.87
N VAL B 46 3.56 14.58 -39.20
CA VAL B 46 3.99 13.67 -40.25
C VAL B 46 5.20 12.88 -39.77
N PHE B 47 5.50 11.81 -40.49
CA PHE B 47 6.67 10.98 -40.17
C PHE B 47 7.87 11.52 -40.93
N LEU B 48 8.92 11.89 -40.19
CA LEU B 48 10.09 12.48 -40.80
C LEU B 48 11.05 11.42 -41.32
N SER B 49 11.21 10.32 -40.58
CA SER B 49 12.17 9.31 -40.99
C SER B 49 11.76 7.95 -40.47
N THR B 50 12.19 6.92 -41.21
CA THR B 50 12.06 5.53 -40.81
C THR B 50 13.40 4.87 -41.09
N ASP B 51 14.15 4.56 -40.05
CA ASP B 51 15.50 4.04 -40.24
C ASP B 51 15.82 3.04 -39.13
N HIS B 52 17.09 2.64 -39.07
CA HIS B 52 17.60 1.64 -38.15
C HIS B 52 18.34 2.26 -36.97
N GLY B 53 18.02 3.51 -36.63
CA GLY B 53 18.71 4.18 -35.56
C GLY B 53 19.88 5.02 -36.04
N ASP B 54 20.90 5.19 -35.21
CA ASP B 54 22.02 6.04 -35.54
C ASP B 54 23.21 5.67 -34.68
N HIS B 55 24.40 6.03 -35.17
CA HIS B 55 25.65 5.89 -34.41
C HIS B 55 25.86 4.47 -33.93
N HIS B 56 25.81 3.51 -34.86
CA HIS B 56 26.16 2.14 -34.54
C HIS B 56 27.62 2.07 -34.13
N ARG B 57 27.90 1.37 -33.03
CA ARG B 57 29.26 1.25 -32.53
C ARG B 57 29.51 -0.17 -32.05
N ILE B 58 30.49 -0.84 -32.66
CA ILE B 58 30.93 -2.14 -32.18
C ILE B 58 31.63 -1.97 -30.83
N MET B 59 31.41 -2.91 -29.93
CA MET B 59 32.05 -2.93 -28.62
C MET B 59 32.79 -4.24 -28.43
N GLY B 60 33.94 -4.17 -27.76
CA GLY B 60 34.76 -5.34 -27.56
C GLY B 60 35.29 -5.88 -28.88
N GLU B 61 35.75 -7.14 -28.83
CA GLU B 61 36.24 -7.83 -30.03
C GLU B 61 35.04 -8.38 -30.80
N LYS B 62 34.25 -7.45 -31.34
CA LYS B 62 33.00 -7.77 -32.04
C LYS B 62 32.04 -8.56 -31.14
N GLN B 63 32.04 -8.27 -29.85
CA GLN B 63 31.23 -9.00 -28.88
C GLN B 63 29.88 -8.35 -28.62
N ALA B 64 29.71 -7.08 -28.96
CA ALA B 64 28.44 -6.41 -28.83
C ALA B 64 28.38 -5.28 -29.85
N VAL B 65 27.22 -4.64 -29.95
CA VAL B 65 27.05 -3.49 -30.83
C VAL B 65 25.94 -2.61 -30.27
N ALA B 66 26.17 -1.31 -30.29
CA ALA B 66 25.26 -0.33 -29.71
C ALA B 66 24.59 0.49 -30.80
N ASN B 67 23.39 0.96 -30.51
CA ASN B 67 22.56 1.68 -31.48
C ASN B 67 21.88 2.84 -30.76
N ILE B 68 22.35 4.06 -31.03
CA ILE B 68 21.84 5.26 -30.37
C ILE B 68 20.54 5.66 -31.08
N LEU B 69 19.40 5.39 -30.44
CA LEU B 69 18.11 5.65 -31.07
C LEU B 69 17.75 7.13 -31.04
N TYR B 70 18.07 7.82 -29.95
CA TYR B 70 17.87 9.27 -29.89
C TYR B 70 18.70 9.85 -28.76
N SER B 71 18.73 11.17 -28.72
CA SER B 71 19.39 11.89 -27.65
C SER B 71 18.92 13.33 -27.65
N THR B 72 18.95 13.94 -26.47
CA THR B 72 18.71 15.37 -26.31
C THR B 72 19.87 15.96 -25.51
N GLN B 73 20.01 17.28 -25.58
CA GLN B 73 21.12 17.96 -24.92
C GLN B 73 20.68 19.15 -24.09
N GLU B 74 19.38 19.32 -23.87
CA GLU B 74 18.87 20.46 -23.12
C GLU B 74 17.50 20.12 -22.56
N THR B 75 17.16 20.74 -21.43
CA THR B 75 15.89 20.50 -20.76
C THR B 75 15.26 21.84 -20.43
N PRO B 76 14.05 22.14 -20.94
CA PRO B 76 13.30 21.30 -21.88
C PRO B 76 13.90 21.24 -23.28
N VAL B 77 13.52 20.20 -24.03
CA VAL B 77 14.04 19.99 -25.38
C VAL B 77 13.47 21.06 -26.32
N GLN B 78 14.34 21.58 -27.18
CA GLN B 78 13.92 22.51 -28.23
C GLN B 78 13.65 21.72 -29.50
N LEU B 79 12.43 21.86 -30.04
CA LEU B 79 12.01 21.10 -31.21
C LEU B 79 11.78 21.96 -32.45
N ASN B 80 11.64 23.28 -32.29
CA ASN B 80 11.31 24.12 -33.43
C ASN B 80 12.50 24.25 -34.36
N GLY B 81 12.22 24.19 -35.67
CA GLY B 81 13.29 24.15 -36.64
C GLY B 81 14.06 22.86 -36.68
N ASN B 82 13.58 21.81 -36.00
CA ASN B 82 14.19 20.49 -36.01
C ASN B 82 15.62 20.51 -35.48
N VAL B 83 15.91 21.42 -34.54
CA VAL B 83 17.26 21.53 -34.00
C VAL B 83 17.63 20.27 -33.23
N ASP B 84 16.66 19.66 -32.55
CA ASP B 84 16.94 18.45 -31.78
C ASP B 84 17.36 17.30 -32.69
N ILE B 85 16.78 17.23 -33.88
CA ILE B 85 17.13 16.16 -34.82
C ILE B 85 18.58 16.32 -35.28
N ASP B 86 18.95 17.53 -35.67
CA ASP B 86 20.32 17.79 -36.12
C ASP B 86 21.33 17.46 -35.03
N LYS B 87 21.09 17.96 -33.81
CA LYS B 87 22.01 17.70 -32.70
C LYS B 87 22.16 16.21 -32.44
N ALA B 88 21.11 15.43 -32.68
CA ALA B 88 21.19 13.99 -32.45
C ALA B 88 21.96 13.27 -33.55
N ALA B 89 21.97 13.82 -34.76
CA ALA B 89 22.62 13.15 -35.89
C ALA B 89 24.06 13.60 -36.10
N LYS B 90 24.38 14.86 -35.79
CA LYS B 90 25.66 15.41 -36.20
C LYS B 90 26.83 14.86 -35.39
N GLU B 91 26.60 14.48 -34.14
CA GLU B 91 27.66 14.03 -33.24
C GLU B 91 27.29 12.68 -32.63
N GLU B 92 28.25 11.77 -32.55
CA GLU B 92 28.03 10.58 -31.76
C GLU B 92 28.07 10.95 -30.28
N PRO B 93 27.03 10.64 -29.51
CA PRO B 93 26.98 11.13 -28.14
C PRO B 93 27.94 10.39 -27.23
N PRO B 94 28.42 11.03 -26.15
CA PRO B 94 29.22 10.33 -25.14
C PRO B 94 28.37 9.42 -24.28
N LEU B 95 28.94 8.91 -23.19
CA LEU B 95 28.21 7.99 -22.32
C LEU B 95 26.88 8.60 -21.85
N HIS B 96 26.89 9.85 -21.43
CA HIS B 96 25.65 10.52 -21.05
C HIS B 96 25.76 12.01 -21.29
N TYR B 97 24.61 12.65 -21.48
CA TYR B 97 24.53 14.06 -21.81
C TYR B 97 24.11 14.86 -20.59
N HIS B 98 24.82 15.96 -20.33
CA HIS B 98 24.44 16.85 -19.24
C HIS B 98 23.13 17.56 -19.57
N ASN B 99 22.20 17.53 -18.61
CA ASN B 99 20.86 18.12 -18.78
C ASN B 99 20.16 17.54 -20.01
N GLY B 100 20.50 16.30 -20.37
CA GLY B 100 19.95 15.69 -21.55
C GLY B 100 19.64 14.21 -21.40
N SER B 101 19.38 13.54 -22.52
CA SER B 101 18.98 12.15 -22.50
C SER B 101 19.71 11.40 -23.63
N ILE B 102 19.84 10.09 -23.45
CA ILE B 102 20.36 9.19 -24.48
C ILE B 102 19.54 7.91 -24.43
N VAL B 103 19.03 7.49 -25.59
CA VAL B 103 18.40 6.19 -25.73
C VAL B 103 19.43 5.26 -26.36
N ARG B 104 19.99 4.37 -25.56
CA ARG B 104 21.04 3.46 -26.01
C ARG B 104 20.51 2.04 -26.03
N MET B 105 20.53 1.42 -27.21
CA MET B 105 20.22 0.01 -27.39
C MET B 105 21.51 -0.74 -27.64
N ILE B 106 21.67 -1.90 -26.99
CA ILE B 106 22.90 -2.69 -27.10
C ILE B 106 22.53 -4.15 -27.34
N ASP B 107 23.17 -4.77 -28.33
CA ASP B 107 22.99 -6.18 -28.64
C ASP B 107 24.18 -6.95 -28.09
N PHE B 108 23.92 -7.86 -27.14
CA PHE B 108 24.97 -8.67 -26.55
C PHE B 108 25.12 -9.97 -27.32
N ALA B 109 26.36 -10.35 -27.59
CA ALA B 109 26.62 -11.69 -28.07
C ALA B 109 26.41 -12.70 -26.94
N PRO B 110 26.32 -13.99 -27.25
CA PRO B 110 26.11 -14.99 -26.18
C PRO B 110 27.13 -14.86 -25.06
N ALA B 111 26.63 -14.91 -23.83
CA ALA B 111 27.44 -14.97 -22.61
C ALA B 111 28.29 -13.72 -22.39
N VAL B 112 27.97 -12.62 -23.06
CA VAL B 112 28.83 -11.43 -23.00
C VAL B 112 28.54 -10.63 -21.74
N GLU B 113 29.61 -10.17 -21.09
CA GLU B 113 29.54 -9.40 -19.85
C GLU B 113 30.10 -8.00 -20.07
N SER B 114 29.47 -7.01 -19.46
CA SER B 114 30.05 -5.69 -19.35
C SER B 114 30.99 -5.66 -18.15
N PRO B 115 31.92 -4.70 -18.10
CA PRO B 115 32.77 -4.59 -16.91
C PRO B 115 32.00 -3.96 -15.76
N LEU B 116 32.43 -4.29 -14.54
CA LEU B 116 31.86 -3.62 -13.38
C LEU B 116 32.18 -2.13 -13.47
N HIS B 117 31.16 -1.31 -13.69
CA HIS B 117 31.36 0.11 -13.91
C HIS B 117 30.29 0.89 -13.18
N ARG B 118 30.51 2.20 -13.09
CA ARG B 118 29.51 3.13 -12.59
C ARG B 118 29.44 4.33 -13.50
N ALA B 119 28.22 4.69 -13.91
CA ALA B 119 27.96 5.91 -14.64
C ALA B 119 27.12 6.82 -13.75
N VAL B 120 27.49 8.09 -13.67
CA VAL B 120 26.75 9.01 -12.81
C VAL B 120 25.55 9.51 -13.60
N SER B 121 24.50 8.71 -13.60
CA SER B 121 23.26 8.98 -14.31
C SER B 121 22.21 8.02 -13.77
N ILE B 122 20.95 8.34 -14.02
CA ILE B 122 19.85 7.42 -13.72
C ILE B 122 19.41 6.78 -15.03
N ASP B 123 19.44 5.46 -15.08
CA ASP B 123 19.24 4.71 -16.32
C ASP B 123 17.95 3.91 -16.23
N TYR B 124 17.03 4.16 -17.17
CA TYR B 124 15.83 3.34 -17.32
C TYR B 124 16.12 2.24 -18.33
N GLY B 125 16.29 1.02 -17.85
CA GLY B 125 16.62 -0.12 -18.71
C GLY B 125 15.47 -1.10 -18.79
N ILE B 126 15.26 -1.65 -19.99
CA ILE B 126 14.28 -2.70 -20.23
C ILE B 126 14.94 -3.80 -21.06
N VAL B 127 14.55 -5.04 -20.82
CA VAL B 127 15.01 -6.18 -21.59
C VAL B 127 14.09 -6.35 -22.80
N VAL B 128 14.64 -6.16 -23.99
CA VAL B 128 13.87 -6.30 -25.23
C VAL B 128 13.81 -7.75 -25.68
N GLU B 129 14.93 -8.47 -25.68
CA GLU B 129 14.94 -9.89 -25.98
C GLU B 129 16.04 -10.57 -25.18
N GLY B 130 15.73 -11.75 -24.68
CA GLY B 130 16.69 -12.55 -23.95
C GLY B 130 16.49 -12.50 -22.45
N VAL B 131 17.54 -12.90 -21.74
CA VAL B 131 17.57 -12.89 -20.28
C VAL B 131 18.91 -12.31 -19.85
N PHE B 132 18.88 -11.34 -18.96
CA PHE B 132 20.09 -10.72 -18.45
C PHE B 132 20.15 -10.85 -16.93
N LYS B 133 21.37 -10.83 -16.42
CA LYS B 133 21.62 -10.80 -14.98
C LYS B 133 22.28 -9.48 -14.64
N LEU B 134 21.70 -8.76 -13.67
CA LEU B 134 22.23 -7.49 -13.21
C LEU B 134 22.95 -7.73 -11.88
N VAL B 135 24.26 -7.59 -11.89
CA VAL B 135 25.09 -7.79 -10.70
C VAL B 135 25.63 -6.46 -10.24
N LEU B 136 25.45 -6.15 -8.97
CA LEU B 136 25.92 -4.91 -8.37
C LEU B 136 27.20 -5.16 -7.58
N ASP B 137 27.88 -4.06 -7.24
CA ASP B 137 29.19 -4.16 -6.60
C ASP B 137 29.13 -4.82 -5.22
N SER B 138 27.94 -5.06 -4.68
CA SER B 138 27.80 -5.76 -3.41
C SER B 138 27.62 -7.27 -3.59
N GLY B 139 27.59 -7.75 -4.83
CA GLY B 139 27.35 -9.15 -5.10
C GLY B 139 25.90 -9.53 -5.27
N GLU B 140 24.97 -8.67 -4.85
CA GLU B 140 23.56 -8.93 -5.07
C GLU B 140 23.25 -8.94 -6.56
N GLU B 141 22.27 -9.76 -6.95
CA GLU B 141 21.99 -9.96 -8.36
C GLU B 141 20.50 -10.13 -8.57
N ARG B 142 20.03 -9.71 -9.74
CA ARG B 142 18.68 -9.97 -10.20
C ARG B 142 18.76 -10.56 -11.61
N ILE B 143 17.84 -11.47 -11.90
CA ILE B 143 17.67 -12.01 -13.24
C ILE B 143 16.50 -11.29 -13.88
N MET B 144 16.74 -10.67 -15.03
CA MET B 144 15.75 -9.87 -15.72
C MET B 144 15.44 -10.52 -17.05
N ARG B 145 14.17 -10.87 -17.24
CA ARG B 145 13.71 -11.48 -18.48
C ARG B 145 13.04 -10.42 -19.35
N GLN B 146 12.58 -10.84 -20.53
CA GLN B 146 12.00 -9.90 -21.48
C GLN B 146 10.82 -9.17 -20.86
N GLY B 147 10.80 -7.84 -21.02
CA GLY B 147 9.74 -7.01 -20.50
C GLY B 147 9.98 -6.48 -19.10
N ASP B 148 11.05 -6.90 -18.44
CA ASP B 148 11.35 -6.42 -17.09
C ASP B 148 12.16 -5.12 -17.15
N VAL B 149 11.92 -4.26 -16.15
CA VAL B 149 12.46 -2.91 -16.13
C VAL B 149 13.29 -2.71 -14.87
N SER B 150 14.41 -2.01 -15.02
CA SER B 150 15.27 -1.65 -13.90
C SER B 150 15.46 -0.14 -13.88
N VAL B 151 15.60 0.41 -12.68
CA VAL B 151 15.89 1.82 -12.49
C VAL B 151 17.24 1.88 -11.79
N GLN B 152 18.28 2.23 -12.55
CA GLN B 152 19.64 2.29 -12.03
C GLN B 152 19.92 3.72 -11.57
N ARG B 153 20.29 3.88 -10.30
CA ARG B 153 20.51 5.20 -9.73
C ARG B 153 22.00 5.34 -9.40
N ALA B 154 22.77 5.69 -10.42
CA ALA B 154 24.22 5.91 -10.35
C ALA B 154 24.93 4.85 -9.52
N THR B 155 24.58 3.59 -9.72
CA THR B 155 25.15 2.49 -8.96
C THR B 155 26.18 1.73 -9.78
N ALA B 156 27.14 1.12 -9.07
CA ALA B 156 28.14 0.28 -9.70
C ALA B 156 27.52 -1.08 -10.03
N HIS B 157 27.66 -1.52 -11.28
CA HIS B 157 26.96 -2.70 -11.73
C HIS B 157 27.67 -3.29 -12.95
N LYS B 158 27.11 -4.38 -13.45
CA LYS B 158 27.56 -5.03 -14.67
C LYS B 158 26.38 -5.80 -15.25
N TRP B 159 26.39 -5.99 -16.56
CA TRP B 159 25.31 -6.71 -17.25
C TRP B 159 25.86 -8.00 -17.83
N ILE B 160 25.17 -9.10 -17.58
CA ILE B 160 25.53 -10.41 -18.07
C ILE B 160 24.41 -10.93 -18.96
N ASN B 161 24.76 -11.35 -20.17
CA ASN B 161 23.81 -12.02 -21.05
C ASN B 161 23.84 -13.51 -20.71
N ILE B 162 22.74 -14.02 -20.18
CA ILE B 162 22.62 -15.42 -19.82
C ILE B 162 21.56 -16.13 -20.66
N THR B 163 21.15 -15.50 -21.77
CA THR B 163 20.07 -16.04 -22.59
C THR B 163 20.39 -17.45 -23.06
N ASP B 164 19.46 -18.38 -22.81
CA ASP B 164 19.56 -19.77 -23.19
C ASP B 164 20.92 -20.36 -22.82
N ASN B 165 21.17 -20.41 -21.51
CA ASN B 165 22.36 -21.07 -20.96
C ASN B 165 23.64 -20.56 -21.61
N GLY B 166 23.68 -19.26 -21.87
CA GLY B 166 24.88 -18.63 -22.39
C GLY B 166 25.15 -18.82 -23.86
N THR B 167 24.14 -19.24 -24.63
CA THR B 167 24.34 -19.58 -26.04
C THR B 167 23.49 -18.74 -26.99
N ALA B 168 22.89 -17.65 -26.52
CA ALA B 168 21.98 -16.88 -27.36
C ALA B 168 22.23 -15.38 -27.19
N PRO B 169 21.99 -14.59 -28.23
CA PRO B 169 22.17 -13.15 -28.11
C PRO B 169 20.99 -12.49 -27.39
N GLY B 170 21.30 -11.37 -26.72
CA GLY B 170 20.30 -10.61 -26.02
C GLY B 170 20.38 -9.14 -26.38
N ARG B 171 19.33 -8.40 -25.99
CA ARG B 171 19.23 -7.00 -26.36
C ARG B 171 18.59 -6.21 -25.23
N MET B 172 19.27 -5.16 -24.80
CA MET B 172 18.75 -4.23 -23.80
C MET B 172 18.54 -2.86 -24.43
N MET B 173 17.74 -2.04 -23.75
CA MET B 173 17.58 -0.64 -24.13
C MET B 173 17.54 0.21 -22.86
N TRP B 174 18.37 1.24 -22.83
CA TRP B 174 18.43 2.16 -21.71
C TRP B 174 18.00 3.56 -22.14
N ILE B 175 17.55 4.33 -21.17
CA ILE B 175 17.41 5.78 -21.31
C ILE B 175 18.18 6.41 -20.17
N LEU B 176 19.25 7.14 -20.51
CA LEU B 176 20.15 7.72 -19.52
C LEU B 176 19.80 9.18 -19.31
N LEU B 177 19.59 9.56 -18.06
CA LEU B 177 19.30 10.94 -17.68
C LEU B 177 20.38 11.43 -16.73
N ASP B 178 20.64 12.74 -16.78
CA ASP B 178 21.66 13.32 -15.91
C ASP B 178 21.18 13.32 -14.46
N CYS B 179 22.13 13.25 -13.53
CA CYS B 179 21.84 13.27 -12.11
C CYS B 179 22.99 13.94 -11.38
N HIS B 180 22.68 14.54 -10.23
CA HIS B 180 23.70 15.12 -9.38
C HIS B 180 24.57 14.01 -8.79
N ASP B 181 25.82 14.37 -8.46
CA ASP B 181 26.74 13.40 -7.90
C ASP B 181 26.19 12.81 -6.60
N VAL B 182 26.35 11.50 -6.44
CA VAL B 182 25.88 10.79 -5.27
C VAL B 182 26.95 10.88 -4.20
N VAL B 183 26.58 11.39 -3.03
CA VAL B 183 27.48 11.51 -1.89
C VAL B 183 27.00 10.57 -0.79
N VAL B 184 27.89 9.68 -0.36
CA VAL B 184 27.61 8.73 0.71
C VAL B 184 28.74 8.84 1.73
N ASN B 185 28.40 9.28 2.94
CA ASN B 185 29.38 9.51 4.01
C ASN B 185 30.44 10.53 3.59
N GLY B 186 29.96 11.65 3.02
CA GLY B 186 30.84 12.75 2.66
C GLY B 186 31.81 12.43 1.53
N GLN B 187 31.62 11.29 0.89
CA GLN B 187 32.46 10.84 -0.21
C GLN B 187 31.61 10.72 -1.46
N VAL B 188 32.11 11.26 -2.57
CA VAL B 188 31.39 11.22 -3.84
C VAL B 188 31.60 9.86 -4.48
N MET B 189 30.50 9.22 -4.90
CA MET B 189 30.54 7.92 -5.56
C MET B 189 31.00 8.14 -7.00
N GLU B 190 32.32 8.14 -7.18
CA GLU B 190 32.89 8.46 -8.48
C GLU B 190 32.52 7.41 -9.52
N GLY B 191 32.22 7.88 -10.73
CA GLY B 191 32.01 6.99 -11.84
C GLY B 191 33.33 6.48 -12.40
N TYR B 192 33.28 5.27 -12.95
CA TYR B 192 34.47 4.66 -13.53
C TYR B 192 34.05 3.61 -14.54
N LEU B 193 34.87 3.44 -15.58
CA LEU B 193 34.53 2.56 -16.69
C LEU B 193 34.92 1.11 -16.44
N GLY B 194 36.06 0.86 -15.78
CA GLY B 194 36.43 -0.48 -15.38
C GLY B 194 37.19 -1.24 -16.45
N ASP B 195 37.74 -2.39 -16.03
CA ASP B 195 38.55 -3.24 -16.90
C ASP B 195 38.29 -4.69 -16.56
N LEU B 196 37.88 -5.47 -17.57
CA LEU B 196 37.65 -6.90 -17.38
C LEU B 196 38.97 -7.65 -17.22
N VAL C 13 19.26 -19.11 -0.31
CA VAL C 13 19.47 -20.46 -0.79
C VAL C 13 18.16 -21.08 -1.26
N LEU C 14 17.04 -20.58 -0.75
CA LEU C 14 15.74 -21.14 -1.09
C LEU C 14 15.34 -20.72 -2.50
N PRO C 15 14.91 -21.66 -3.34
CA PRO C 15 14.75 -21.40 -4.79
C PRO C 15 13.94 -20.15 -5.17
N GLY C 16 12.70 -20.04 -4.73
CA GLY C 16 11.86 -18.94 -5.18
C GLY C 16 11.51 -17.92 -4.13
N LEU C 17 12.46 -17.57 -3.28
CA LEU C 17 12.16 -16.77 -2.10
C LEU C 17 11.73 -15.36 -2.48
N ASN C 18 10.51 -14.99 -2.07
CA ASN C 18 9.96 -13.64 -2.26
C ASN C 18 9.80 -13.29 -3.74
N TYR C 19 9.56 -14.30 -4.57
CA TYR C 19 9.37 -14.06 -6.00
C TYR C 19 7.97 -13.57 -6.31
N VAL C 20 6.95 -14.18 -5.70
CA VAL C 20 5.56 -13.85 -5.97
C VAL C 20 5.14 -12.65 -5.13
N HIS C 21 5.34 -11.44 -5.66
CA HIS C 21 5.15 -10.22 -4.89
C HIS C 21 3.80 -9.55 -5.10
N SER C 22 2.93 -10.09 -5.97
CA SER C 22 1.61 -9.52 -6.17
C SER C 22 0.53 -10.59 -6.34
N GLY C 23 0.72 -11.75 -5.71
CA GLY C 23 -0.27 -12.81 -5.84
C GLY C 23 -0.28 -13.43 -7.23
N PHE C 24 -1.47 -13.85 -7.66
CA PHE C 24 -1.62 -14.40 -9.00
C PHE C 24 -1.84 -13.27 -10.00
N PRO C 25 -1.13 -13.26 -11.14
CA PRO C 25 -0.13 -14.25 -11.52
C PRO C 25 1.28 -13.88 -11.08
N ALA C 26 2.19 -14.86 -11.14
CA ALA C 26 3.58 -14.61 -10.75
C ALA C 26 4.28 -13.76 -11.79
N PRO C 27 5.34 -13.06 -11.41
CA PRO C 27 6.13 -12.30 -12.38
C PRO C 27 6.61 -13.18 -13.52
N GLY C 28 6.32 -12.75 -14.75
CA GLY C 28 6.72 -13.49 -15.95
C GLY C 28 5.64 -14.35 -16.56
N LEU C 29 4.49 -14.47 -15.89
CA LEU C 29 3.39 -15.29 -16.39
C LEU C 29 2.18 -14.40 -16.66
N ARG C 30 1.34 -14.84 -17.59
CA ARG C 30 0.21 -14.04 -18.03
C ARG C 30 -0.97 -14.14 -17.07
N GLN C 31 -1.70 -13.04 -16.95
CA GLN C 31 -3.01 -13.07 -16.32
C GLN C 31 -3.99 -13.83 -17.22
N ILE C 32 -4.89 -14.59 -16.61
CA ILE C 32 -5.77 -15.49 -17.35
C ILE C 32 -7.20 -14.96 -17.35
N ASN C 33 -8.03 -15.59 -18.16
CA ASN C 33 -9.47 -15.38 -18.17
C ASN C 33 -10.16 -16.68 -17.81
N ARG C 34 -11.14 -16.61 -16.91
CA ARG C 34 -11.99 -17.74 -16.57
C ARG C 34 -13.43 -17.36 -16.86
N HIS C 35 -14.05 -18.04 -17.81
CA HIS C 35 -15.43 -17.78 -18.21
C HIS C 35 -16.31 -18.90 -17.69
N ILE C 36 -17.40 -18.53 -17.02
CA ILE C 36 -18.39 -19.47 -16.52
C ILE C 36 -19.69 -19.21 -17.25
N THR C 37 -20.24 -20.25 -17.87
CA THR C 37 -21.50 -20.16 -18.58
C THR C 37 -22.65 -20.64 -17.71
N GLY C 38 -23.86 -20.27 -18.09
CA GLY C 38 -25.04 -20.66 -17.36
C GLY C 38 -26.28 -20.44 -18.20
N HIS C 39 -27.43 -20.43 -17.52
CA HIS C 39 -28.72 -20.21 -18.17
C HIS C 39 -29.42 -19.04 -17.50
N ASP C 40 -30.03 -18.18 -18.33
CA ASP C 40 -30.85 -17.09 -17.81
C ASP C 40 -32.27 -17.60 -17.61
N ASP C 41 -33.21 -16.70 -17.35
CA ASP C 41 -34.56 -17.08 -16.94
C ASP C 41 -35.43 -17.56 -18.09
N ASN C 42 -34.97 -17.44 -19.35
CA ASN C 42 -35.76 -17.91 -20.49
C ASN C 42 -35.07 -19.05 -21.22
N GLY C 43 -34.00 -19.61 -20.67
CA GLY C 43 -33.37 -20.78 -21.24
C GLY C 43 -32.23 -20.52 -22.20
N LYS C 44 -31.83 -19.27 -22.40
CA LYS C 44 -30.73 -18.96 -23.30
C LYS C 44 -29.40 -19.20 -22.57
N SER C 45 -28.47 -19.86 -23.26
CA SER C 45 -27.14 -20.05 -22.69
C SER C 45 -26.38 -18.72 -22.75
N VAL C 46 -25.92 -18.25 -21.60
CA VAL C 46 -25.29 -16.94 -21.48
C VAL C 46 -24.03 -17.06 -20.63
N PHE C 47 -23.24 -15.99 -20.62
CA PHE C 47 -22.04 -15.91 -19.82
C PHE C 47 -22.37 -15.27 -18.47
N LEU C 48 -21.92 -15.90 -17.40
CA LEU C 48 -22.17 -15.39 -16.06
C LEU C 48 -20.99 -14.65 -15.45
N SER C 49 -19.76 -14.99 -15.84
CA SER C 49 -18.59 -14.44 -15.17
C SER C 49 -17.41 -14.37 -16.13
N THR C 50 -16.54 -13.41 -15.87
CA THR C 50 -15.20 -13.36 -16.46
C THR C 50 -14.28 -12.75 -15.40
N ASP C 51 -13.32 -13.53 -14.93
CA ASP C 51 -12.50 -13.11 -13.80
C ASP C 51 -11.18 -13.86 -13.83
N HIS C 52 -10.43 -13.75 -12.74
CA HIS C 52 -9.09 -14.33 -12.62
C HIS C 52 -9.10 -15.64 -11.83
N GLY C 53 -10.25 -16.29 -11.72
CA GLY C 53 -10.35 -17.49 -10.89
C GLY C 53 -10.80 -17.17 -9.49
N ASP C 54 -10.34 -17.96 -8.52
CA ASP C 54 -10.82 -17.81 -7.15
C ASP C 54 -9.85 -18.47 -6.19
N HIS C 55 -9.97 -18.10 -4.92
CA HIS C 55 -9.29 -18.76 -3.82
C HIS C 55 -7.77 -18.80 -4.02
N HIS C 56 -7.21 -17.66 -4.39
CA HIS C 56 -5.78 -17.54 -4.58
C HIS C 56 -5.06 -17.69 -3.24
N ARG C 57 -4.04 -18.55 -3.21
CA ARG C 57 -3.26 -18.79 -2.00
C ARG C 57 -1.79 -18.76 -2.35
N ILE C 58 -1.03 -17.89 -1.66
CA ILE C 58 0.42 -17.94 -1.72
C ILE C 58 0.90 -19.22 -1.04
N MET C 59 1.91 -19.86 -1.63
CA MET C 59 2.47 -21.09 -1.08
C MET C 59 3.94 -20.88 -0.73
N GLY C 60 4.35 -21.44 0.40
CA GLY C 60 5.73 -21.30 0.85
C GLY C 60 6.04 -19.85 1.19
N GLU C 61 7.33 -19.52 1.07
CA GLU C 61 7.80 -18.15 1.32
C GLU C 61 7.68 -17.31 0.04
N LYS C 62 6.43 -17.21 -0.43
CA LYS C 62 6.11 -16.53 -1.69
C LYS C 62 6.83 -17.17 -2.87
N GLN C 63 6.98 -18.49 -2.82
CA GLN C 63 7.63 -19.25 -3.87
C GLN C 63 6.67 -19.74 -4.94
N ALA C 64 5.38 -19.68 -4.69
CA ALA C 64 4.38 -20.12 -5.67
C ALA C 64 3.03 -19.56 -5.25
N VAL C 65 2.06 -19.66 -6.15
CA VAL C 65 0.71 -19.18 -5.86
C VAL C 65 -0.28 -20.08 -6.58
N ALA C 66 -1.32 -20.48 -5.85
CA ALA C 66 -2.35 -21.36 -6.38
C ALA C 66 -3.58 -20.55 -6.78
N ASN C 67 -4.33 -21.09 -7.74
CA ASN C 67 -5.54 -20.47 -8.24
C ASN C 67 -6.55 -21.57 -8.53
N ILE C 68 -7.70 -21.52 -7.86
CA ILE C 68 -8.73 -22.54 -7.99
C ILE C 68 -9.73 -22.06 -9.04
N LEU C 69 -9.75 -22.73 -10.18
CA LEU C 69 -10.60 -22.29 -11.29
C LEU C 69 -12.02 -22.80 -11.15
N TYR C 70 -12.22 -23.99 -10.59
CA TYR C 70 -13.55 -24.49 -10.29
C TYR C 70 -13.44 -25.70 -9.38
N SER C 71 -14.59 -26.16 -8.90
CA SER C 71 -14.66 -27.35 -8.06
C SER C 71 -16.10 -27.82 -8.00
N THR C 72 -16.26 -29.14 -7.81
CA THR C 72 -17.57 -29.76 -7.63
C THR C 72 -17.50 -30.68 -6.41
N GLN C 73 -18.62 -30.79 -5.70
CA GLN C 73 -18.68 -31.56 -4.48
C GLN C 73 -19.57 -32.78 -4.59
N GLU C 74 -20.10 -33.08 -5.78
CA GLU C 74 -20.95 -34.25 -5.95
C GLU C 74 -20.84 -34.74 -7.38
N THR C 75 -21.15 -36.02 -7.57
CA THR C 75 -21.16 -36.67 -8.87
C THR C 75 -22.42 -37.50 -9.05
N PRO C 76 -23.22 -37.27 -10.11
CA PRO C 76 -23.04 -36.20 -11.10
C PRO C 76 -23.31 -34.80 -10.54
N VAL C 77 -22.71 -33.79 -11.18
CA VAL C 77 -22.76 -32.43 -10.67
C VAL C 77 -24.18 -31.88 -10.76
N GLN C 78 -24.59 -31.13 -9.73
CA GLN C 78 -25.90 -30.51 -9.67
C GLN C 78 -25.78 -29.05 -10.08
N LEU C 79 -26.41 -28.69 -11.19
CA LEU C 79 -26.28 -27.35 -11.76
C LEU C 79 -27.46 -26.44 -11.50
N ASN C 80 -28.61 -26.99 -11.10
CA ASN C 80 -29.83 -26.18 -11.03
C ASN C 80 -29.79 -25.22 -9.86
N GLY C 81 -30.38 -24.04 -10.06
CA GLY C 81 -30.26 -22.97 -9.09
C GLY C 81 -28.87 -22.41 -8.93
N ASN C 82 -27.92 -22.86 -9.75
CA ASN C 82 -26.52 -22.41 -9.70
C ASN C 82 -25.88 -22.69 -8.34
N VAL C 83 -26.29 -23.79 -7.70
CA VAL C 83 -25.73 -24.14 -6.39
C VAL C 83 -24.29 -24.62 -6.52
N ASP C 84 -23.88 -25.07 -7.70
CA ASP C 84 -22.49 -25.46 -7.90
C ASP C 84 -21.57 -24.24 -7.88
N ILE C 85 -21.96 -23.17 -8.58
CA ILE C 85 -21.22 -21.91 -8.52
C ILE C 85 -21.13 -21.42 -7.09
N ASP C 86 -22.23 -21.54 -6.34
CA ASP C 86 -22.25 -21.12 -4.94
C ASP C 86 -21.26 -21.95 -4.12
N LYS C 87 -21.30 -23.28 -4.27
CA LYS C 87 -20.39 -24.15 -3.54
C LYS C 87 -18.94 -23.89 -3.93
N ALA C 88 -18.69 -23.60 -5.21
CA ALA C 88 -17.32 -23.43 -5.68
C ALA C 88 -16.69 -22.15 -5.15
N ALA C 89 -17.50 -21.13 -4.86
CA ALA C 89 -16.97 -19.83 -4.49
C ALA C 89 -17.05 -19.51 -2.99
N LYS C 90 -17.83 -20.28 -2.21
CA LYS C 90 -18.14 -19.86 -0.86
C LYS C 90 -17.06 -20.22 0.15
N GLU C 91 -16.27 -21.27 -0.11
CA GLU C 91 -15.21 -21.67 0.79
C GLU C 91 -14.03 -22.18 -0.02
N GLU C 92 -12.83 -21.98 0.50
CA GLU C 92 -11.63 -22.49 -0.16
C GLU C 92 -11.63 -24.01 -0.06
N PRO C 93 -11.59 -24.73 -1.18
CA PRO C 93 -11.66 -26.19 -1.13
C PRO C 93 -10.41 -26.79 -0.49
N PRO C 94 -10.49 -28.03 0.00
CA PRO C 94 -9.29 -28.70 0.50
C PRO C 94 -8.44 -29.23 -0.64
N LEU C 95 -7.42 -30.04 -0.35
CA LEU C 95 -6.58 -30.59 -1.41
C LEU C 95 -7.41 -31.36 -2.42
N HIS C 96 -8.42 -32.08 -1.96
CA HIS C 96 -9.32 -32.72 -2.91
C HIS C 96 -10.67 -32.98 -2.25
N TYR C 97 -11.68 -33.16 -3.11
CA TYR C 97 -13.06 -33.36 -2.71
C TYR C 97 -13.45 -34.81 -2.94
N HIS C 98 -14.23 -35.35 -2.01
CA HIS C 98 -14.72 -36.71 -2.14
C HIS C 98 -15.94 -36.73 -3.06
N ASN C 99 -15.94 -37.66 -4.01
CA ASN C 99 -16.94 -37.71 -5.10
C ASN C 99 -16.97 -36.40 -5.87
N GLY C 100 -15.85 -35.68 -5.89
CA GLY C 100 -15.83 -34.37 -6.51
C GLY C 100 -14.64 -34.11 -7.41
N SER C 101 -14.44 -32.84 -7.77
CA SER C 101 -13.37 -32.43 -8.66
C SER C 101 -12.84 -31.07 -8.22
N ILE C 102 -11.57 -30.83 -8.50
CA ILE C 102 -10.93 -29.53 -8.28
C ILE C 102 -10.01 -29.23 -9.46
N VAL C 103 -10.17 -28.05 -10.05
CA VAL C 103 -9.24 -27.54 -11.04
C VAL C 103 -8.31 -26.58 -10.32
N ARG C 104 -7.06 -26.99 -10.13
CA ARG C 104 -6.07 -26.19 -9.42
C ARG C 104 -4.97 -25.79 -10.38
N MET C 105 -4.70 -24.49 -10.45
CA MET C 105 -3.62 -23.92 -11.23
C MET C 105 -2.55 -23.41 -10.26
N ILE C 106 -1.28 -23.62 -10.61
CA ILE C 106 -0.18 -23.24 -9.72
C ILE C 106 0.94 -22.62 -10.55
N ASP C 107 1.33 -21.39 -10.20
CA ASP C 107 2.47 -20.71 -10.80
C ASP C 107 3.70 -20.97 -9.94
N PHE C 108 4.73 -21.60 -10.51
CA PHE C 108 5.97 -21.90 -9.81
C PHE C 108 6.99 -20.81 -10.06
N ALA C 109 7.58 -20.28 -9.00
CA ALA C 109 8.72 -19.38 -9.13
C ALA C 109 9.89 -20.16 -9.73
N PRO C 110 10.97 -19.50 -10.17
CA PRO C 110 12.08 -20.26 -10.78
C PRO C 110 12.66 -21.28 -9.82
N ALA C 111 12.82 -22.50 -10.32
CA ALA C 111 13.48 -23.64 -9.66
C ALA C 111 12.71 -24.19 -8.47
N VAL C 112 11.51 -23.68 -8.18
CA VAL C 112 10.81 -24.07 -6.97
C VAL C 112 10.45 -25.55 -7.03
N GLU C 113 10.70 -26.25 -5.93
CA GLU C 113 10.43 -27.68 -5.80
C GLU C 113 9.13 -27.92 -5.04
N SER C 114 8.45 -29.00 -5.40
CA SER C 114 7.33 -29.43 -4.58
C SER C 114 7.76 -30.57 -3.68
N PRO C 115 7.26 -30.64 -2.45
CA PRO C 115 7.67 -31.73 -1.56
C PRO C 115 7.19 -33.06 -2.08
N LEU C 116 7.96 -34.11 -1.80
CA LEU C 116 7.54 -35.47 -2.12
C LEU C 116 6.30 -35.82 -1.31
N HIS C 117 5.19 -36.05 -2.00
CA HIS C 117 3.92 -36.27 -1.32
C HIS C 117 3.07 -37.24 -2.13
N ARG C 118 2.01 -37.73 -1.49
CA ARG C 118 1.03 -38.59 -2.13
C ARG C 118 -0.36 -38.18 -1.68
N ALA C 119 -1.27 -38.04 -2.63
CA ALA C 119 -2.68 -37.79 -2.35
C ALA C 119 -3.48 -38.94 -2.95
N VAL C 120 -4.49 -39.41 -2.20
CA VAL C 120 -5.35 -40.46 -2.74
C VAL C 120 -6.30 -39.76 -3.72
N SER C 121 -5.90 -39.75 -4.98
CA SER C 121 -6.54 -38.93 -6.00
C SER C 121 -5.94 -39.30 -7.35
N ILE C 122 -6.76 -39.29 -8.39
CA ILE C 122 -6.27 -39.35 -9.76
C ILE C 122 -6.22 -37.92 -10.31
N ASP C 123 -5.05 -37.52 -10.80
CA ASP C 123 -4.81 -36.14 -11.21
C ASP C 123 -4.47 -36.12 -12.69
N TYR C 124 -5.25 -35.37 -13.46
CA TYR C 124 -4.86 -35.00 -14.81
C TYR C 124 -4.08 -33.69 -14.74
N GLY C 125 -2.83 -33.73 -15.16
CA GLY C 125 -1.96 -32.56 -15.12
C GLY C 125 -1.52 -32.18 -16.52
N ILE C 126 -1.51 -30.88 -16.78
CA ILE C 126 -1.05 -30.37 -18.07
C ILE C 126 -0.16 -29.16 -17.82
N VAL C 127 1.05 -29.18 -18.39
CA VAL C 127 1.92 -28.02 -18.33
C VAL C 127 1.29 -26.90 -19.15
N VAL C 128 0.97 -25.80 -18.49
CA VAL C 128 0.44 -24.65 -19.20
C VAL C 128 1.56 -23.74 -19.70
N GLU C 129 2.67 -23.66 -18.98
CA GLU C 129 3.78 -22.78 -19.32
C GLU C 129 5.04 -23.30 -18.67
N GLY C 130 6.12 -23.41 -19.42
CA GLY C 130 7.41 -23.82 -18.88
C GLY C 130 7.70 -25.29 -19.10
N VAL C 131 8.69 -25.77 -18.34
CA VAL C 131 9.17 -27.15 -18.40
C VAL C 131 9.30 -27.67 -16.99
N PHE C 132 8.63 -28.78 -16.69
CA PHE C 132 8.64 -29.37 -15.37
C PHE C 132 9.28 -30.75 -15.41
N LYS C 133 9.77 -31.18 -14.24
CA LYS C 133 10.31 -32.51 -14.04
C LYS C 133 9.43 -33.24 -13.03
N LEU C 134 8.95 -34.42 -13.41
CA LEU C 134 8.05 -35.21 -12.57
C LEU C 134 8.83 -36.39 -12.00
N VAL C 135 9.18 -36.30 -10.73
CA VAL C 135 9.96 -37.33 -10.03
C VAL C 135 9.02 -38.12 -9.12
N LEU C 136 9.03 -39.44 -9.28
CA LEU C 136 8.26 -40.33 -8.42
C LEU C 136 9.15 -40.91 -7.33
N ASP C 137 8.51 -41.53 -6.33
CA ASP C 137 9.24 -41.98 -5.15
C ASP C 137 10.24 -43.08 -5.44
N SER C 138 10.20 -43.68 -6.62
CA SER C 138 11.13 -44.74 -7.01
C SER C 138 12.34 -44.21 -7.75
N GLY C 139 12.46 -42.90 -7.92
CA GLY C 139 13.58 -42.28 -8.58
C GLY C 139 13.36 -41.97 -10.05
N GLU C 140 12.45 -42.70 -10.71
CA GLU C 140 12.20 -42.46 -12.12
C GLU C 140 11.59 -41.09 -12.33
N GLU C 141 11.84 -40.53 -13.52
CA GLU C 141 11.39 -39.18 -13.82
C GLU C 141 11.09 -39.05 -15.30
N ARG C 142 10.25 -38.06 -15.61
CA ARG C 142 9.96 -37.66 -16.98
C ARG C 142 9.92 -36.15 -17.05
N ILE C 143 10.49 -35.58 -18.11
CA ILE C 143 10.49 -34.14 -18.33
C ILE C 143 9.27 -33.79 -19.17
N MET C 144 8.50 -32.80 -18.72
CA MET C 144 7.23 -32.44 -19.33
C MET C 144 7.30 -31.00 -19.83
N ARG C 145 7.19 -30.84 -21.14
CA ARG C 145 7.14 -29.52 -21.76
C ARG C 145 5.69 -29.09 -21.94
N GLN C 146 5.50 -27.86 -22.39
CA GLN C 146 4.15 -27.30 -22.54
C GLN C 146 3.28 -28.20 -23.41
N GLY C 147 2.07 -28.46 -22.94
CA GLY C 147 1.12 -29.28 -23.67
C GLY C 147 1.18 -30.76 -23.36
N ASP C 148 2.21 -31.21 -22.66
CA ASP C 148 2.28 -32.61 -22.26
C ASP C 148 1.29 -32.88 -21.12
N VAL C 149 0.81 -34.11 -21.06
CA VAL C 149 -0.29 -34.49 -20.16
C VAL C 149 0.16 -35.66 -19.30
N SER C 150 -0.12 -35.58 -18.00
CA SER C 150 0.20 -36.65 -17.06
C SER C 150 -1.05 -37.12 -16.35
N VAL C 151 -1.10 -38.42 -16.08
CA VAL C 151 -2.16 -39.04 -15.30
C VAL C 151 -1.53 -39.59 -14.03
N GLN C 152 -1.72 -38.89 -12.92
CA GLN C 152 -1.16 -39.29 -11.63
C GLN C 152 -2.19 -40.15 -10.91
N ARG C 153 -1.91 -41.46 -10.79
CA ARG C 153 -2.83 -42.40 -10.17
C ARG C 153 -2.38 -42.68 -8.74
N ALA C 154 -2.69 -41.72 -7.85
CA ALA C 154 -2.48 -41.84 -6.41
C ALA C 154 -1.03 -42.18 -6.05
N THR C 155 -0.09 -41.82 -6.93
CA THR C 155 1.30 -42.15 -6.73
C THR C 155 2.02 -41.05 -5.95
N ALA C 156 3.11 -41.43 -5.29
CA ALA C 156 3.94 -40.47 -4.57
C ALA C 156 4.92 -39.81 -5.53
N HIS C 157 4.98 -38.49 -5.50
CA HIS C 157 5.69 -37.75 -6.55
C HIS C 157 6.11 -36.39 -6.03
N LYS C 158 6.94 -35.72 -6.82
CA LYS C 158 7.24 -34.31 -6.65
C LYS C 158 7.30 -33.64 -8.02
N TRP C 159 7.05 -32.34 -8.03
CA TRP C 159 7.17 -31.52 -9.24
C TRP C 159 8.31 -30.54 -9.06
N ILE C 160 9.23 -30.52 -10.01
CA ILE C 160 10.33 -29.56 -10.03
C ILE C 160 10.17 -28.67 -11.25
N ASN C 161 10.08 -27.36 -11.04
CA ASN C 161 10.08 -26.41 -12.13
C ASN C 161 11.52 -26.18 -12.60
N ILE C 162 11.81 -26.56 -13.83
CA ILE C 162 13.16 -26.48 -14.38
C ILE C 162 13.23 -25.55 -15.58
N THR C 163 12.24 -24.67 -15.73
CA THR C 163 12.13 -23.83 -16.92
C THR C 163 13.36 -22.95 -17.09
N ASP C 164 13.97 -23.03 -18.28
CA ASP C 164 15.13 -22.23 -18.65
C ASP C 164 16.27 -22.39 -17.63
N ASN C 165 16.58 -23.66 -17.33
CA ASN C 165 17.64 -24.00 -16.38
C ASN C 165 17.43 -23.30 -15.04
N GLY C 166 16.18 -23.29 -14.58
CA GLY C 166 15.85 -22.84 -13.24
C GLY C 166 15.76 -21.35 -13.04
N THR C 167 15.67 -20.56 -14.11
CA THR C 167 15.63 -19.11 -13.98
C THR C 167 14.33 -18.49 -14.51
N ALA C 168 13.36 -19.30 -14.87
CA ALA C 168 12.08 -18.84 -15.38
C ALA C 168 10.95 -19.45 -14.58
N PRO C 169 9.78 -18.80 -14.55
CA PRO C 169 8.61 -19.40 -13.90
C PRO C 169 7.88 -20.35 -14.85
N GLY C 170 7.07 -21.21 -14.24
CA GLY C 170 6.25 -22.14 -14.99
C GLY C 170 4.88 -22.26 -14.34
N ARG C 171 3.93 -22.80 -15.12
CA ARG C 171 2.56 -22.90 -14.67
C ARG C 171 1.97 -24.26 -15.03
N MET C 172 1.44 -24.95 -14.03
CA MET C 172 0.75 -26.21 -14.21
C MET C 172 -0.74 -26.06 -13.88
N MET C 173 -1.56 -26.89 -14.50
CA MET C 173 -2.96 -27.02 -14.13
C MET C 173 -3.26 -28.49 -13.87
N TRP C 174 -3.94 -28.77 -12.75
CA TRP C 174 -4.37 -30.11 -12.41
C TRP C 174 -5.88 -30.15 -12.25
N ILE C 175 -6.47 -31.28 -12.64
CA ILE C 175 -7.84 -31.62 -12.29
C ILE C 175 -7.77 -32.86 -11.40
N LEU C 176 -8.11 -32.69 -10.13
CA LEU C 176 -8.02 -33.76 -9.15
C LEU C 176 -9.40 -34.39 -8.97
N LEU C 177 -9.48 -35.69 -9.21
CA LEU C 177 -10.70 -36.47 -8.99
C LEU C 177 -10.50 -37.42 -7.83
N ASP C 178 -11.61 -37.87 -7.25
CA ASP C 178 -11.56 -38.79 -6.12
C ASP C 178 -11.35 -40.22 -6.60
N CYS C 179 -10.61 -40.98 -5.81
CA CYS C 179 -10.31 -42.37 -6.10
C CYS C 179 -10.53 -43.22 -4.85
N HIS C 180 -10.70 -44.52 -5.06
CA HIS C 180 -10.67 -45.45 -3.95
C HIS C 180 -9.23 -45.70 -3.52
N ASP C 181 -9.07 -46.09 -2.27
CA ASP C 181 -7.74 -46.24 -1.70
C ASP C 181 -6.97 -47.35 -2.40
N VAL C 182 -5.69 -47.09 -2.64
CA VAL C 182 -4.83 -48.00 -3.40
C VAL C 182 -4.23 -49.03 -2.46
N VAL C 183 -4.42 -50.30 -2.79
CA VAL C 183 -3.89 -51.41 -2.01
C VAL C 183 -2.98 -52.23 -2.92
N VAL C 184 -1.74 -52.43 -2.49
CA VAL C 184 -0.79 -53.29 -3.20
C VAL C 184 -0.17 -54.24 -2.17
N ASN C 185 -0.31 -55.54 -2.43
CA ASN C 185 0.20 -56.59 -1.53
C ASN C 185 -0.40 -56.46 -0.13
N GLY C 186 -1.68 -56.10 -0.07
CA GLY C 186 -2.41 -56.03 1.18
C GLY C 186 -2.18 -54.78 2.00
N GLN C 187 -1.31 -53.88 1.56
CA GLN C 187 -1.02 -52.64 2.29
C GLN C 187 -1.71 -51.47 1.60
N VAL C 188 -2.37 -50.64 2.39
CA VAL C 188 -3.01 -49.44 1.88
C VAL C 188 -1.97 -48.34 1.77
N MET C 189 -1.80 -47.80 0.55
CA MET C 189 -0.81 -46.75 0.31
C MET C 189 -1.33 -45.44 0.90
N GLU C 190 -0.78 -45.05 2.04
CA GLU C 190 -1.25 -43.88 2.76
C GLU C 190 -0.76 -42.60 2.10
N GLY C 191 -1.55 -41.53 2.24
CA GLY C 191 -1.13 -40.24 1.78
C GLY C 191 -0.34 -39.47 2.82
N TYR C 192 0.42 -38.48 2.35
CA TYR C 192 1.18 -37.63 3.24
C TYR C 192 1.51 -36.33 2.51
N LEU C 193 1.94 -35.33 3.28
CA LEU C 193 2.19 -33.99 2.75
C LEU C 193 3.65 -33.58 2.87
N GLY C 194 4.55 -34.53 3.12
CA GLY C 194 5.97 -34.27 3.16
C GLY C 194 6.41 -33.18 4.12
N VAL D 13 -17.63 -23.54 -49.59
CA VAL D 13 -16.36 -24.23 -49.40
C VAL D 13 -16.17 -24.56 -47.92
N LEU D 14 -15.77 -25.80 -47.64
CA LEU D 14 -15.64 -26.25 -46.27
C LEU D 14 -14.39 -25.65 -45.63
N PRO D 15 -14.47 -25.20 -44.37
CA PRO D 15 -13.31 -24.54 -43.74
C PRO D 15 -12.04 -25.36 -43.70
N GLY D 16 -12.12 -26.66 -43.46
CA GLY D 16 -10.89 -27.42 -43.26
C GLY D 16 -10.74 -28.71 -44.05
N LEU D 17 -11.38 -28.79 -45.22
CA LEU D 17 -11.42 -30.02 -46.01
C LEU D 17 -10.03 -30.59 -46.23
N ASN D 18 -9.85 -31.84 -45.81
CA ASN D 18 -8.65 -32.64 -46.10
C ASN D 18 -7.38 -32.00 -45.54
N TYR D 19 -7.49 -31.26 -44.44
CA TYR D 19 -6.31 -30.66 -43.83
C TYR D 19 -5.55 -31.68 -42.99
N VAL D 20 -6.26 -32.46 -42.18
CA VAL D 20 -5.63 -33.45 -41.31
C VAL D 20 -5.37 -34.70 -42.16
N HIS D 21 -4.15 -34.83 -42.68
CA HIS D 21 -3.83 -35.90 -43.61
C HIS D 21 -3.10 -37.07 -42.96
N SER D 22 -2.73 -36.96 -41.67
CA SER D 22 -1.97 -38.03 -41.03
C SER D 22 -2.44 -38.29 -39.60
N GLY D 23 -3.74 -38.10 -39.34
CA GLY D 23 -4.26 -38.37 -38.00
C GLY D 23 -3.76 -37.34 -37.00
N PHE D 24 -3.41 -37.83 -35.81
CA PHE D 24 -2.91 -36.96 -34.74
C PHE D 24 -1.40 -37.03 -34.68
N PRO D 25 -0.69 -35.90 -34.64
CA PRO D 25 -1.24 -34.55 -34.59
C PRO D 25 -1.61 -33.97 -35.95
N ALA D 26 -2.36 -32.88 -35.95
CA ALA D 26 -2.66 -32.15 -37.17
C ALA D 26 -1.44 -31.36 -37.62
N PRO D 27 -1.34 -31.05 -38.91
CA PRO D 27 -0.20 -30.26 -39.39
C PRO D 27 -0.15 -28.89 -38.72
N GLY D 28 1.04 -28.52 -38.24
CA GLY D 28 1.23 -27.29 -37.52
C GLY D 28 1.14 -27.41 -36.02
N LEU D 29 0.78 -28.58 -35.50
CA LEU D 29 0.65 -28.79 -34.06
C LEU D 29 1.60 -29.89 -33.62
N ARG D 30 2.03 -29.81 -32.36
CA ARG D 30 3.09 -30.67 -31.86
C ARG D 30 2.53 -32.01 -31.39
N GLN D 31 3.30 -33.07 -31.61
CA GLN D 31 3.03 -34.35 -30.99
C GLN D 31 3.23 -34.23 -29.48
N ILE D 32 2.40 -34.95 -28.73
CA ILE D 32 2.36 -34.84 -27.28
C ILE D 32 3.01 -36.05 -26.64
N ASN D 33 3.23 -35.96 -25.33
CA ASN D 33 3.59 -37.08 -24.49
C ASN D 33 2.51 -37.23 -23.42
N ARG D 34 1.94 -38.43 -23.30
CA ARG D 34 1.02 -38.76 -22.23
C ARG D 34 1.71 -39.73 -21.28
N HIS D 35 1.84 -39.33 -20.02
CA HIS D 35 2.48 -40.15 -19.00
C HIS D 35 1.44 -40.66 -18.02
N ILE D 36 1.44 -41.96 -17.77
CA ILE D 36 0.52 -42.60 -16.84
C ILE D 36 1.34 -43.24 -15.73
N THR D 37 1.07 -42.84 -14.49
CA THR D 37 1.78 -43.35 -13.33
C THR D 37 1.03 -44.53 -12.71
N GLY D 38 1.77 -45.37 -11.99
CA GLY D 38 1.19 -46.53 -11.34
C GLY D 38 2.14 -47.08 -10.31
N HIS D 39 1.74 -48.22 -9.72
CA HIS D 39 2.50 -48.87 -8.65
C HIS D 39 3.00 -50.24 -9.11
N ASP D 40 4.23 -50.57 -8.68
CA ASP D 40 4.96 -51.77 -9.08
C ASP D 40 4.91 -52.85 -8.00
N ASP D 41 5.84 -53.82 -8.10
CA ASP D 41 5.93 -54.92 -7.14
C ASP D 41 5.70 -54.46 -5.72
N ASN D 42 6.64 -53.64 -5.22
CA ASN D 42 6.77 -53.35 -3.79
C ASN D 42 6.23 -51.97 -3.43
N GLY D 43 5.21 -51.52 -4.14
CA GLY D 43 4.62 -50.22 -3.85
C GLY D 43 5.44 -49.02 -4.27
N LYS D 44 6.45 -49.21 -5.11
CA LYS D 44 7.14 -48.06 -5.69
C LYS D 44 6.28 -47.46 -6.79
N SER D 45 6.13 -46.14 -6.75
CA SER D 45 5.43 -45.44 -7.81
C SER D 45 6.32 -45.34 -9.04
N VAL D 46 5.81 -45.84 -10.17
CA VAL D 46 6.58 -45.91 -11.40
C VAL D 46 5.73 -45.39 -12.56
N PHE D 47 6.39 -45.14 -13.69
CA PHE D 47 5.70 -44.80 -14.92
C PHE D 47 5.31 -46.08 -15.65
N LEU D 48 4.07 -46.11 -16.15
CA LEU D 48 3.54 -47.29 -16.83
C LEU D 48 3.49 -47.15 -18.34
N SER D 49 3.17 -45.96 -18.84
CA SER D 49 3.01 -45.75 -20.26
C SER D 49 3.40 -44.31 -20.61
N THR D 50 4.16 -44.18 -21.70
CA THR D 50 4.36 -42.90 -22.36
C THR D 50 4.06 -43.11 -23.83
N ASP D 51 2.95 -42.55 -24.29
CA ASP D 51 2.48 -42.76 -25.65
C ASP D 51 1.89 -41.46 -26.17
N HIS D 52 1.30 -41.53 -27.36
CA HIS D 52 0.68 -40.39 -28.02
C HIS D 52 -0.80 -40.22 -27.66
N GLY D 53 -1.27 -40.92 -26.65
CA GLY D 53 -2.68 -40.94 -26.32
C GLY D 53 -3.37 -42.20 -26.80
N ASP D 54 -4.68 -42.09 -26.99
CA ASP D 54 -5.46 -43.25 -27.42
C ASP D 54 -6.72 -42.79 -28.13
N HIS D 55 -7.26 -43.69 -28.96
CA HIS D 55 -8.57 -43.53 -29.59
C HIS D 55 -8.62 -42.28 -30.47
N HIS D 56 -7.68 -42.20 -31.42
CA HIS D 56 -7.71 -41.14 -32.41
C HIS D 56 -8.97 -41.27 -33.26
N ARG D 57 -9.65 -40.16 -33.48
CA ARG D 57 -10.85 -40.14 -34.31
C ARG D 57 -10.82 -38.93 -35.23
N ILE D 58 -10.75 -39.18 -36.53
CA ILE D 58 -10.93 -38.11 -37.51
C ILE D 58 -12.38 -37.65 -37.47
N MET D 59 -12.57 -36.35 -37.35
CA MET D 59 -13.90 -35.77 -37.36
C MET D 59 -14.09 -34.94 -38.63
N GLY D 60 -15.34 -34.85 -39.07
CA GLY D 60 -15.63 -34.14 -40.30
C GLY D 60 -14.96 -34.79 -41.51
N GLU D 61 -14.73 -33.97 -42.53
CA GLU D 61 -14.01 -34.40 -43.73
C GLU D 61 -12.52 -34.12 -43.56
N LYS D 62 -11.92 -34.84 -42.62
CA LYS D 62 -10.53 -34.60 -42.21
C LYS D 62 -10.34 -33.15 -41.76
N GLN D 63 -11.36 -32.60 -41.10
CA GLN D 63 -11.31 -31.23 -40.60
C GLN D 63 -10.83 -31.13 -39.16
N ALA D 64 -10.71 -32.26 -38.47
CA ALA D 64 -10.30 -32.27 -37.07
C ALA D 64 -9.93 -33.68 -36.68
N VAL D 65 -9.08 -33.80 -35.66
CA VAL D 65 -8.71 -35.07 -35.07
C VAL D 65 -8.85 -34.96 -33.55
N ALA D 66 -9.47 -35.97 -32.95
CA ALA D 66 -9.70 -36.00 -31.50
C ALA D 66 -8.81 -37.04 -30.85
N ASN D 67 -8.35 -36.74 -29.65
CA ASN D 67 -7.44 -37.59 -28.90
C ASN D 67 -7.98 -37.76 -27.50
N ILE D 68 -8.27 -39.01 -27.11
CA ILE D 68 -8.75 -39.33 -25.78
C ILE D 68 -7.53 -39.61 -24.90
N LEU D 69 -7.22 -38.66 -24.02
CA LEU D 69 -6.07 -38.81 -23.14
C LEU D 69 -6.36 -39.76 -21.99
N TYR D 70 -7.58 -39.76 -21.47
CA TYR D 70 -7.96 -40.68 -20.41
C TYR D 70 -9.47 -40.62 -20.20
N SER D 71 -9.97 -41.57 -19.42
CA SER D 71 -11.37 -41.62 -19.06
C SER D 71 -11.55 -42.49 -17.83
N THR D 72 -12.61 -42.21 -17.09
CA THR D 72 -13.03 -43.03 -15.96
C THR D 72 -14.53 -43.22 -16.07
N GLN D 73 -15.02 -44.35 -15.57
CA GLN D 73 -16.43 -44.70 -15.71
C GLN D 73 -17.14 -44.82 -14.36
N GLU D 74 -16.53 -44.37 -13.27
CA GLU D 74 -17.13 -44.50 -11.96
C GLU D 74 -16.52 -43.45 -11.03
N THR D 75 -17.26 -43.13 -9.97
CA THR D 75 -16.79 -42.20 -8.95
C THR D 75 -17.06 -42.79 -7.58
N PRO D 76 -16.06 -42.89 -6.70
CA PRO D 76 -14.63 -42.63 -6.97
C PRO D 76 -14.03 -43.60 -7.99
N VAL D 77 -12.80 -43.35 -8.40
CA VAL D 77 -12.13 -44.12 -9.44
C VAL D 77 -11.47 -45.34 -8.81
N GLN D 78 -11.68 -46.50 -9.42
CA GLN D 78 -11.07 -47.74 -8.96
C GLN D 78 -9.77 -47.96 -9.72
N LEU D 79 -8.64 -47.93 -8.98
CA LEU D 79 -7.33 -48.07 -9.59
C LEU D 79 -6.65 -49.40 -9.31
N ASN D 80 -7.15 -50.19 -8.35
CA ASN D 80 -6.49 -51.43 -7.98
C ASN D 80 -6.55 -52.43 -9.12
N GLY D 81 -5.44 -53.12 -9.35
CA GLY D 81 -5.34 -54.02 -10.48
C GLY D 81 -5.34 -53.35 -11.84
N ASN D 82 -5.20 -52.02 -11.86
CA ASN D 82 -5.14 -51.24 -13.11
C ASN D 82 -6.38 -51.46 -13.97
N VAL D 83 -7.56 -51.43 -13.33
CA VAL D 83 -8.79 -51.65 -14.07
C VAL D 83 -9.22 -50.39 -14.80
N ASP D 84 -9.02 -49.22 -14.20
CA ASP D 84 -9.30 -47.96 -14.89
C ASP D 84 -8.44 -47.83 -16.15
N ILE D 85 -7.22 -48.36 -16.12
CA ILE D 85 -6.37 -48.34 -17.31
C ILE D 85 -6.96 -49.23 -18.40
N ASP D 86 -7.41 -50.43 -18.02
CA ASP D 86 -7.96 -51.36 -19.01
C ASP D 86 -9.25 -50.82 -19.61
N LYS D 87 -10.15 -50.30 -18.77
CA LYS D 87 -11.39 -49.73 -19.27
C LYS D 87 -11.11 -48.54 -20.19
N ALA D 88 -10.16 -47.69 -19.81
CA ALA D 88 -9.83 -46.52 -20.62
C ALA D 88 -9.22 -46.88 -21.96
N ALA D 89 -8.60 -48.06 -22.08
CA ALA D 89 -7.95 -48.45 -23.32
C ALA D 89 -8.74 -49.46 -24.14
N LYS D 90 -9.70 -50.18 -23.54
CA LYS D 90 -10.34 -51.29 -24.22
C LYS D 90 -11.42 -50.85 -25.20
N GLU D 91 -12.03 -49.68 -24.99
CA GLU D 91 -13.10 -49.24 -25.87
C GLU D 91 -13.08 -47.73 -25.98
N GLU D 92 -13.30 -47.23 -27.20
CA GLU D 92 -13.36 -45.79 -27.44
C GLU D 92 -14.55 -45.21 -26.69
N PRO D 93 -14.34 -44.22 -25.82
CA PRO D 93 -15.44 -43.69 -25.02
C PRO D 93 -16.46 -42.97 -25.88
N PRO D 94 -17.71 -42.87 -25.40
CA PRO D 94 -18.71 -42.04 -26.06
C PRO D 94 -18.47 -40.56 -25.79
N LEU D 95 -19.44 -39.71 -26.15
CA LEU D 95 -19.33 -38.27 -25.89
C LEU D 95 -19.00 -37.98 -24.43
N HIS D 96 -19.75 -38.58 -23.51
CA HIS D 96 -19.44 -38.43 -22.09
C HIS D 96 -19.92 -39.66 -21.32
N TYR D 97 -19.26 -39.87 -20.17
CA TYR D 97 -19.48 -41.04 -19.32
C TYR D 97 -20.33 -40.65 -18.13
N HIS D 98 -21.38 -41.41 -17.88
CA HIS D 98 -22.20 -41.20 -16.70
C HIS D 98 -21.45 -41.66 -15.45
N ASN D 99 -21.38 -40.77 -14.45
CA ASN D 99 -20.59 -40.96 -13.24
C ASN D 99 -19.11 -41.04 -13.53
N GLY D 100 -18.66 -40.50 -14.66
CA GLY D 100 -17.26 -40.62 -15.02
C GLY D 100 -16.61 -39.34 -15.50
N SER D 101 -15.50 -39.47 -16.22
CA SER D 101 -14.78 -38.35 -16.78
C SER D 101 -14.19 -38.75 -18.12
N ILE D 102 -13.95 -37.76 -18.98
CA ILE D 102 -13.22 -37.95 -20.22
C ILE D 102 -12.27 -36.78 -20.38
N VAL D 103 -11.02 -37.08 -20.72
CA VAL D 103 -10.04 -36.07 -21.10
C VAL D 103 -9.86 -36.19 -22.61
N ARG D 104 -10.48 -35.27 -23.34
CA ARG D 104 -10.53 -35.32 -24.80
C ARG D 104 -9.87 -34.07 -25.37
N MET D 105 -8.85 -34.29 -26.20
CA MET D 105 -8.10 -33.23 -26.85
C MET D 105 -8.40 -33.25 -28.35
N ILE D 106 -8.71 -32.08 -28.91
CA ILE D 106 -9.13 -31.97 -30.30
C ILE D 106 -8.28 -30.95 -31.01
N ASP D 107 -7.81 -31.30 -32.21
CA ASP D 107 -7.11 -30.37 -33.08
C ASP D 107 -8.05 -29.88 -34.18
N PHE D 108 -8.12 -28.57 -34.36
CA PHE D 108 -8.99 -27.97 -35.35
C PHE D 108 -8.16 -27.55 -36.55
N ALA D 109 -8.64 -27.89 -37.76
CA ALA D 109 -8.06 -27.32 -38.96
C ALA D 109 -8.36 -25.83 -39.01
N PRO D 110 -7.67 -25.07 -39.86
CA PRO D 110 -7.93 -23.63 -39.95
C PRO D 110 -9.39 -23.31 -40.18
N ALA D 111 -9.91 -22.36 -39.39
CA ALA D 111 -11.25 -21.79 -39.54
C ALA D 111 -12.36 -22.82 -39.30
N VAL D 112 -12.00 -24.04 -38.91
CA VAL D 112 -13.00 -25.07 -38.64
C VAL D 112 -13.79 -24.68 -37.39
N GLU D 113 -15.09 -24.99 -37.39
CA GLU D 113 -15.94 -24.68 -36.26
C GLU D 113 -16.94 -25.81 -36.03
N SER D 114 -17.26 -26.01 -34.75
CA SER D 114 -18.21 -27.04 -34.35
C SER D 114 -19.64 -26.62 -34.69
N PRO D 115 -20.56 -27.57 -34.75
CA PRO D 115 -21.97 -27.20 -34.86
C PRO D 115 -22.53 -26.80 -33.51
N LEU D 116 -23.54 -25.94 -33.55
CA LEU D 116 -24.18 -25.46 -32.32
C LEU D 116 -24.84 -26.63 -31.60
N HIS D 117 -24.24 -27.07 -30.50
CA HIS D 117 -24.67 -28.28 -29.82
C HIS D 117 -24.77 -28.04 -28.32
N ARG D 118 -25.46 -28.95 -27.65
CA ARG D 118 -25.51 -28.99 -26.19
C ARG D 118 -25.21 -30.40 -25.72
N ALA D 119 -24.42 -30.51 -24.66
CA ALA D 119 -24.19 -31.77 -23.97
C ALA D 119 -24.66 -31.62 -22.54
N VAL D 120 -25.21 -32.68 -21.97
CA VAL D 120 -25.59 -32.61 -20.57
C VAL D 120 -24.31 -32.96 -19.79
N SER D 121 -23.48 -31.95 -19.59
CA SER D 121 -22.10 -32.14 -19.17
C SER D 121 -21.60 -30.83 -18.61
N ILE D 122 -20.76 -30.91 -17.58
CA ILE D 122 -19.97 -29.78 -17.13
C ILE D 122 -18.55 -30.03 -17.64
N ASP D 123 -18.09 -29.17 -18.54
CA ASP D 123 -16.82 -29.34 -19.23
C ASP D 123 -15.87 -28.23 -18.84
N TYR D 124 -14.69 -28.62 -18.35
CA TYR D 124 -13.58 -27.70 -18.17
C TYR D 124 -12.75 -27.69 -19.44
N GLY D 125 -12.60 -26.53 -20.05
CA GLY D 125 -11.84 -26.39 -21.30
C GLY D 125 -10.69 -25.42 -21.13
N ILE D 126 -9.54 -25.80 -21.67
CA ILE D 126 -8.36 -24.94 -21.69
C ILE D 126 -7.81 -24.92 -23.11
N VAL D 127 -7.51 -23.72 -23.60
CA VAL D 127 -6.88 -23.58 -24.91
C VAL D 127 -5.41 -23.95 -24.80
N VAL D 128 -5.01 -25.01 -25.50
CA VAL D 128 -3.63 -25.48 -25.44
C VAL D 128 -2.75 -24.73 -26.44
N GLU D 129 -3.27 -24.45 -27.62
CA GLU D 129 -2.52 -23.74 -28.65
C GLU D 129 -3.50 -23.12 -29.63
N GLY D 130 -3.38 -21.82 -29.86
CA GLY D 130 -4.21 -21.14 -30.83
C GLY D 130 -5.12 -20.08 -30.23
N VAL D 131 -6.18 -19.73 -30.95
CA VAL D 131 -7.18 -18.79 -30.48
C VAL D 131 -8.56 -19.31 -30.88
N PHE D 132 -9.51 -19.27 -29.95
CA PHE D 132 -10.84 -19.82 -30.19
C PHE D 132 -11.92 -18.82 -29.77
N LYS D 133 -13.03 -18.87 -30.48
CA LYS D 133 -14.23 -18.11 -30.14
C LYS D 133 -15.29 -19.08 -29.64
N LEU D 134 -15.80 -18.82 -28.44
CA LEU D 134 -16.86 -19.63 -27.84
C LEU D 134 -18.16 -18.82 -27.93
N VAL D 135 -19.07 -19.25 -28.78
CA VAL D 135 -20.34 -18.57 -29.02
C VAL D 135 -21.45 -19.41 -28.42
N LEU D 136 -22.33 -18.78 -27.65
CA LEU D 136 -23.49 -19.44 -27.08
C LEU D 136 -24.72 -19.16 -27.94
N ASP D 137 -25.79 -19.92 -27.69
CA ASP D 137 -27.00 -19.77 -28.47
C ASP D 137 -27.69 -18.43 -28.24
N SER D 138 -27.20 -17.63 -27.29
CA SER D 138 -27.70 -16.28 -27.09
C SER D 138 -27.10 -15.29 -28.08
N GLY D 139 -25.98 -15.64 -28.70
CA GLY D 139 -25.20 -14.74 -29.49
C GLY D 139 -23.99 -14.19 -28.76
N GLU D 140 -24.04 -14.15 -27.43
CA GLU D 140 -22.89 -13.77 -26.63
C GLU D 140 -21.68 -14.65 -26.97
N GLU D 141 -20.50 -14.05 -26.91
CA GLU D 141 -19.29 -14.78 -27.30
C GLU D 141 -18.09 -14.22 -26.54
N ARG D 142 -17.04 -15.03 -26.49
CA ARG D 142 -15.79 -14.66 -25.84
C ARG D 142 -14.64 -15.28 -26.62
N ILE D 143 -13.57 -14.52 -26.80
CA ILE D 143 -12.38 -15.01 -27.47
C ILE D 143 -11.43 -15.57 -26.41
N MET D 144 -11.04 -16.82 -26.58
CA MET D 144 -10.16 -17.51 -25.64
C MET D 144 -8.82 -17.76 -26.30
N ARG D 145 -7.75 -17.33 -25.64
CA ARG D 145 -6.38 -17.53 -26.08
C ARG D 145 -5.72 -18.60 -25.21
N GLN D 146 -4.43 -18.82 -25.46
CA GLN D 146 -3.71 -19.87 -24.73
C GLN D 146 -3.77 -19.62 -23.23
N GLY D 147 -3.88 -20.71 -22.47
CA GLY D 147 -3.98 -20.63 -21.03
C GLY D 147 -5.33 -20.25 -20.49
N ASP D 148 -6.22 -19.70 -21.31
CA ASP D 148 -7.55 -19.31 -20.84
C ASP D 148 -8.41 -20.54 -20.59
N VAL D 149 -9.35 -20.42 -19.67
CA VAL D 149 -10.06 -21.57 -19.12
C VAL D 149 -11.57 -21.32 -19.18
N SER D 150 -12.31 -22.34 -19.59
CA SER D 150 -13.76 -22.26 -19.72
C SER D 150 -14.41 -23.31 -18.84
N VAL D 151 -15.54 -22.94 -18.25
CA VAL D 151 -16.38 -23.87 -17.49
C VAL D 151 -17.75 -23.86 -18.16
N GLN D 152 -17.99 -24.83 -19.04
CA GLN D 152 -19.24 -24.96 -19.79
C GLN D 152 -20.23 -25.76 -18.93
N ARG D 153 -21.22 -25.07 -18.38
CA ARG D 153 -22.17 -25.68 -17.45
C ARG D 153 -23.43 -26.13 -18.21
N ALA D 154 -23.22 -27.15 -19.05
CA ALA D 154 -24.31 -27.76 -19.83
C ALA D 154 -25.04 -26.73 -20.68
N THR D 155 -24.27 -25.83 -21.30
CA THR D 155 -24.83 -24.80 -22.15
C THR D 155 -24.79 -25.23 -23.63
N ALA D 156 -25.59 -24.55 -24.44
CA ALA D 156 -25.59 -24.76 -25.88
C ALA D 156 -24.63 -23.76 -26.52
N HIS D 157 -23.65 -24.27 -27.27
CA HIS D 157 -22.52 -23.43 -27.66
C HIS D 157 -21.91 -23.92 -28.97
N LYS D 158 -21.07 -23.05 -29.55
CA LYS D 158 -20.19 -23.36 -30.65
C LYS D 158 -18.74 -23.17 -30.21
N TRP D 159 -17.82 -23.80 -30.92
CA TRP D 159 -16.40 -23.49 -30.84
C TRP D 159 -15.92 -23.17 -32.24
N ILE D 160 -15.31 -21.99 -32.41
CA ILE D 160 -14.80 -21.55 -33.71
C ILE D 160 -13.30 -21.32 -33.56
N ASN D 161 -12.51 -22.11 -34.27
CA ASN D 161 -11.08 -21.85 -34.39
C ASN D 161 -10.87 -20.61 -35.25
N ILE D 162 -10.22 -19.60 -34.68
CA ILE D 162 -10.03 -18.33 -35.38
C ILE D 162 -8.55 -17.96 -35.38
N THR D 163 -7.69 -18.91 -35.03
CA THR D 163 -6.25 -18.65 -34.96
C THR D 163 -5.73 -18.09 -36.27
N ASP D 164 -4.95 -17.02 -36.17
CA ASP D 164 -4.33 -16.35 -37.33
C ASP D 164 -5.35 -16.08 -38.43
N ASN D 165 -6.47 -15.47 -38.04
CA ASN D 165 -7.51 -15.05 -38.99
C ASN D 165 -7.94 -16.20 -39.90
N GLY D 166 -8.12 -17.38 -39.31
CA GLY D 166 -8.62 -18.52 -40.05
C GLY D 166 -7.61 -19.25 -40.91
N THR D 167 -6.31 -19.16 -40.59
CA THR D 167 -5.30 -19.84 -41.39
C THR D 167 -4.37 -20.74 -40.58
N ALA D 168 -4.60 -20.88 -39.28
CA ALA D 168 -3.72 -21.70 -38.45
C ALA D 168 -4.54 -22.69 -37.63
N PRO D 169 -4.00 -23.88 -37.41
CA PRO D 169 -4.70 -24.85 -36.56
C PRO D 169 -4.65 -24.47 -35.10
N GLY D 170 -5.65 -24.93 -34.36
CA GLY D 170 -5.69 -24.72 -32.92
C GLY D 170 -6.02 -26.02 -32.22
N ARG D 171 -5.75 -26.03 -30.91
CA ARG D 171 -5.96 -27.23 -30.11
C ARG D 171 -6.60 -26.89 -28.78
N MET D 172 -7.69 -27.58 -28.46
CA MET D 172 -8.36 -27.48 -27.18
C MET D 172 -8.21 -28.78 -26.41
N MET D 173 -8.41 -28.71 -25.10
CA MET D 173 -8.49 -29.90 -24.25
C MET D 173 -9.67 -29.73 -23.30
N TRP D 174 -10.48 -30.78 -23.19
CA TRP D 174 -11.66 -30.78 -22.34
C TRP D 174 -11.60 -31.91 -21.33
N ILE D 175 -12.05 -31.62 -20.11
CA ILE D 175 -12.39 -32.62 -19.12
C ILE D 175 -13.90 -32.58 -18.97
N LEU D 176 -14.57 -33.66 -19.36
CA LEU D 176 -16.02 -33.72 -19.37
C LEU D 176 -16.50 -34.58 -18.19
N LEU D 177 -17.25 -33.96 -17.29
CA LEU D 177 -17.82 -34.65 -16.15
C LEU D 177 -19.33 -34.80 -16.32
N ASP D 178 -19.89 -35.81 -15.66
CA ASP D 178 -21.32 -36.01 -15.68
C ASP D 178 -22.01 -34.98 -14.80
N CYS D 179 -23.21 -34.57 -15.21
CA CYS D 179 -24.01 -33.62 -14.46
C CYS D 179 -25.48 -33.99 -14.60
N HIS D 180 -26.29 -33.43 -13.71
CA HIS D 180 -27.73 -33.63 -13.77
C HIS D 180 -28.33 -32.72 -14.84
N ASP D 181 -29.47 -33.15 -15.40
CA ASP D 181 -30.16 -32.37 -16.40
C ASP D 181 -30.51 -31.00 -15.86
N VAL D 182 -30.14 -29.95 -16.59
CA VAL D 182 -30.46 -28.61 -16.17
C VAL D 182 -31.93 -28.32 -16.52
N VAL D 183 -32.62 -27.66 -15.60
CA VAL D 183 -34.06 -27.44 -15.71
C VAL D 183 -34.34 -25.96 -15.53
N VAL D 184 -34.94 -25.33 -16.54
CA VAL D 184 -35.25 -23.90 -16.54
C VAL D 184 -36.74 -23.75 -16.78
N ASN D 185 -37.43 -23.07 -15.86
CA ASN D 185 -38.86 -22.81 -15.96
C ASN D 185 -39.64 -24.11 -16.14
N GLY D 186 -39.25 -25.14 -15.39
CA GLY D 186 -39.88 -26.43 -15.50
C GLY D 186 -39.56 -27.20 -16.76
N GLN D 187 -38.67 -26.67 -17.61
CA GLN D 187 -38.28 -27.32 -18.85
C GLN D 187 -36.89 -27.91 -18.71
N VAL D 188 -36.75 -29.18 -19.04
CA VAL D 188 -35.42 -29.80 -19.15
C VAL D 188 -34.79 -29.35 -20.46
N MET D 189 -33.61 -28.74 -20.37
CA MET D 189 -32.88 -28.27 -21.54
C MET D 189 -32.26 -29.50 -22.20
N GLU D 190 -32.97 -30.05 -23.18
CA GLU D 190 -32.55 -31.32 -23.78
C GLU D 190 -31.26 -31.12 -24.57
N GLY D 191 -30.30 -32.01 -24.34
CA GLY D 191 -29.09 -32.00 -25.13
C GLY D 191 -29.37 -32.42 -26.56
N TYR D 192 -28.73 -31.74 -27.50
CA TYR D 192 -28.80 -32.09 -28.91
C TYR D 192 -27.41 -32.00 -29.51
N LEU D 193 -27.15 -32.87 -30.48
CA LEU D 193 -25.85 -32.96 -31.12
C LEU D 193 -25.77 -32.14 -32.39
N GLY D 194 -26.82 -31.38 -32.71
CA GLY D 194 -26.76 -30.47 -33.84
C GLY D 194 -26.59 -31.21 -35.15
N ASP D 195 -25.57 -30.80 -35.90
CA ASP D 195 -25.22 -31.51 -37.14
C ASP D 195 -24.34 -32.71 -36.84
N LEU D 196 -23.20 -32.48 -36.20
CA LEU D 196 -22.30 -33.55 -35.78
C LEU D 196 -22.33 -33.67 -34.25
N VAL E 13 22.97 -43.79 -18.95
CA VAL E 13 21.74 -43.18 -19.41
C VAL E 13 21.91 -42.63 -20.83
N LEU E 14 21.47 -43.41 -21.80
CA LEU E 14 21.61 -43.04 -23.20
C LEU E 14 20.63 -41.92 -23.55
N PRO E 15 21.10 -40.81 -24.12
CA PRO E 15 20.20 -39.67 -24.36
C PRO E 15 19.14 -39.99 -25.41
N GLY E 16 17.90 -39.63 -25.11
CA GLY E 16 16.81 -39.80 -26.05
C GLY E 16 16.31 -41.21 -26.22
N LEU E 17 16.60 -42.10 -25.28
CA LEU E 17 16.19 -43.49 -25.39
C LEU E 17 14.67 -43.61 -25.35
N ASN E 18 14.09 -44.15 -26.42
CA ASN E 18 12.66 -44.42 -26.56
C ASN E 18 11.82 -43.15 -26.55
N TYR E 19 12.42 -42.00 -26.84
CA TYR E 19 11.66 -40.75 -26.86
C TYR E 19 10.66 -40.73 -28.02
N VAL E 20 11.04 -41.27 -29.17
CA VAL E 20 10.24 -41.17 -30.39
C VAL E 20 9.31 -42.38 -30.40
N HIS E 21 8.13 -42.22 -29.80
CA HIS E 21 7.19 -43.34 -29.67
C HIS E 21 6.16 -43.41 -30.79
N SER E 22 6.12 -42.44 -31.71
CA SER E 22 5.10 -42.45 -32.75
C SER E 22 5.67 -42.07 -34.11
N GLY E 23 6.93 -42.39 -34.37
CA GLY E 23 7.51 -42.03 -35.65
C GLY E 23 7.60 -40.52 -35.81
N PHE E 24 7.39 -40.06 -37.05
CA PHE E 24 7.49 -38.65 -37.35
C PHE E 24 6.11 -37.99 -37.25
N PRO E 25 5.99 -36.83 -36.59
CA PRO E 25 7.08 -36.09 -35.95
C PRO E 25 7.36 -36.55 -34.51
N ALA E 26 8.56 -36.26 -34.02
CA ALA E 26 8.90 -36.59 -32.65
C ALA E 26 8.04 -35.79 -31.67
N PRO E 27 7.86 -36.30 -30.45
CA PRO E 27 7.11 -35.54 -29.45
C PRO E 27 7.69 -34.14 -29.26
N GLY E 28 6.81 -33.15 -29.14
CA GLY E 28 7.21 -31.77 -28.99
C GLY E 28 7.50 -31.04 -30.29
N LEU E 29 7.33 -31.69 -31.44
CA LEU E 29 7.60 -31.10 -32.73
C LEU E 29 6.34 -31.17 -33.60
N ARG E 30 6.18 -30.16 -34.45
CA ARG E 30 4.96 -30.02 -35.24
C ARG E 30 4.95 -30.98 -36.42
N GLN E 31 3.76 -31.53 -36.70
CA GLN E 31 3.54 -32.18 -37.98
C GLN E 31 3.63 -31.15 -39.10
N ILE E 32 4.06 -31.61 -40.27
CA ILE E 32 4.40 -30.70 -41.37
C ILE E 32 3.49 -30.96 -42.57
N ASN E 33 3.62 -30.08 -43.56
CA ASN E 33 2.92 -30.17 -44.83
C ASN E 33 3.96 -30.18 -45.95
N ARG E 34 3.92 -31.18 -46.80
CA ARG E 34 4.76 -31.22 -48.00
C ARG E 34 3.86 -31.15 -49.22
N HIS E 35 3.92 -30.02 -49.91
CA HIS E 35 3.16 -29.81 -51.14
C HIS E 35 4.05 -30.11 -52.34
N ILE E 36 3.50 -30.84 -53.31
CA ILE E 36 4.17 -31.13 -54.56
C ILE E 36 3.33 -30.57 -55.69
N THR E 37 3.94 -29.76 -56.55
CA THR E 37 3.25 -29.14 -57.67
C THR E 37 3.52 -29.92 -58.95
N GLY E 38 2.69 -29.68 -59.96
CA GLY E 38 2.86 -30.34 -61.22
C GLY E 38 1.95 -29.75 -62.28
N HIS E 39 1.95 -30.40 -63.44
CA HIS E 39 1.13 -29.98 -64.56
C HIS E 39 0.07 -31.02 -64.85
N ASP E 40 -1.16 -30.56 -65.09
CA ASP E 40 -2.19 -31.44 -65.61
C ASP E 40 -1.99 -31.59 -67.12
N ASP E 41 -2.87 -32.35 -67.75
CA ASP E 41 -2.79 -32.59 -69.18
C ASP E 41 -3.46 -31.49 -70.00
N ASN E 42 -3.74 -30.34 -69.37
CA ASN E 42 -4.14 -29.13 -70.08
C ASN E 42 -3.14 -28.00 -69.86
N GLY E 43 -1.93 -28.34 -69.42
CA GLY E 43 -0.87 -27.36 -69.23
C GLY E 43 -0.97 -26.49 -68.00
N LYS E 44 -2.03 -26.64 -67.20
CA LYS E 44 -2.20 -25.81 -66.01
C LYS E 44 -1.37 -26.36 -64.85
N SER E 45 -0.83 -25.43 -64.06
CA SER E 45 -0.08 -25.81 -62.87
C SER E 45 -1.04 -26.17 -61.74
N VAL E 46 -0.87 -27.36 -61.18
CA VAL E 46 -1.79 -27.90 -60.18
C VAL E 46 -0.98 -28.42 -58.99
N PHE E 47 -1.70 -28.68 -57.90
CA PHE E 47 -1.12 -29.29 -56.70
C PHE E 47 -1.39 -30.78 -56.74
N LEU E 48 -0.31 -31.57 -56.80
CA LEU E 48 -0.43 -33.01 -56.97
C LEU E 48 -0.64 -33.75 -55.66
N SER E 49 -0.08 -33.25 -54.55
CA SER E 49 -0.16 -33.98 -53.29
C SER E 49 0.17 -33.07 -52.11
N THR E 50 -0.49 -33.34 -50.99
CA THR E 50 -0.15 -32.76 -49.70
C THR E 50 -0.09 -33.90 -48.70
N ASP E 51 1.05 -34.05 -48.03
CA ASP E 51 1.26 -35.23 -47.19
C ASP E 51 2.23 -34.86 -46.06
N HIS E 52 2.75 -35.89 -45.40
CA HIS E 52 3.72 -35.75 -44.32
C HIS E 52 5.13 -36.13 -44.74
N GLY E 53 5.42 -36.10 -46.04
CA GLY E 53 6.70 -36.56 -46.53
C GLY E 53 6.68 -38.01 -46.95
N ASP E 54 7.76 -38.74 -46.68
CA ASP E 54 7.88 -40.12 -47.13
C ASP E 54 9.08 -40.76 -46.48
N HIS E 55 9.07 -42.10 -46.46
CA HIS E 55 10.21 -42.91 -46.02
C HIS E 55 10.66 -42.52 -44.62
N HIS E 56 9.69 -42.43 -43.71
CA HIS E 56 10.00 -42.19 -42.31
C HIS E 56 10.80 -43.35 -41.74
N ARG E 57 11.95 -43.05 -41.16
CA ARG E 57 12.84 -44.05 -40.61
C ARG E 57 13.22 -43.68 -39.18
N ILE E 58 13.01 -44.61 -38.25
CA ILE E 58 13.36 -44.40 -36.86
C ILE E 58 14.82 -44.79 -36.66
N MET E 59 15.60 -43.88 -36.09
CA MET E 59 17.04 -44.04 -35.96
C MET E 59 17.43 -44.21 -34.49
N GLY E 60 18.52 -44.94 -34.27
CA GLY E 60 18.98 -45.25 -32.93
C GLY E 60 17.94 -46.08 -32.19
N GLU E 61 18.08 -46.08 -30.86
CA GLU E 61 17.10 -46.72 -30.00
C GLU E 61 15.90 -45.78 -29.83
N LYS E 62 15.22 -45.55 -30.97
CA LYS E 62 14.10 -44.62 -31.06
C LYS E 62 14.49 -43.23 -30.54
N GLN E 63 15.69 -42.78 -30.92
CA GLN E 63 16.23 -41.50 -30.48
C GLN E 63 16.07 -40.40 -31.52
N ALA E 64 15.66 -40.74 -32.74
CA ALA E 64 15.54 -39.77 -33.82
C ALA E 64 14.80 -40.42 -34.97
N VAL E 65 14.03 -39.62 -35.69
CA VAL E 65 13.30 -40.08 -36.87
C VAL E 65 13.68 -39.20 -38.05
N ALA E 66 13.95 -39.84 -39.18
CA ALA E 66 14.28 -39.15 -40.42
C ALA E 66 13.07 -39.12 -41.35
N ASN E 67 13.00 -38.09 -42.18
CA ASN E 67 11.89 -37.89 -43.10
C ASN E 67 12.46 -37.40 -44.42
N ILE E 68 12.32 -38.20 -45.47
CA ILE E 68 12.81 -37.86 -46.79
C ILE E 68 11.70 -37.12 -47.53
N LEU E 69 11.90 -35.82 -47.75
CA LEU E 69 10.89 -34.99 -48.37
C LEU E 69 10.91 -35.04 -49.89
N TYR E 70 12.05 -35.35 -50.50
CA TYR E 70 12.14 -35.55 -51.93
C TYR E 70 13.52 -36.09 -52.27
N SER E 71 13.66 -36.56 -53.50
CA SER E 71 14.94 -37.04 -54.00
C SER E 71 14.95 -36.96 -55.51
N THR E 72 16.14 -36.73 -56.06
CA THR E 72 16.38 -36.83 -57.49
C THR E 72 17.58 -37.74 -57.71
N GLN E 73 17.61 -38.38 -58.87
CA GLN E 73 18.66 -39.34 -59.19
C GLN E 73 19.45 -39.00 -60.43
N GLU E 74 19.20 -37.83 -61.04
CA GLU E 74 19.85 -37.46 -62.29
C GLU E 74 19.90 -35.94 -62.38
N THR E 75 20.88 -35.44 -63.16
CA THR E 75 21.05 -34.01 -63.38
C THR E 75 21.23 -33.75 -64.87
N PRO E 76 20.40 -32.88 -65.48
CA PRO E 76 19.27 -32.21 -64.82
C PRO E 76 18.09 -33.16 -64.57
N VAL E 77 17.12 -32.71 -63.79
CA VAL E 77 16.05 -33.58 -63.32
C VAL E 77 15.00 -33.72 -64.40
N GLN E 78 14.64 -34.96 -64.72
CA GLN E 78 13.56 -35.24 -65.65
C GLN E 78 12.23 -35.22 -64.92
N LEU E 79 11.33 -34.32 -65.33
CA LEU E 79 10.02 -34.20 -64.72
C LEU E 79 8.89 -34.73 -65.59
N ASN E 80 9.16 -35.06 -66.86
CA ASN E 80 8.10 -35.53 -67.73
C ASN E 80 7.64 -36.92 -67.32
N GLY E 81 6.33 -37.17 -67.50
CA GLY E 81 5.74 -38.42 -67.08
C GLY E 81 5.69 -38.58 -65.58
N ASN E 82 5.97 -37.48 -64.85
CA ASN E 82 6.08 -37.49 -63.40
C ASN E 82 7.02 -38.59 -62.93
N VAL E 83 8.07 -38.83 -63.71
CA VAL E 83 9.03 -39.89 -63.40
C VAL E 83 9.77 -39.58 -62.11
N ASP E 84 10.13 -38.31 -61.91
CA ASP E 84 10.86 -37.91 -60.71
C ASP E 84 10.06 -38.21 -59.45
N ILE E 85 8.73 -37.99 -59.50
CA ILE E 85 7.90 -38.23 -58.34
C ILE E 85 7.88 -39.72 -57.98
N ASP E 86 7.79 -40.58 -59.00
CA ASP E 86 7.68 -42.02 -58.73
C ASP E 86 9.01 -42.64 -58.35
N LYS E 87 10.12 -42.15 -58.91
CA LYS E 87 11.43 -42.60 -58.43
C LYS E 87 11.66 -42.20 -56.98
N ALA E 88 11.15 -41.03 -56.58
CA ALA E 88 11.29 -40.60 -55.20
C ALA E 88 10.41 -41.39 -54.26
N ALA E 89 9.25 -41.85 -54.73
CA ALA E 89 8.27 -42.49 -53.86
C ALA E 89 8.43 -44.01 -53.77
N LYS E 90 8.96 -44.66 -54.81
CA LYS E 90 8.96 -46.11 -54.87
C LYS E 90 10.15 -46.76 -54.17
N GLU E 91 11.11 -45.98 -53.67
CA GLU E 91 12.28 -46.56 -53.06
C GLU E 91 12.85 -45.60 -52.01
N GLU E 92 13.21 -46.14 -50.86
CA GLU E 92 13.85 -45.35 -49.82
C GLU E 92 15.28 -45.02 -50.24
N PRO E 93 15.63 -43.74 -50.36
CA PRO E 93 16.95 -43.41 -50.90
C PRO E 93 18.05 -43.73 -49.91
N PRO E 94 19.28 -43.99 -50.38
CA PRO E 94 20.40 -44.18 -49.47
C PRO E 94 20.84 -42.86 -48.85
N LEU E 95 21.98 -42.88 -48.16
CA LEU E 95 22.53 -41.64 -47.60
C LEU E 95 22.61 -40.54 -48.66
N HIS E 96 22.89 -40.89 -49.91
CA HIS E 96 23.26 -39.88 -50.89
C HIS E 96 23.25 -40.45 -52.31
N TYR E 97 22.61 -39.73 -53.24
CA TYR E 97 22.46 -40.16 -54.63
C TYR E 97 23.55 -39.56 -55.49
N HIS E 98 24.13 -40.39 -56.36
CA HIS E 98 25.13 -39.89 -57.31
C HIS E 98 24.44 -39.10 -58.42
N ASN E 99 24.98 -37.92 -58.73
CA ASN E 99 24.43 -37.02 -59.73
C ASN E 99 22.97 -36.68 -59.44
N GLY E 100 22.65 -36.55 -58.15
CA GLY E 100 21.28 -36.28 -57.74
C GLY E 100 21.19 -35.55 -56.42
N SER E 101 20.03 -35.57 -55.80
CA SER E 101 19.82 -34.81 -54.57
C SER E 101 18.88 -35.59 -53.65
N ILE E 102 19.00 -35.32 -52.36
CA ILE E 102 18.09 -35.84 -51.34
C ILE E 102 17.80 -34.72 -50.35
N VAL E 103 16.53 -34.56 -49.98
CA VAL E 103 16.11 -33.62 -48.96
C VAL E 103 15.75 -34.42 -47.72
N ARG E 104 16.62 -34.41 -46.73
CA ARG E 104 16.47 -35.22 -45.52
C ARG E 104 16.18 -34.33 -44.33
N MET E 105 15.06 -34.61 -43.65
CA MET E 105 14.68 -33.92 -42.43
C MET E 105 14.72 -34.91 -41.28
N ILE E 106 15.34 -34.51 -40.17
CA ILE E 106 15.55 -35.39 -39.03
C ILE E 106 15.04 -34.71 -37.77
N ASP E 107 14.29 -35.44 -36.95
CA ASP E 107 13.88 -34.99 -35.62
C ASP E 107 14.82 -35.60 -34.59
N PHE E 108 15.41 -34.74 -33.76
CA PHE E 108 16.33 -35.19 -32.71
C PHE E 108 15.60 -35.21 -31.37
N ALA E 109 15.77 -36.29 -30.62
CA ALA E 109 15.30 -36.33 -29.24
C ALA E 109 16.19 -35.43 -28.39
N PRO E 110 15.80 -35.13 -27.15
CA PRO E 110 16.63 -34.26 -26.31
C PRO E 110 18.05 -34.79 -26.16
N ALA E 111 19.02 -33.91 -26.40
CA ALA E 111 20.44 -34.12 -26.14
C ALA E 111 21.08 -35.19 -27.04
N VAL E 112 20.43 -35.55 -28.13
CA VAL E 112 20.88 -36.67 -28.95
C VAL E 112 22.04 -36.23 -29.84
N GLU E 113 23.05 -37.08 -29.93
CA GLU E 113 24.28 -36.82 -30.66
C GLU E 113 24.40 -37.77 -31.85
N SER E 114 24.79 -37.23 -33.01
CA SER E 114 25.08 -38.17 -34.06
C SER E 114 26.57 -38.54 -34.05
N PRO E 115 26.93 -39.73 -34.51
CA PRO E 115 28.34 -40.12 -34.52
C PRO E 115 29.14 -39.20 -35.45
N LEU E 116 30.42 -39.04 -35.12
CA LEU E 116 31.32 -38.31 -36.01
C LEU E 116 31.51 -39.10 -37.28
N HIS E 117 31.10 -38.53 -38.41
CA HIS E 117 31.08 -39.24 -39.67
C HIS E 117 31.44 -38.28 -40.80
N ARG E 118 31.69 -38.85 -41.98
CA ARG E 118 31.89 -38.06 -43.19
C ARG E 118 31.12 -38.70 -44.32
N ALA E 119 30.25 -37.94 -44.95
CA ALA E 119 29.68 -38.28 -46.24
C ALA E 119 30.36 -37.42 -47.29
N VAL E 120 30.84 -38.05 -48.38
CA VAL E 120 31.40 -37.25 -49.46
C VAL E 120 30.23 -36.67 -50.24
N SER E 121 29.89 -35.43 -49.88
CA SER E 121 28.69 -34.75 -50.34
C SER E 121 28.76 -33.32 -49.84
N ILE E 122 28.31 -32.38 -50.65
CA ILE E 122 28.11 -31.01 -50.20
C ILE E 122 26.67 -30.91 -49.69
N ASP E 123 26.53 -30.48 -48.43
CA ASP E 123 25.27 -30.58 -47.71
C ASP E 123 24.86 -29.21 -47.21
N TYR E 124 23.78 -28.67 -47.76
CA TYR E 124 23.15 -27.46 -47.23
C TYR E 124 22.26 -27.86 -46.06
N GLY E 125 22.62 -27.42 -44.86
CA GLY E 125 21.83 -27.70 -43.66
C GLY E 125 21.23 -26.42 -43.11
N ILE E 126 20.00 -26.52 -42.62
CA ILE E 126 19.31 -25.39 -42.02
C ILE E 126 18.56 -25.90 -40.79
N VAL E 127 18.72 -25.22 -39.66
CA VAL E 127 18.03 -25.59 -38.43
C VAL E 127 16.57 -25.15 -38.54
N VAL E 128 15.66 -26.11 -38.43
CA VAL E 128 14.24 -25.83 -38.55
C VAL E 128 13.62 -25.50 -37.20
N GLU E 129 14.07 -26.16 -36.14
CA GLU E 129 13.64 -25.84 -34.79
C GLU E 129 14.69 -26.32 -33.81
N GLY E 130 15.00 -25.49 -32.82
CA GLY E 130 15.91 -25.84 -31.76
C GLY E 130 17.25 -25.16 -31.91
N VAL E 131 18.22 -25.65 -31.13
CA VAL E 131 19.59 -25.19 -31.17
C VAL E 131 20.48 -26.41 -31.37
N PHE E 132 21.40 -26.33 -32.32
CA PHE E 132 22.28 -27.45 -32.64
C PHE E 132 23.73 -27.00 -32.56
N LYS E 133 24.59 -27.93 -32.13
CA LYS E 133 26.03 -27.71 -32.07
C LYS E 133 26.67 -28.52 -33.19
N LEU E 134 27.27 -27.84 -34.16
CA LEU E 134 28.00 -28.48 -35.24
C LEU E 134 29.45 -28.59 -34.82
N VAL E 135 29.92 -29.81 -34.59
CA VAL E 135 31.29 -30.08 -34.19
C VAL E 135 32.02 -30.78 -35.33
N LEU E 136 33.24 -30.33 -35.60
CA LEU E 136 34.09 -30.96 -36.60
C LEU E 136 35.12 -31.86 -35.92
N ASP E 137 35.86 -32.62 -36.74
CA ASP E 137 36.85 -33.53 -36.20
C ASP E 137 38.12 -32.83 -35.74
N SER E 138 38.24 -31.51 -36.00
CA SER E 138 39.33 -30.71 -35.47
C SER E 138 39.01 -30.11 -34.11
N GLY E 139 37.85 -30.45 -33.54
CA GLY E 139 37.39 -29.85 -32.31
C GLY E 139 36.62 -28.56 -32.48
N GLU E 140 36.78 -27.88 -33.61
CA GLU E 140 36.07 -26.63 -33.83
C GLU E 140 34.56 -26.86 -33.83
N GLU E 141 33.83 -25.90 -33.28
CA GLU E 141 32.38 -26.00 -33.17
C GLU E 141 31.74 -24.65 -33.46
N ARG E 142 30.48 -24.72 -33.86
CA ARG E 142 29.64 -23.54 -34.03
C ARG E 142 28.25 -23.86 -33.50
N ILE E 143 27.72 -23.00 -32.64
CA ILE E 143 26.35 -23.13 -32.19
C ILE E 143 25.43 -22.55 -33.25
N MET E 144 24.46 -23.34 -33.69
CA MET E 144 23.56 -22.95 -34.78
C MET E 144 22.14 -22.89 -34.24
N ARG E 145 21.51 -21.73 -34.36
CA ARG E 145 20.16 -21.50 -33.88
C ARG E 145 19.19 -21.50 -35.07
N GLN E 146 17.91 -21.30 -34.78
CA GLN E 146 16.88 -21.39 -35.80
C GLN E 146 17.15 -20.40 -36.93
N GLY E 147 17.08 -20.89 -38.17
CA GLY E 147 17.37 -20.10 -39.33
C GLY E 147 18.81 -20.11 -39.78
N ASP E 148 19.73 -20.56 -38.93
CA ASP E 148 21.14 -20.61 -39.31
C ASP E 148 21.36 -21.68 -40.37
N VAL E 149 22.32 -21.41 -41.26
CA VAL E 149 22.55 -22.23 -42.44
C VAL E 149 24.02 -22.63 -42.48
N SER E 150 24.29 -23.87 -42.91
CA SER E 150 25.64 -24.39 -43.01
C SER E 150 25.86 -24.94 -44.41
N VAL E 151 27.11 -24.85 -44.87
CA VAL E 151 27.54 -25.45 -46.13
C VAL E 151 28.63 -26.46 -45.77
N GLN E 152 28.24 -27.72 -45.60
CA GLN E 152 29.14 -28.79 -45.20
C GLN E 152 29.76 -29.40 -46.44
N ARG E 153 31.04 -29.11 -46.68
CA ARG E 153 31.71 -29.52 -47.91
C ARG E 153 32.52 -30.78 -47.65
N ALA E 154 31.80 -31.91 -47.65
CA ALA E 154 32.39 -33.25 -47.50
C ALA E 154 33.39 -33.32 -46.35
N THR E 155 33.04 -32.66 -45.24
CA THR E 155 33.90 -32.63 -44.07
C THR E 155 33.42 -33.63 -43.02
N ALA E 156 34.32 -33.95 -42.09
CA ALA E 156 34.00 -34.87 -41.00
C ALA E 156 33.41 -34.07 -39.83
N HIS E 157 32.21 -34.44 -39.41
CA HIS E 157 31.46 -33.64 -38.45
C HIS E 157 30.60 -34.54 -37.59
N LYS E 158 29.99 -33.93 -36.58
CA LYS E 158 28.91 -34.55 -35.82
C LYS E 158 27.96 -33.45 -35.38
N TRP E 159 26.68 -33.81 -35.27
CA TRP E 159 25.62 -32.87 -34.88
C TRP E 159 25.13 -33.22 -33.48
N ILE E 160 24.89 -32.18 -32.68
CA ILE E 160 24.50 -32.34 -31.28
C ILE E 160 23.29 -31.46 -31.02
N ASN E 161 22.20 -32.08 -30.57
CA ASN E 161 21.01 -31.33 -30.13
C ASN E 161 21.27 -30.79 -28.74
N ILE E 162 21.34 -29.46 -28.61
CA ILE E 162 21.59 -28.83 -27.32
C ILE E 162 20.42 -27.95 -26.90
N THR E 163 19.24 -28.17 -27.49
CA THR E 163 18.09 -27.30 -27.24
C THR E 163 17.68 -27.35 -25.78
N ASP E 164 17.51 -26.16 -25.18
CA ASP E 164 17.06 -26.00 -23.78
C ASP E 164 17.85 -26.90 -22.84
N ASN E 165 19.18 -26.78 -22.90
CA ASN E 165 20.08 -27.53 -22.03
C ASN E 165 19.84 -29.04 -22.14
N GLY E 166 19.56 -29.49 -23.36
CA GLY E 166 19.44 -30.91 -23.62
C GLY E 166 18.15 -31.56 -23.18
N THR E 167 17.06 -30.80 -23.04
CA THR E 167 15.77 -31.35 -22.64
C THR E 167 14.67 -31.15 -23.68
N ALA E 168 14.98 -30.59 -24.84
CA ALA E 168 13.97 -30.33 -25.85
C ALA E 168 14.38 -30.96 -27.18
N PRO E 169 13.41 -31.46 -27.95
CA PRO E 169 13.74 -31.96 -29.28
C PRO E 169 14.06 -30.84 -30.25
N GLY E 170 14.83 -31.20 -31.28
CA GLY E 170 15.15 -30.27 -32.34
C GLY E 170 15.00 -30.93 -33.69
N ARG E 171 14.86 -30.10 -34.73
CA ARG E 171 14.64 -30.57 -36.08
C ARG E 171 15.58 -29.85 -37.04
N MET E 172 16.22 -30.61 -37.92
CA MET E 172 17.13 -30.07 -38.92
C MET E 172 16.76 -30.60 -40.29
N MET E 173 17.06 -29.82 -41.32
CA MET E 173 16.81 -30.21 -42.70
C MET E 173 18.10 -30.08 -43.52
N TRP E 174 18.36 -31.08 -44.36
CA TRP E 174 19.54 -31.11 -45.20
C TRP E 174 19.14 -31.33 -46.66
N ILE E 175 19.87 -30.66 -47.56
CA ILE E 175 19.80 -30.93 -48.99
C ILE E 175 21.17 -31.41 -49.39
N LEU E 176 21.27 -32.67 -49.80
CA LEU E 176 22.54 -33.34 -50.05
C LEU E 176 22.78 -33.46 -51.54
N LEU E 177 23.88 -32.90 -52.02
CA LEU E 177 24.27 -32.95 -53.42
C LEU E 177 25.49 -33.84 -53.59
N ASP E 178 25.69 -34.31 -54.81
CA ASP E 178 26.84 -35.15 -55.11
C ASP E 178 28.08 -34.29 -55.33
N CYS E 179 29.22 -34.82 -54.92
CA CYS E 179 30.50 -34.13 -55.02
C CYS E 179 31.58 -35.10 -55.47
N HIS E 180 32.68 -34.55 -55.96
CA HIS E 180 33.85 -35.35 -56.27
C HIS E 180 34.62 -35.64 -54.99
N ASP E 181 35.53 -36.62 -55.08
CA ASP E 181 36.30 -37.02 -53.91
C ASP E 181 37.28 -35.91 -53.53
N VAL E 182 37.23 -35.50 -52.26
CA VAL E 182 38.16 -34.49 -51.75
C VAL E 182 39.53 -35.13 -51.56
N VAL E 183 40.55 -34.52 -52.18
CA VAL E 183 41.92 -35.00 -52.08
C VAL E 183 42.77 -33.92 -51.41
N VAL E 184 43.57 -34.32 -50.43
CA VAL E 184 44.43 -33.44 -49.64
C VAL E 184 45.79 -34.11 -49.55
N ASN E 185 46.80 -33.53 -50.19
CA ASN E 185 48.12 -34.14 -50.28
C ASN E 185 47.97 -35.55 -50.85
N GLY E 186 47.52 -35.61 -52.10
CA GLY E 186 47.42 -36.86 -52.84
C GLY E 186 46.61 -37.95 -52.17
N GLN E 187 46.01 -37.66 -51.02
CA GLN E 187 45.25 -38.64 -50.25
C GLN E 187 43.77 -38.33 -50.34
N VAL E 188 42.98 -39.32 -50.76
CA VAL E 188 41.54 -39.18 -50.76
C VAL E 188 41.03 -39.23 -49.33
N MET E 189 40.20 -38.25 -48.96
CA MET E 189 39.57 -38.25 -47.64
C MET E 189 38.35 -39.16 -47.71
N GLU E 190 38.46 -40.34 -47.09
CA GLU E 190 37.47 -41.38 -47.27
C GLU E 190 36.23 -41.11 -46.43
N GLY E 191 35.07 -41.35 -47.04
CA GLY E 191 33.83 -41.30 -46.30
C GLY E 191 33.68 -42.48 -45.36
N TYR E 192 33.08 -42.22 -44.21
CA TYR E 192 32.80 -43.25 -43.23
C TYR E 192 31.60 -42.81 -42.41
N LEU E 193 30.89 -43.79 -41.85
CA LEU E 193 29.64 -43.52 -41.15
C LEU E 193 29.63 -44.00 -39.70
N GLY E 194 30.55 -44.87 -39.30
CA GLY E 194 30.59 -45.30 -37.91
C GLY E 194 29.34 -46.04 -37.52
N ASP E 195 28.68 -45.57 -36.47
CA ASP E 195 27.44 -46.17 -36.00
C ASP E 195 26.23 -45.77 -36.84
N LEU E 196 26.40 -44.88 -37.82
CA LEU E 196 25.33 -44.51 -38.73
C LEU E 196 25.16 -45.47 -39.89
N GLU E 197 26.06 -46.45 -40.04
CA GLU E 197 25.96 -47.38 -41.16
C GLU E 197 24.75 -48.29 -41.03
N LYS E 198 24.39 -48.68 -39.81
CA LYS E 198 23.20 -49.51 -39.60
C LYS E 198 21.91 -48.78 -39.94
N GLU E 199 21.95 -47.45 -40.08
CA GLU E 199 20.77 -46.66 -40.37
C GLU E 199 20.57 -46.40 -41.87
N TYR E 200 21.35 -47.06 -42.74
CA TYR E 200 21.18 -46.87 -44.17
C TYR E 200 21.35 -48.16 -44.98
N VAL E 201 21.49 -49.32 -44.35
CA VAL E 201 21.63 -50.56 -45.10
C VAL E 201 20.27 -51.07 -45.56
N VAL F 13 -1.82 1.87 -53.40
CA VAL F 13 -0.45 2.03 -52.93
C VAL F 13 0.29 0.68 -52.98
N LEU F 14 1.55 0.72 -53.38
CA LEU F 14 2.32 -0.50 -53.57
C LEU F 14 2.63 -1.14 -52.21
N PRO F 15 2.48 -2.45 -52.08
CA PRO F 15 2.79 -3.09 -50.80
C PRO F 15 4.29 -3.12 -50.53
N GLY F 16 4.65 -2.78 -49.29
CA GLY F 16 6.03 -2.83 -48.85
C GLY F 16 6.90 -1.69 -49.31
N LEU F 17 6.32 -0.61 -49.83
CA LEU F 17 7.08 0.50 -50.40
C LEU F 17 8.09 1.05 -49.40
N ASN F 18 9.38 0.90 -49.71
CA ASN F 18 10.47 1.43 -48.88
C ASN F 18 10.46 0.82 -47.48
N TYR F 19 10.12 -0.47 -47.39
CA TYR F 19 10.15 -1.14 -46.10
C TYR F 19 11.57 -1.58 -45.73
N VAL F 20 12.28 -2.17 -46.68
CA VAL F 20 13.65 -2.62 -46.47
C VAL F 20 14.56 -1.41 -46.62
N HIS F 21 15.04 -0.87 -45.50
CA HIS F 21 15.84 0.34 -45.50
C HIS F 21 17.32 0.09 -45.21
N SER F 22 17.71 -1.13 -44.89
CA SER F 22 19.10 -1.43 -44.55
C SER F 22 19.54 -2.76 -45.15
N GLY F 23 19.07 -3.07 -46.35
CA GLY F 23 19.45 -4.32 -46.96
C GLY F 23 18.96 -5.53 -46.16
N PHE F 24 19.76 -6.59 -46.20
CA PHE F 24 19.47 -7.80 -45.43
C PHE F 24 20.10 -7.69 -44.05
N PRO F 25 19.37 -7.99 -42.97
CA PRO F 25 17.99 -8.48 -42.95
C PRO F 25 16.96 -7.36 -43.00
N ALA F 26 15.74 -7.71 -43.41
CA ALA F 26 14.66 -6.74 -43.45
C ALA F 26 14.16 -6.44 -42.03
N PRO F 27 13.58 -5.26 -41.81
CA PRO F 27 13.06 -4.95 -40.47
C PRO F 27 12.06 -5.97 -39.99
N GLY F 28 12.20 -6.40 -38.74
CA GLY F 28 11.38 -7.43 -38.17
C GLY F 28 11.92 -8.83 -38.27
N LEU F 29 12.94 -9.05 -39.11
CA LEU F 29 13.53 -10.36 -39.30
C LEU F 29 14.95 -10.37 -38.74
N ARG F 30 15.45 -11.58 -38.47
CA ARG F 30 16.71 -11.74 -37.76
C ARG F 30 17.89 -11.87 -38.72
N GLN F 31 19.00 -11.23 -38.36
CA GLN F 31 20.28 -11.49 -39.01
C GLN F 31 20.63 -12.96 -38.87
N ILE F 32 21.28 -13.50 -39.90
CA ILE F 32 21.58 -14.93 -39.95
C ILE F 32 23.07 -15.15 -39.70
N ASN F 33 23.43 -16.42 -39.54
CA ASN F 33 24.82 -16.87 -39.54
C ASN F 33 24.96 -17.96 -40.59
N ARG F 34 25.88 -17.79 -41.52
CA ARG F 34 26.18 -18.79 -42.54
C ARG F 34 27.56 -19.35 -42.29
N HIS F 35 27.64 -20.68 -42.14
CA HIS F 35 28.89 -21.37 -41.87
C HIS F 35 29.30 -22.19 -43.07
N ILE F 36 30.54 -22.03 -43.51
CA ILE F 36 31.12 -22.80 -44.59
C ILE F 36 32.30 -23.57 -44.04
N THR F 37 32.26 -24.90 -44.17
CA THR F 37 33.32 -25.77 -43.67
C THR F 37 34.25 -26.18 -44.80
N GLY F 38 35.47 -26.52 -44.43
CA GLY F 38 36.47 -26.93 -45.39
C GLY F 38 37.53 -27.79 -44.75
N HIS F 39 38.64 -27.94 -45.47
CA HIS F 39 39.76 -28.77 -45.03
C HIS F 39 41.03 -27.93 -44.91
N ASP F 40 41.77 -28.16 -43.84
CA ASP F 40 43.07 -27.54 -43.67
C ASP F 40 44.15 -28.40 -44.32
N ASP F 41 45.35 -27.82 -44.46
CA ASP F 41 46.42 -28.48 -45.21
C ASP F 41 46.78 -29.84 -44.63
N ASN F 42 46.69 -30.00 -43.31
CA ASN F 42 47.02 -31.28 -42.70
C ASN F 42 45.95 -32.33 -42.96
N GLY F 43 44.69 -31.90 -43.09
CA GLY F 43 43.63 -32.82 -43.46
C GLY F 43 42.48 -32.88 -42.47
N LYS F 44 42.35 -31.87 -41.62
CA LYS F 44 41.28 -31.82 -40.63
C LYS F 44 40.17 -30.89 -41.11
N SER F 45 38.94 -31.21 -40.72
CA SER F 45 37.80 -30.38 -41.09
C SER F 45 37.82 -29.09 -40.27
N VAL F 46 37.72 -27.95 -40.94
CA VAL F 46 37.77 -26.65 -40.28
C VAL F 46 36.64 -25.78 -40.82
N PHE F 47 36.31 -24.76 -40.03
CA PHE F 47 35.33 -23.76 -40.42
C PHE F 47 36.03 -22.66 -41.21
N LEU F 48 35.60 -22.45 -42.46
CA LEU F 48 36.29 -21.50 -43.33
C LEU F 48 35.80 -20.08 -43.12
N SER F 49 34.54 -19.89 -42.80
CA SER F 49 33.99 -18.54 -42.66
C SER F 49 32.65 -18.60 -41.95
N THR F 50 32.35 -17.51 -41.25
CA THR F 50 31.03 -17.24 -40.70
C THR F 50 30.62 -15.85 -41.13
N ASP F 51 29.46 -15.72 -41.77
CA ASP F 51 29.05 -14.45 -42.33
C ASP F 51 27.53 -14.45 -42.51
N HIS F 52 27.04 -13.46 -43.26
CA HIS F 52 25.62 -13.23 -43.45
C HIS F 52 25.16 -13.54 -44.87
N GLY F 53 25.89 -14.42 -45.56
CA GLY F 53 25.56 -14.75 -46.93
C GLY F 53 26.36 -13.93 -47.92
N ASP F 54 25.84 -13.85 -49.14
CA ASP F 54 26.54 -13.18 -50.22
C ASP F 54 25.54 -12.69 -51.26
N HIS F 55 25.97 -11.69 -52.02
CA HIS F 55 25.25 -11.17 -53.17
C HIS F 55 23.83 -10.72 -52.78
N HIS F 56 23.75 -9.87 -51.77
CA HIS F 56 22.47 -9.30 -51.39
C HIS F 56 21.96 -8.37 -52.49
N ARG F 57 20.69 -8.52 -52.85
CA ARG F 57 20.09 -7.73 -53.92
C ARG F 57 18.72 -7.23 -53.45
N ILE F 58 18.52 -5.92 -53.51
CA ILE F 58 17.21 -5.35 -53.23
C ILE F 58 16.28 -5.63 -54.41
N MET F 59 15.03 -5.96 -54.11
CA MET F 59 14.06 -6.32 -55.13
C MET F 59 12.82 -5.45 -54.99
N GLY F 60 12.23 -5.09 -56.15
CA GLY F 60 11.11 -4.18 -56.14
C GLY F 60 11.54 -2.78 -55.72
N GLU F 61 10.59 -2.03 -55.19
CA GLU F 61 10.87 -0.70 -54.64
C GLU F 61 11.18 -0.83 -53.15
N LYS F 62 12.33 -1.46 -52.89
CA LYS F 62 12.75 -1.82 -51.53
C LYS F 62 11.65 -2.61 -50.81
N GLN F 63 10.98 -3.49 -51.56
CA GLN F 63 9.94 -4.34 -51.03
C GLN F 63 10.45 -5.70 -50.60
N ALA F 64 11.69 -6.05 -50.95
CA ALA F 64 12.24 -7.35 -50.61
C ALA F 64 13.76 -7.26 -50.73
N VAL F 65 14.42 -8.34 -50.32
CA VAL F 65 15.87 -8.46 -50.45
C VAL F 65 16.22 -9.93 -50.52
N ALA F 66 17.07 -10.28 -51.47
CA ALA F 66 17.51 -11.66 -51.66
C ALA F 66 18.88 -11.87 -51.06
N ASN F 67 19.15 -13.11 -50.66
CA ASN F 67 20.41 -13.49 -50.05
C ASN F 67 20.84 -14.81 -50.66
N ILE F 68 21.98 -14.81 -51.35
CA ILE F 68 22.53 -16.00 -51.97
C ILE F 68 23.48 -16.65 -50.98
N LEU F 69 23.06 -17.76 -50.39
CA LEU F 69 23.87 -18.43 -49.39
C LEU F 69 24.89 -19.39 -50.00
N TYR F 70 24.58 -19.96 -51.16
CA TYR F 70 25.57 -20.75 -51.89
C TYR F 70 25.09 -20.98 -53.32
N SER F 71 25.99 -21.54 -54.12
CA SER F 71 25.69 -21.89 -55.51
C SER F 71 26.78 -22.83 -56.02
N THR F 72 26.37 -23.78 -56.86
CA THR F 72 27.29 -24.68 -57.54
C THR F 72 26.96 -24.69 -59.02
N GLN F 73 27.99 -24.92 -59.86
CA GLN F 73 27.83 -24.80 -61.31
C GLN F 73 28.06 -26.09 -62.07
N GLU F 74 28.54 -27.14 -61.43
CA GLU F 74 28.75 -28.43 -62.09
C GLU F 74 28.25 -29.54 -61.18
N THR F 75 27.95 -30.70 -61.77
CA THR F 75 27.59 -31.86 -60.98
C THR F 75 28.24 -33.12 -61.54
N PRO F 76 29.01 -33.87 -60.72
CA PRO F 76 29.22 -33.58 -59.29
C PRO F 76 30.08 -32.34 -59.02
N VAL F 77 29.90 -31.76 -57.84
CA VAL F 77 30.58 -30.53 -57.48
C VAL F 77 32.08 -30.80 -57.30
N GLN F 78 32.90 -29.89 -57.82
CA GLN F 78 34.35 -29.97 -57.66
C GLN F 78 34.74 -29.14 -56.45
N LEU F 79 35.19 -29.80 -55.38
CA LEU F 79 35.50 -29.15 -54.11
C LEU F 79 36.99 -28.92 -53.90
N ASN F 80 37.85 -29.45 -54.76
CA ASN F 80 39.29 -29.39 -54.52
C ASN F 80 39.85 -28.05 -54.95
N GLY F 81 40.80 -27.54 -54.16
CA GLY F 81 41.28 -26.20 -54.36
C GLY F 81 40.28 -25.12 -53.99
N ASN F 82 39.20 -25.50 -53.29
CA ASN F 82 38.15 -24.57 -52.87
C ASN F 82 37.58 -23.80 -54.05
N VAL F 83 37.55 -24.43 -55.24
CA VAL F 83 37.11 -23.70 -56.43
C VAL F 83 35.61 -23.47 -56.40
N ASP F 84 34.86 -24.33 -55.69
CA ASP F 84 33.43 -24.07 -55.53
C ASP F 84 33.19 -22.78 -54.76
N ILE F 85 33.98 -22.54 -53.71
CA ILE F 85 33.87 -21.30 -52.95
C ILE F 85 34.16 -20.10 -53.85
N ASP F 86 35.23 -20.19 -54.63
CA ASP F 86 35.61 -19.07 -55.49
C ASP F 86 34.52 -18.74 -56.49
N LYS F 87 33.99 -19.76 -57.18
CA LYS F 87 32.90 -19.52 -58.14
C LYS F 87 31.67 -18.99 -57.45
N ALA F 88 31.36 -19.49 -56.24
CA ALA F 88 30.17 -19.04 -55.53
C ALA F 88 30.27 -17.56 -55.15
N ALA F 89 31.48 -17.08 -54.85
CA ALA F 89 31.66 -15.71 -54.39
C ALA F 89 32.07 -14.73 -55.49
N LYS F 90 32.50 -15.23 -56.66
CA LYS F 90 33.12 -14.36 -57.66
C LYS F 90 32.09 -13.45 -58.31
N GLU F 91 30.96 -14.00 -58.76
CA GLU F 91 29.96 -13.21 -59.45
C GLU F 91 28.56 -13.68 -59.05
N GLU F 92 27.62 -12.75 -59.09
CA GLU F 92 26.25 -13.03 -58.68
C GLU F 92 25.59 -14.01 -59.63
N PRO F 93 24.99 -15.08 -59.14
CA PRO F 93 24.39 -16.08 -60.02
C PRO F 93 23.15 -15.53 -60.71
N PRO F 94 22.74 -16.14 -61.83
CA PRO F 94 21.46 -15.78 -62.44
C PRO F 94 20.32 -16.48 -61.71
N LEU F 95 19.11 -16.40 -62.28
CA LEU F 95 17.96 -17.07 -61.67
C LEU F 95 18.24 -18.53 -61.33
N HIS F 96 19.08 -19.20 -62.11
CA HIS F 96 19.15 -20.66 -62.03
C HIS F 96 20.35 -21.15 -62.83
N TYR F 97 21.03 -22.17 -62.30
CA TYR F 97 22.31 -22.64 -62.83
C TYR F 97 22.14 -23.99 -63.50
N HIS F 98 22.56 -24.09 -64.76
CA HIS F 98 22.54 -25.36 -65.47
C HIS F 98 23.53 -26.34 -64.84
N ASN F 99 23.07 -27.57 -64.60
CA ASN F 99 23.86 -28.63 -63.97
C ASN F 99 24.34 -28.24 -62.58
N GLY F 100 23.64 -27.32 -61.91
CA GLY F 100 24.07 -26.85 -60.61
C GLY F 100 22.94 -26.45 -59.69
N SER F 101 23.27 -25.77 -58.59
CA SER F 101 22.31 -25.43 -57.55
C SER F 101 22.48 -23.97 -57.15
N ILE F 102 21.43 -23.43 -56.53
CA ILE F 102 21.45 -22.11 -55.91
C ILE F 102 20.61 -22.17 -54.64
N VAL F 103 21.19 -21.72 -53.53
CA VAL F 103 20.43 -21.50 -52.30
C VAL F 103 20.09 -20.02 -52.26
N ARG F 104 18.80 -19.70 -52.35
CA ARG F 104 18.33 -18.32 -52.36
C ARG F 104 17.36 -18.11 -51.22
N MET F 105 17.74 -17.26 -50.27
CA MET F 105 16.87 -16.77 -49.23
C MET F 105 16.34 -15.39 -49.62
N ILE F 106 15.06 -15.15 -49.36
CA ILE F 106 14.43 -13.88 -49.67
C ILE F 106 13.59 -13.42 -48.48
N ASP F 107 13.73 -12.15 -48.12
CA ASP F 107 12.87 -11.51 -47.13
C ASP F 107 11.80 -10.71 -47.84
N PHE F 108 10.54 -10.91 -47.46
CA PHE F 108 9.41 -10.19 -48.03
C PHE F 108 8.94 -9.14 -47.03
N ALA F 109 8.71 -7.92 -47.51
CA ALA F 109 8.03 -6.91 -46.71
C ALA F 109 6.56 -7.32 -46.57
N PRO F 110 5.83 -6.71 -45.63
CA PRO F 110 4.44 -7.13 -45.41
C PRO F 110 3.59 -7.01 -46.67
N ALA F 111 2.75 -8.02 -46.89
CA ALA F 111 1.79 -8.09 -48.00
C ALA F 111 2.46 -8.06 -49.36
N VAL F 112 3.78 -8.16 -49.44
CA VAL F 112 4.46 -8.13 -50.72
C VAL F 112 4.18 -9.41 -51.48
N GLU F 113 3.93 -9.28 -52.79
CA GLU F 113 3.51 -10.38 -53.62
C GLU F 113 4.37 -10.41 -54.87
N SER F 114 4.85 -11.60 -55.23
CA SER F 114 5.71 -11.79 -56.39
C SER F 114 4.86 -11.85 -57.67
N PRO F 115 5.49 -11.68 -58.83
CA PRO F 115 4.75 -11.83 -60.08
C PRO F 115 4.54 -13.30 -60.44
N LEU F 116 3.39 -13.56 -61.07
CA LEU F 116 3.14 -14.87 -61.64
C LEU F 116 4.21 -15.18 -62.67
N HIS F 117 4.87 -16.32 -62.53
CA HIS F 117 6.05 -16.61 -63.34
C HIS F 117 6.33 -18.10 -63.32
N ARG F 118 7.22 -18.52 -64.21
CA ARG F 118 7.69 -19.90 -64.26
C ARG F 118 9.19 -19.91 -64.52
N ALA F 119 9.93 -20.59 -63.66
CA ALA F 119 11.33 -20.91 -63.90
C ALA F 119 11.43 -22.38 -64.27
N VAL F 120 12.27 -22.69 -65.26
CA VAL F 120 12.44 -24.07 -65.67
C VAL F 120 13.45 -24.68 -64.69
N SER F 121 12.93 -25.14 -63.57
CA SER F 121 13.72 -25.43 -62.38
C SER F 121 12.84 -26.26 -61.45
N ILE F 122 13.47 -27.11 -60.66
CA ILE F 122 12.81 -27.75 -59.52
C ILE F 122 13.31 -27.06 -58.26
N ASP F 123 12.37 -26.57 -57.46
CA ASP F 123 12.68 -25.69 -56.34
C ASP F 123 12.18 -26.31 -55.05
N TYR F 124 13.10 -26.55 -54.12
CA TYR F 124 12.75 -26.92 -52.75
C TYR F 124 12.56 -25.66 -51.93
N GLY F 125 11.35 -25.43 -51.45
CA GLY F 125 11.03 -24.25 -50.69
C GLY F 125 10.61 -24.60 -49.28
N ILE F 126 11.14 -23.84 -48.31
CA ILE F 126 10.74 -23.97 -46.91
C ILE F 126 10.48 -22.57 -46.36
N VAL F 127 9.43 -22.44 -45.57
CA VAL F 127 9.09 -21.17 -44.94
C VAL F 127 9.94 -21.04 -43.68
N VAL F 128 10.95 -20.17 -43.74
CA VAL F 128 11.83 -19.99 -42.59
C VAL F 128 11.14 -19.20 -41.49
N GLU F 129 10.37 -18.18 -41.86
CA GLU F 129 9.62 -17.39 -40.89
C GLU F 129 8.45 -16.73 -41.59
N GLY F 130 7.27 -16.82 -40.98
CA GLY F 130 6.09 -16.14 -41.47
C GLY F 130 5.05 -17.09 -42.05
N VAL F 131 4.13 -16.51 -42.80
CA VAL F 131 3.04 -17.24 -43.43
C VAL F 131 2.95 -16.80 -44.88
N PHE F 132 3.11 -17.76 -45.80
CA PHE F 132 3.07 -17.48 -47.23
C PHE F 132 1.96 -18.27 -47.89
N LYS F 133 1.35 -17.66 -48.91
CA LYS F 133 0.32 -18.30 -49.72
C LYS F 133 0.91 -18.57 -51.10
N LEU F 134 0.95 -19.84 -51.49
CA LEU F 134 1.48 -20.24 -52.80
C LEU F 134 0.32 -20.37 -53.77
N VAL F 135 0.36 -19.57 -54.83
CA VAL F 135 -0.72 -19.51 -55.82
C VAL F 135 -0.16 -20.02 -57.15
N LEU F 136 -0.84 -20.99 -57.73
CA LEU F 136 -0.52 -21.49 -59.05
C LEU F 136 -1.44 -20.84 -60.09
N ASP F 137 -1.04 -20.95 -61.36
CA ASP F 137 -1.73 -20.23 -62.42
C ASP F 137 -3.12 -20.77 -62.72
N SER F 138 -3.51 -21.91 -62.12
CA SER F 138 -4.85 -22.46 -62.24
C SER F 138 -5.77 -22.04 -61.09
N GLY F 139 -5.35 -21.05 -60.30
CA GLY F 139 -6.12 -20.59 -59.16
C GLY F 139 -5.98 -21.42 -57.91
N GLU F 140 -5.42 -22.64 -58.01
CA GLU F 140 -5.18 -23.45 -56.82
C GLU F 140 -4.19 -22.76 -55.90
N GLU F 141 -4.47 -22.79 -54.61
CA GLU F 141 -3.64 -22.11 -53.62
C GLU F 141 -3.46 -23.00 -52.40
N ARG F 142 -2.31 -22.82 -51.74
CA ARG F 142 -2.02 -23.50 -50.48
C ARG F 142 -1.35 -22.51 -49.55
N ILE F 143 -1.86 -22.39 -48.34
CA ILE F 143 -1.22 -21.55 -47.33
C ILE F 143 -0.08 -22.33 -46.70
N MET F 144 1.09 -21.72 -46.62
CA MET F 144 2.29 -22.36 -46.10
C MET F 144 2.78 -21.62 -44.88
N ARG F 145 2.81 -22.30 -43.74
CA ARG F 145 3.29 -21.72 -42.49
C ARG F 145 4.74 -22.13 -42.27
N GLN F 146 5.32 -21.62 -41.18
CA GLN F 146 6.72 -21.90 -40.86
C GLN F 146 6.97 -23.40 -40.76
N GLY F 147 7.96 -23.88 -41.51
CA GLY F 147 8.32 -25.28 -41.52
C GLY F 147 7.73 -26.09 -42.65
N ASP F 148 6.74 -25.56 -43.36
CA ASP F 148 6.15 -26.28 -44.47
C ASP F 148 7.07 -26.23 -45.69
N VAL F 149 7.03 -27.30 -46.48
CA VAL F 149 7.97 -27.49 -47.58
C VAL F 149 7.19 -27.72 -48.87
N SER F 150 7.67 -27.11 -49.96
CA SER F 150 7.09 -27.30 -51.28
C SER F 150 8.15 -27.79 -52.25
N VAL F 151 7.72 -28.61 -53.20
CA VAL F 151 8.56 -29.05 -54.30
C VAL F 151 7.95 -28.44 -55.56
N GLN F 152 8.51 -27.31 -56.00
CA GLN F 152 8.02 -26.60 -57.17
C GLN F 152 8.60 -27.26 -58.42
N ARG F 153 7.75 -27.93 -59.20
CA ARG F 153 8.20 -28.69 -60.36
C ARG F 153 7.90 -27.90 -61.63
N ALA F 154 8.77 -26.95 -61.92
CA ALA F 154 8.71 -26.11 -63.13
C ALA F 154 7.31 -25.57 -63.37
N THR F 155 6.61 -25.24 -62.29
CA THR F 155 5.22 -24.81 -62.35
C THR F 155 5.14 -23.28 -62.35
N ALA F 156 4.18 -22.75 -63.11
CA ALA F 156 3.88 -21.33 -63.04
C ALA F 156 3.24 -21.02 -61.70
N HIS F 157 3.88 -20.15 -60.92
CA HIS F 157 3.48 -19.94 -59.54
C HIS F 157 3.64 -18.48 -59.15
N LYS F 158 3.16 -18.18 -57.95
CA LYS F 158 3.20 -16.84 -57.37
C LYS F 158 3.29 -17.02 -55.86
N TRP F 159 4.17 -16.24 -55.23
CA TRP F 159 4.38 -16.27 -53.79
C TRP F 159 3.80 -15.00 -53.18
N ILE F 160 2.98 -15.16 -52.14
CA ILE F 160 2.33 -14.03 -51.48
C ILE F 160 2.66 -14.10 -49.99
N ASN F 161 3.22 -13.02 -49.46
CA ASN F 161 3.45 -12.91 -48.02
C ASN F 161 2.18 -12.42 -47.35
N ILE F 162 1.60 -13.24 -46.47
CA ILE F 162 0.36 -12.90 -45.79
C ILE F 162 0.51 -12.96 -44.27
N THR F 163 1.73 -12.77 -43.77
CA THR F 163 2.00 -12.95 -42.34
C THR F 163 1.29 -11.89 -41.52
N ASP F 164 0.54 -12.33 -40.52
CA ASP F 164 -0.24 -11.46 -39.63
C ASP F 164 -1.10 -10.49 -40.42
N ASN F 165 -1.89 -11.04 -41.34
CA ASN F 165 -2.85 -10.27 -42.13
C ASN F 165 -2.18 -9.17 -42.93
N GLY F 166 -1.01 -9.47 -43.49
CA GLY F 166 -0.31 -8.52 -44.33
C GLY F 166 0.35 -7.38 -43.60
N THR F 167 0.71 -7.56 -42.32
CA THR F 167 1.35 -6.52 -41.54
C THR F 167 2.76 -6.86 -41.08
N ALA F 168 3.18 -8.11 -41.22
CA ALA F 168 4.50 -8.57 -40.79
C ALA F 168 5.32 -9.04 -41.97
N PRO F 169 6.64 -8.99 -41.88
CA PRO F 169 7.49 -9.57 -42.92
C PRO F 169 7.61 -11.07 -42.78
N GLY F 170 7.99 -11.71 -43.88
CA GLY F 170 8.24 -13.14 -43.89
C GLY F 170 9.52 -13.45 -44.65
N ARG F 171 9.97 -14.69 -44.51
CA ARG F 171 11.22 -15.12 -45.13
C ARG F 171 11.08 -16.54 -45.66
N MET F 172 11.48 -16.73 -46.91
CA MET F 172 11.51 -18.04 -47.55
C MET F 172 12.95 -18.40 -47.91
N MET F 173 13.17 -19.70 -48.13
CA MET F 173 14.43 -20.19 -48.67
C MET F 173 14.14 -21.22 -49.74
N TRP F 174 14.81 -21.09 -50.88
CA TRP F 174 14.72 -22.06 -51.96
C TRP F 174 16.07 -22.65 -52.27
N ILE F 175 16.07 -23.90 -52.72
CA ILE F 175 17.22 -24.54 -53.33
C ILE F 175 16.79 -24.90 -54.74
N LEU F 176 17.30 -24.16 -55.73
CA LEU F 176 16.88 -24.28 -57.11
C LEU F 176 17.83 -25.21 -57.86
N LEU F 177 17.27 -26.25 -58.48
CA LEU F 177 18.04 -27.24 -59.20
C LEU F 177 17.67 -27.25 -60.67
N ASP F 178 18.58 -27.77 -61.50
CA ASP F 178 18.37 -27.82 -62.94
C ASP F 178 17.48 -28.99 -63.31
N CYS F 179 16.52 -28.73 -64.18
CA CYS F 179 15.63 -29.77 -64.71
C CYS F 179 15.54 -29.63 -66.21
N HIS F 180 15.13 -30.72 -66.87
CA HIS F 180 14.87 -30.66 -68.30
C HIS F 180 13.59 -29.87 -68.56
N ASP F 181 13.31 -29.62 -69.83
CA ASP F 181 12.12 -28.87 -70.20
C ASP F 181 10.88 -29.72 -70.00
N VAL F 182 9.86 -29.11 -69.38
CA VAL F 182 8.58 -29.79 -69.17
C VAL F 182 7.73 -29.65 -70.44
N VAL F 183 7.42 -30.78 -71.07
CA VAL F 183 6.69 -30.80 -72.33
C VAL F 183 5.35 -31.46 -72.07
N VAL F 184 4.28 -30.67 -72.14
CA VAL F 184 2.92 -31.15 -71.93
C VAL F 184 2.22 -31.20 -73.28
N ASN F 185 1.90 -32.41 -73.74
CA ASN F 185 1.14 -32.62 -74.97
C ASN F 185 1.84 -32.00 -76.17
N GLY F 186 3.16 -32.18 -76.26
CA GLY F 186 3.94 -31.73 -77.40
C GLY F 186 4.46 -30.31 -77.31
N GLN F 187 3.95 -29.50 -76.38
CA GLN F 187 4.32 -28.09 -76.29
C GLN F 187 5.21 -27.88 -75.07
N VAL F 188 6.41 -27.36 -75.31
CA VAL F 188 7.30 -27.01 -74.22
C VAL F 188 6.65 -25.93 -73.37
N MET F 189 6.45 -26.23 -72.09
CA MET F 189 6.01 -25.21 -71.13
C MET F 189 7.17 -24.25 -70.89
N GLU F 190 7.21 -23.13 -71.61
CA GLU F 190 8.37 -22.27 -71.51
C GLU F 190 8.22 -21.29 -70.36
N GLY F 191 9.35 -21.01 -69.70
CA GLY F 191 9.37 -20.19 -68.50
C GLY F 191 9.36 -18.72 -68.84
N TYR F 192 8.49 -17.98 -68.17
CA TYR F 192 8.41 -16.53 -68.33
C TYR F 192 8.67 -15.88 -66.99
N LEU F 193 9.41 -14.76 -67.02
CA LEU F 193 9.69 -14.04 -65.78
C LEU F 193 8.50 -13.18 -65.37
N GLY F 194 7.79 -12.62 -66.34
CA GLY F 194 6.55 -11.91 -66.08
C GLY F 194 6.75 -10.64 -65.28
N ASP F 195 5.62 -9.99 -65.00
CA ASP F 195 5.55 -8.83 -64.12
C ASP F 195 4.08 -8.58 -63.77
N LEU F 196 3.87 -8.04 -62.58
CA LEU F 196 2.51 -7.89 -62.04
C LEU F 196 1.70 -6.82 -62.76
N VAL G 13 13.35 38.16 24.38
CA VAL G 13 14.01 38.59 25.61
C VAL G 13 13.05 38.44 26.78
N LEU G 14 11.76 38.32 26.47
CA LEU G 14 10.74 38.23 27.51
C LEU G 14 10.83 36.89 28.23
N PRO G 15 10.82 36.87 29.55
CA PRO G 15 10.95 35.59 30.28
C PRO G 15 9.67 34.77 30.17
N GLY G 16 9.82 33.50 29.81
CA GLY G 16 8.69 32.61 29.71
C GLY G 16 7.87 32.77 28.44
N LEU G 17 8.41 33.41 27.42
CA LEU G 17 7.68 33.66 26.18
C LEU G 17 7.18 32.35 25.57
N ASN G 18 5.87 32.26 25.37
CA ASN G 18 5.22 31.12 24.72
C ASN G 18 5.41 29.82 25.47
N TYR G 19 5.76 29.88 26.77
CA TYR G 19 6.01 28.65 27.51
C TYR G 19 4.73 27.86 27.74
N VAL G 20 3.63 28.55 28.06
CA VAL G 20 2.37 27.90 28.41
C VAL G 20 1.61 27.64 27.11
N HIS G 21 1.80 26.45 26.55
CA HIS G 21 1.29 26.13 25.22
C HIS G 21 0.01 25.31 25.22
N SER G 22 -0.46 24.86 26.39
CA SER G 22 -1.70 24.08 26.44
C SER G 22 -2.57 24.47 27.63
N GLY G 23 -2.53 25.74 28.03
CA GLY G 23 -3.39 26.17 29.11
C GLY G 23 -2.91 25.64 30.45
N PHE G 24 -3.87 25.33 31.33
CA PHE G 24 -3.56 24.81 32.65
C PHE G 24 -3.57 23.28 32.62
N PRO G 25 -2.53 22.62 33.15
CA PRO G 25 -1.36 23.21 33.81
C PRO G 25 -0.20 23.54 32.87
N ALA G 26 0.66 24.45 33.30
CA ALA G 26 1.85 24.78 32.53
C ALA G 26 2.75 23.54 32.41
N PRO G 27 3.58 23.48 31.36
CA PRO G 27 4.47 22.32 31.20
C PRO G 27 5.37 22.14 32.41
N GLY G 28 5.51 20.89 32.84
CA GLY G 28 6.33 20.59 33.99
C GLY G 28 5.66 20.77 35.33
N LEU G 29 4.40 21.21 35.34
CA LEU G 29 3.60 21.26 36.56
C LEU G 29 2.46 20.25 36.46
N ARG G 30 1.83 19.97 37.60
CA ARG G 30 0.89 18.87 37.71
C ARG G 30 -0.54 19.32 37.50
N GLN G 31 -1.31 18.52 36.78
CA GLN G 31 -2.75 18.69 36.74
C GLN G 31 -3.33 18.42 38.12
N ILE G 32 -4.36 19.18 38.49
CA ILE G 32 -4.85 19.17 39.86
C ILE G 32 -6.21 18.49 39.93
N ASN G 33 -6.73 18.33 41.14
CA ASN G 33 -8.10 17.91 41.36
C ASN G 33 -8.77 18.91 42.28
N ARG G 34 -9.90 19.46 41.85
CA ARG G 34 -10.75 20.27 42.71
C ARG G 34 -11.97 19.45 43.10
N HIS G 35 -12.25 19.39 44.39
CA HIS G 35 -13.39 18.65 44.91
C HIS G 35 -14.34 19.62 45.59
N ILE G 36 -15.62 19.52 45.26
CA ILE G 36 -16.66 20.32 45.87
C ILE G 36 -17.66 19.37 46.54
N THR G 37 -17.84 19.52 47.84
CA THR G 37 -18.81 18.73 48.58
C THR G 37 -20.16 19.43 48.58
N GLY G 38 -21.20 18.69 48.95
CA GLY G 38 -22.53 19.25 48.98
C GLY G 38 -23.51 18.28 49.61
N HIS G 39 -24.78 18.63 49.51
CA HIS G 39 -25.86 17.87 50.12
C HIS G 39 -26.84 17.41 49.04
N ASP G 40 -27.32 16.17 49.18
CA ASP G 40 -28.35 15.63 48.32
C ASP G 40 -29.71 15.80 49.01
N ASP G 41 -30.74 15.16 48.45
CA ASP G 41 -32.10 15.37 48.95
C ASP G 41 -32.29 14.83 50.36
N ASN G 42 -31.70 13.67 50.65
CA ASN G 42 -31.84 13.07 51.98
C ASN G 42 -30.98 13.75 53.03
N GLY G 43 -30.22 14.78 52.67
CA GLY G 43 -29.33 15.42 53.62
C GLY G 43 -27.99 14.75 53.79
N LYS G 44 -27.68 13.74 52.98
CA LYS G 44 -26.36 13.14 53.01
C LYS G 44 -25.33 14.07 52.38
N SER G 45 -24.09 13.94 52.84
CA SER G 45 -22.99 14.74 52.31
C SER G 45 -22.30 13.95 51.22
N VAL G 46 -22.22 14.54 50.02
CA VAL G 46 -21.73 13.87 48.83
C VAL G 46 -20.78 14.79 48.10
N PHE G 47 -20.03 14.21 47.14
CA PHE G 47 -19.18 15.00 46.27
C PHE G 47 -19.99 15.44 45.06
N LEU G 48 -20.02 16.75 44.83
CA LEU G 48 -20.79 17.29 43.73
C LEU G 48 -20.04 17.26 42.40
N SER G 49 -18.71 17.35 42.43
CA SER G 49 -17.93 17.36 41.19
C SER G 49 -16.45 17.16 41.52
N THR G 50 -15.71 16.71 40.52
CA THR G 50 -14.25 16.63 40.57
C THR G 50 -13.72 17.14 39.24
N ASP G 51 -12.99 18.24 39.26
CA ASP G 51 -12.58 18.90 38.02
C ASP G 51 -11.24 19.58 38.22
N HIS G 52 -10.90 20.46 37.27
CA HIS G 52 -9.62 21.16 37.24
C HIS G 52 -9.75 22.63 37.58
N GLY G 53 -10.86 23.02 38.22
CA GLY G 53 -11.17 24.43 38.40
C GLY G 53 -12.03 24.94 37.25
N ASP G 54 -12.04 26.27 37.12
CA ASP G 54 -12.66 26.90 35.95
C ASP G 54 -12.03 28.27 35.75
N HIS G 55 -12.48 28.95 34.69
CA HIS G 55 -12.03 30.30 34.36
C HIS G 55 -10.52 30.37 34.16
N HIS G 56 -9.97 29.38 33.45
CA HIS G 56 -8.56 29.41 33.12
C HIS G 56 -8.24 30.62 32.24
N ARG G 57 -7.15 31.30 32.55
CA ARG G 57 -6.80 32.55 31.87
C ARG G 57 -5.31 32.58 31.61
N ILE G 58 -4.94 32.62 30.33
CA ILE G 58 -3.56 32.92 29.97
C ILE G 58 -3.25 34.36 30.37
N MET G 59 -2.05 34.57 30.91
CA MET G 59 -1.57 35.90 31.23
C MET G 59 -0.24 36.14 30.54
N GLY G 60 0.01 37.40 30.18
CA GLY G 60 1.19 37.70 29.39
C GLY G 60 1.10 37.02 28.04
N GLU G 61 2.25 36.91 27.39
CA GLU G 61 2.35 36.19 26.13
C GLU G 61 2.64 34.72 26.44
N LYS G 62 1.59 34.03 26.87
CA LYS G 62 1.67 32.64 27.33
C LYS G 62 2.74 32.48 28.41
N GLN G 63 2.86 33.50 29.26
CA GLN G 63 3.86 33.53 30.33
C GLN G 63 3.33 32.96 31.63
N ALA G 64 2.02 32.93 31.82
CA ALA G 64 1.42 32.39 33.04
C ALA G 64 -0.02 32.03 32.72
N VAL G 65 -0.63 31.25 33.61
CA VAL G 65 -2.01 30.83 33.43
C VAL G 65 -2.68 30.73 34.80
N ALA G 66 -3.81 31.41 34.95
CA ALA G 66 -4.53 31.49 36.21
C ALA G 66 -5.66 30.47 36.26
N ASN G 67 -6.06 30.12 37.48
CA ASN G 67 -7.08 29.09 37.71
C ASN G 67 -7.86 29.48 38.95
N ILE G 68 -9.18 29.66 38.79
CA ILE G 68 -10.05 30.08 39.88
C ILE G 68 -10.68 28.82 40.46
N LEU G 69 -10.16 28.36 41.60
CA LEU G 69 -10.72 27.17 42.22
C LEU G 69 -12.05 27.45 42.90
N TYR G 70 -12.26 28.67 43.39
CA TYR G 70 -13.57 29.04 43.93
C TYR G 70 -13.65 30.55 44.10
N SER G 71 -14.85 31.02 44.42
CA SER G 71 -15.10 32.42 44.71
C SER G 71 -16.45 32.54 45.42
N THR G 72 -16.59 33.62 46.18
CA THR G 72 -17.83 33.95 46.87
C THR G 72 -18.07 35.46 46.74
N GLN G 73 -19.35 35.85 46.79
CA GLN G 73 -19.73 37.25 46.61
C GLN G 73 -20.54 37.79 47.78
N GLU G 74 -20.64 37.06 48.89
CA GLU G 74 -21.47 37.46 50.00
C GLU G 74 -20.87 36.96 51.30
N THR G 75 -21.07 37.73 52.37
CA THR G 75 -20.60 37.33 53.71
C THR G 75 -21.76 37.51 54.68
N PRO G 76 -22.19 36.45 55.38
CA PRO G 76 -21.67 35.09 55.17
C PRO G 76 -22.17 34.44 53.88
N VAL G 77 -21.60 33.31 53.51
CA VAL G 77 -21.91 32.66 52.23
C VAL G 77 -23.24 31.94 52.33
N GLN G 78 -24.02 32.01 51.25
CA GLN G 78 -25.28 31.31 51.14
C GLN G 78 -25.08 30.07 50.27
N LEU G 79 -25.24 28.88 50.87
CA LEU G 79 -25.04 27.63 50.16
C LEU G 79 -26.35 26.94 49.80
N ASN G 80 -27.47 27.32 50.42
CA ASN G 80 -28.73 26.66 50.12
C ASN G 80 -29.13 26.90 48.67
N GLY G 81 -29.73 25.88 48.06
CA GLY G 81 -30.02 25.91 46.64
C GLY G 81 -28.79 25.81 45.76
N ASN G 82 -27.60 25.68 46.34
CA ASN G 82 -26.33 25.65 45.60
C ASN G 82 -26.12 26.93 44.80
N VAL G 83 -26.68 28.04 45.27
CA VAL G 83 -26.56 29.30 44.55
C VAL G 83 -25.13 29.84 44.59
N ASP G 84 -24.29 29.34 45.51
CA ASP G 84 -22.90 29.77 45.54
C ASP G 84 -22.09 29.10 44.43
N ILE G 85 -22.40 27.85 44.11
CA ILE G 85 -21.72 27.17 43.01
C ILE G 85 -22.10 27.80 41.68
N ASP G 86 -23.39 28.09 41.48
CA ASP G 86 -23.83 28.75 40.26
C ASP G 86 -23.21 30.13 40.12
N LYS G 87 -23.12 30.87 41.22
CA LYS G 87 -22.49 32.20 41.17
C LYS G 87 -21.00 32.09 40.91
N ALA G 88 -20.36 31.02 41.40
CA ALA G 88 -18.91 30.86 41.20
C ALA G 88 -18.57 30.44 39.77
N ALA G 89 -19.49 29.77 39.07
CA ALA G 89 -19.20 29.17 37.78
C ALA G 89 -19.74 29.97 36.59
N LYS G 90 -20.57 30.98 36.82
CA LYS G 90 -21.20 31.67 35.70
C LYS G 90 -20.24 32.66 35.05
N GLU G 91 -19.63 33.54 35.83
CA GLU G 91 -18.78 34.59 35.30
C GLU G 91 -17.40 34.52 35.94
N GLU G 92 -16.37 34.83 35.15
CA GLU G 92 -15.02 34.87 35.69
C GLU G 92 -14.92 36.03 36.68
N PRO G 93 -14.41 35.78 37.88
CA PRO G 93 -14.35 36.83 38.90
C PRO G 93 -13.41 37.95 38.49
N PRO G 94 -13.60 39.15 39.05
CA PRO G 94 -12.59 40.22 38.93
C PRO G 94 -11.37 39.92 39.78
N LEU G 95 -10.47 40.89 39.95
CA LEU G 95 -9.30 40.64 40.80
C LEU G 95 -9.71 40.26 42.22
N HIS G 96 -10.69 40.96 42.80
CA HIS G 96 -11.20 40.58 44.11
C HIS G 96 -12.66 41.01 44.22
N TYR G 97 -13.44 40.20 44.94
CA TYR G 97 -14.86 40.46 45.14
C TYR G 97 -15.07 41.27 46.42
N HIS G 98 -15.99 42.23 46.35
CA HIS G 98 -16.36 42.97 47.55
C HIS G 98 -17.17 42.08 48.48
N ASN G 99 -16.82 42.10 49.76
CA ASN G 99 -17.48 41.27 50.78
C ASN G 99 -17.42 39.78 50.43
N GLY G 100 -16.40 39.37 49.70
CA GLY G 100 -16.32 37.99 49.25
C GLY G 100 -14.92 37.41 49.27
N SER G 101 -14.68 36.42 48.43
CA SER G 101 -13.40 35.73 48.40
C SER G 101 -13.15 35.18 47.00
N ILE G 102 -11.86 35.08 46.66
CA ILE G 102 -11.42 34.43 45.42
C ILE G 102 -10.25 33.52 45.77
N VAL G 103 -10.32 32.27 45.30
CA VAL G 103 -9.19 31.35 45.38
C VAL G 103 -8.57 31.30 43.99
N ARG G 104 -7.42 31.93 43.83
CA ARG G 104 -6.74 32.02 42.55
C ARG G 104 -5.42 31.27 42.61
N MET G 105 -5.20 30.41 41.63
CA MET G 105 -3.96 29.64 41.48
C MET G 105 -3.30 30.05 40.16
N ILE G 106 -1.99 30.25 40.20
CA ILE G 106 -1.28 30.79 39.04
C ILE G 106 -0.01 29.98 38.81
N ASP G 107 0.08 29.34 37.65
CA ASP G 107 1.32 28.70 37.19
C ASP G 107 2.21 29.74 36.53
N PHE G 108 3.44 29.87 37.00
CA PHE G 108 4.41 30.79 36.42
C PHE G 108 5.35 30.03 35.49
N ALA G 109 5.59 30.59 34.31
CA ALA G 109 6.66 30.09 33.46
C ALA G 109 8.00 30.41 34.11
N PRO G 110 9.07 29.72 33.70
CA PRO G 110 10.39 29.99 34.30
C PRO G 110 10.78 31.45 34.22
N ALA G 111 11.13 32.02 35.37
CA ALA G 111 11.74 33.34 35.52
C ALA G 111 10.78 34.51 35.30
N VAL G 112 9.47 34.26 35.37
CA VAL G 112 8.49 35.31 35.11
C VAL G 112 8.31 36.18 36.35
N GLU G 113 8.14 37.48 36.14
CA GLU G 113 7.85 38.43 37.21
C GLU G 113 6.48 39.06 36.98
N SER G 114 5.80 39.36 38.08
CA SER G 114 4.61 40.19 37.99
C SER G 114 5.02 41.66 38.03
N PRO G 115 4.23 42.55 37.46
CA PRO G 115 4.51 43.98 37.61
C PRO G 115 4.35 44.40 39.07
N LEU G 116 5.12 45.42 39.46
CA LEU G 116 4.91 46.01 40.77
C LEU G 116 3.52 46.63 40.82
N HIS G 117 2.74 46.23 41.82
CA HIS G 117 1.33 46.58 41.85
C HIS G 117 0.84 46.50 43.28
N ARG G 118 -0.33 47.11 43.51
CA ARG G 118 -1.02 47.01 44.79
C ARG G 118 -2.48 46.68 44.54
N ALA G 119 -2.94 45.59 45.13
CA ALA G 119 -4.37 45.29 45.21
C ALA G 119 -4.83 45.61 46.62
N VAL G 120 -5.90 46.39 46.74
CA VAL G 120 -6.43 46.70 48.07
C VAL G 120 -7.27 45.50 48.49
N SER G 121 -6.60 44.54 49.11
CA SER G 121 -7.15 43.26 49.53
C SER G 121 -6.10 42.60 50.41
N ILE G 122 -6.55 41.79 51.36
CA ILE G 122 -5.67 40.96 52.15
C ILE G 122 -5.63 39.58 51.51
N ASP G 123 -4.42 39.11 51.18
CA ASP G 123 -4.25 37.89 50.40
C ASP G 123 -3.42 36.89 51.17
N TYR G 124 -4.02 35.73 51.46
CA TYR G 124 -3.27 34.58 51.97
C TYR G 124 -2.64 33.85 50.79
N GLY G 125 -1.32 33.76 50.79
CA GLY G 125 -0.59 33.11 49.71
C GLY G 125 0.23 31.94 50.21
N ILE G 126 0.20 30.84 49.47
CA ILE G 126 1.02 29.67 49.77
C ILE G 126 1.75 29.26 48.48
N VAL G 127 3.04 28.97 48.62
CA VAL G 127 3.80 28.40 47.52
C VAL G 127 3.44 26.93 47.40
N VAL G 128 2.92 26.53 46.24
CA VAL G 128 2.50 25.15 46.04
C VAL G 128 3.63 24.31 45.46
N GLU G 129 4.34 24.83 44.48
CA GLU G 129 5.53 24.17 43.94
C GLU G 129 6.48 25.24 43.42
N GLY G 130 7.75 25.11 43.78
CA GLY G 130 8.78 26.00 43.28
C GLY G 130 9.33 26.91 44.36
N VAL G 131 10.05 27.93 43.91
CA VAL G 131 10.63 28.94 44.77
C VAL G 131 10.29 30.31 44.20
N PHE G 132 9.71 31.18 45.03
CA PHE G 132 9.30 32.50 44.61
C PHE G 132 9.99 33.57 45.44
N LYS G 133 10.07 34.77 44.89
CA LYS G 133 10.67 35.92 45.55
C LYS G 133 9.62 37.02 45.65
N LEU G 134 9.23 37.34 46.88
CA LEU G 134 8.30 38.42 47.15
C LEU G 134 9.08 39.71 47.36
N VAL G 135 8.87 40.69 46.49
CA VAL G 135 9.58 41.97 46.54
C VAL G 135 8.56 43.08 46.73
N LEU G 136 8.76 43.88 47.76
CA LEU G 136 7.87 45.00 48.08
C LEU G 136 8.46 46.30 47.54
N ASP G 137 7.61 47.33 47.47
CA ASP G 137 8.00 48.60 46.86
C ASP G 137 9.17 49.27 47.57
N SER G 138 9.46 48.87 48.80
CA SER G 138 10.57 49.44 49.57
C SER G 138 11.89 48.70 49.36
N GLY G 139 11.93 47.73 48.45
CA GLY G 139 13.13 46.96 48.19
C GLY G 139 13.29 45.73 49.04
N GLU G 140 12.66 45.68 50.21
CA GLU G 140 12.69 44.48 51.04
C GLU G 140 12.14 43.28 50.27
N GLU G 141 12.77 42.12 50.48
CA GLU G 141 12.35 40.94 49.74
C GLU G 141 12.58 39.69 50.58
N ARG G 142 11.74 38.69 50.35
CA ARG G 142 11.83 37.38 50.98
C ARG G 142 11.74 36.31 49.90
N ILE G 143 12.51 35.25 50.10
CA ILE G 143 12.50 34.09 49.21
C ILE G 143 11.65 33.02 49.88
N MET G 144 10.48 32.73 49.30
CA MET G 144 9.55 31.76 49.85
C MET G 144 9.63 30.46 49.06
N ARG G 145 9.69 29.35 49.77
CA ARG G 145 9.75 28.03 49.19
C ARG G 145 8.49 27.26 49.56
N GLN G 146 8.32 26.10 48.92
CA GLN G 146 7.12 25.28 49.06
C GLN G 146 6.67 25.17 50.51
N GLY G 147 5.41 25.51 50.76
CA GLY G 147 4.85 25.48 52.09
C GLY G 147 4.95 26.80 52.85
N ASP G 148 5.78 27.73 52.41
CA ASP G 148 5.86 29.03 53.06
C ASP G 148 4.60 29.83 52.76
N VAL G 149 4.23 30.72 53.68
CA VAL G 149 2.94 31.39 53.66
C VAL G 149 3.16 32.89 53.81
N SER G 150 2.50 33.67 52.95
CA SER G 150 2.51 35.11 53.01
C SER G 150 1.14 35.64 53.40
N VAL G 151 1.13 36.75 54.12
CA VAL G 151 -0.10 37.47 54.44
C VAL G 151 0.10 38.89 53.92
N GLN G 152 -0.47 39.17 52.74
CA GLN G 152 -0.23 40.41 52.02
C GLN G 152 -1.32 41.41 52.40
N ARG G 153 -0.96 42.40 53.21
CA ARG G 153 -1.94 43.34 53.75
C ARG G 153 -2.02 44.60 52.89
N ALA G 154 -2.58 44.40 51.69
CA ALA G 154 -2.83 45.48 50.73
C ALA G 154 -1.56 46.24 50.39
N THR G 155 -0.42 45.56 50.40
CA THR G 155 0.86 46.19 50.15
C THR G 155 1.19 46.16 48.66
N ALA G 156 2.09 47.06 48.26
CA ALA G 156 2.58 47.11 46.89
C ALA G 156 3.75 46.14 46.75
N HIS G 157 3.66 45.22 45.81
CA HIS G 157 4.57 44.08 45.77
C HIS G 157 4.69 43.56 44.34
N LYS G 158 5.61 42.62 44.17
CA LYS G 158 5.72 41.85 42.93
C LYS G 158 6.23 40.46 43.28
N TRP G 159 5.78 39.48 42.50
CA TRP G 159 6.20 38.09 42.68
C TRP G 159 7.14 37.71 41.55
N ILE G 160 8.27 37.09 41.89
CA ILE G 160 9.25 36.63 40.93
C ILE G 160 9.44 35.14 41.09
N ASN G 161 9.27 34.39 40.01
CA ASN G 161 9.58 32.97 39.99
C ASN G 161 11.07 32.78 39.77
N ILE G 162 11.75 32.15 40.73
CA ILE G 162 13.18 31.91 40.63
C ILE G 162 13.50 30.42 40.74
N THR G 163 12.51 29.56 40.50
CA THR G 163 12.70 28.12 40.67
C THR G 163 13.83 27.60 39.79
N ASP G 164 14.74 26.85 40.40
CA ASP G 164 15.92 26.30 39.74
C ASP G 164 16.65 27.36 38.92
N ASN G 165 16.99 28.46 39.60
CA ASN G 165 17.78 29.53 38.99
C ASN G 165 17.12 30.06 37.71
N GLY G 166 15.80 30.15 37.73
CA GLY G 166 15.06 30.74 36.63
C GLY G 166 14.74 29.81 35.47
N THR G 167 14.94 28.51 35.62
CA THR G 167 14.74 27.56 34.54
C THR G 167 13.54 26.64 34.76
N ALA G 168 12.71 26.90 35.78
CA ALA G 168 11.66 25.96 36.10
C ALA G 168 10.33 26.66 36.38
N PRO G 169 9.21 26.05 36.00
CA PRO G 169 7.91 26.62 36.31
C PRO G 169 7.60 26.53 37.81
N GLY G 170 6.72 27.44 38.25
CA GLY G 170 6.33 27.48 39.64
C GLY G 170 4.83 27.71 39.77
N ARG G 171 4.32 27.50 40.97
CA ARG G 171 2.89 27.57 41.24
C ARG G 171 2.64 28.20 42.60
N MET G 172 1.85 29.26 42.62
CA MET G 172 1.35 29.88 43.84
C MET G 172 -0.16 29.69 43.92
N MET G 173 -0.69 29.94 45.12
CA MET G 173 -2.14 29.94 45.33
C MET G 173 -2.48 31.05 46.32
N TRP G 174 -3.50 31.84 45.98
CA TRP G 174 -3.92 32.97 46.80
C TRP G 174 -5.40 32.85 47.15
N ILE G 175 -5.72 33.31 48.35
CA ILE G 175 -7.11 33.49 48.79
C ILE G 175 -7.28 34.97 49.09
N LEU G 176 -8.04 35.65 48.24
CA LEU G 176 -8.17 37.09 48.27
C LEU G 176 -9.47 37.47 48.97
N LEU G 177 -9.37 38.25 50.03
CA LEU G 177 -10.54 38.72 50.76
C LEU G 177 -10.56 40.24 50.77
N ASP G 178 -11.74 40.80 51.01
CA ASP G 178 -11.94 42.24 50.94
C ASP G 178 -11.44 42.93 52.21
N CYS G 179 -10.99 44.17 52.05
CA CYS G 179 -10.46 44.97 53.15
C CYS G 179 -10.84 46.42 52.94
N HIS G 180 -10.83 47.19 54.03
CA HIS G 180 -11.01 48.63 53.94
C HIS G 180 -9.73 49.28 53.42
N ASP G 181 -9.89 50.48 52.88
CA ASP G 181 -8.76 51.20 52.29
C ASP G 181 -7.72 51.54 53.35
N VAL G 182 -6.46 51.35 53.01
CA VAL G 182 -5.35 51.58 53.93
C VAL G 182 -4.93 53.04 53.80
N VAL G 183 -4.94 53.75 54.93
CA VAL G 183 -4.65 55.18 54.97
C VAL G 183 -3.49 55.40 55.94
N VAL G 184 -2.40 55.96 55.43
CA VAL G 184 -1.24 56.29 56.24
C VAL G 184 -0.99 57.79 56.10
N ASN G 185 -0.98 58.51 57.23
CA ASN G 185 -0.79 59.96 57.25
C ASN G 185 -1.85 60.67 56.42
N GLY G 186 -3.11 60.27 56.63
CA GLY G 186 -4.21 60.86 55.91
C GLY G 186 -4.23 60.62 54.42
N GLN G 187 -3.37 59.75 53.91
CA GLN G 187 -3.28 59.48 52.48
C GLN G 187 -3.77 58.07 52.19
N VAL G 188 -4.81 57.96 51.36
CA VAL G 188 -5.24 56.64 50.92
C VAL G 188 -4.15 56.04 50.04
N MET G 189 -3.76 54.81 50.35
CA MET G 189 -2.79 54.09 49.54
C MET G 189 -3.56 53.39 48.42
N GLU G 190 -3.66 54.07 47.28
CA GLU G 190 -4.51 53.60 46.19
C GLU G 190 -3.91 52.37 45.52
N GLY G 191 -4.76 51.65 44.80
CA GLY G 191 -4.34 50.45 44.09
C GLY G 191 -3.98 50.75 42.65
N TYR G 192 -2.91 50.11 42.18
CA TYR G 192 -2.51 50.22 40.79
C TYR G 192 -2.16 48.84 40.25
N LEU G 193 -2.25 48.71 38.93
CA LEU G 193 -2.03 47.43 38.27
C LEU G 193 -0.66 47.31 37.61
N GLY G 194 -0.08 48.43 37.17
CA GLY G 194 1.19 48.37 36.48
C GLY G 194 1.09 47.75 35.11
N VAL H 13 -4.71 0.07 70.32
CA VAL H 13 -3.60 0.98 70.04
C VAL H 13 -4.12 2.24 69.35
N LEU H 14 -3.81 3.40 69.94
CA LEU H 14 -4.23 4.67 69.36
C LEU H 14 -3.31 5.05 68.21
N PRO H 15 -3.84 5.41 67.05
CA PRO H 15 -2.97 5.81 65.93
C PRO H 15 -2.18 7.07 66.27
N GLY H 16 -0.87 6.99 66.09
CA GLY H 16 -0.01 8.15 66.27
C GLY H 16 0.08 8.65 67.70
N LEU H 17 -0.12 7.78 68.68
CA LEU H 17 -0.02 8.19 70.08
C LEU H 17 1.39 8.71 70.38
N ASN H 18 1.45 9.88 71.02
CA ASN H 18 2.71 10.48 71.45
C ASN H 18 3.68 10.65 70.29
N TYR H 19 3.14 10.97 69.10
CA TYR H 19 4.01 11.13 67.94
C TYR H 19 4.58 12.53 67.86
N VAL H 20 3.78 13.55 68.15
CA VAL H 20 4.22 14.94 68.08
C VAL H 20 4.78 15.28 69.46
N HIS H 21 6.09 15.07 69.62
CA HIS H 21 6.76 15.26 70.90
C HIS H 21 7.28 16.68 71.11
N SER H 22 7.24 17.53 70.08
CA SER H 22 7.82 18.87 70.18
C SER H 22 6.94 19.93 69.52
N GLY H 23 5.64 19.66 69.39
CA GLY H 23 4.77 20.64 68.77
C GLY H 23 5.11 20.86 67.30
N PHE H 24 4.55 21.94 66.77
CA PHE H 24 4.80 22.29 65.38
C PHE H 24 6.27 22.66 65.20
N PRO H 25 6.98 22.06 64.22
CA PRO H 25 6.43 21.06 63.30
C PRO H 25 6.58 19.62 63.79
N ALA H 26 5.63 18.76 63.41
CA ALA H 26 5.67 17.36 63.78
C ALA H 26 6.90 16.67 63.18
N PRO H 27 7.34 15.56 63.77
CA PRO H 27 8.48 14.84 63.20
C PRO H 27 8.21 14.40 61.78
N GLY H 28 9.21 14.60 60.92
CA GLY H 28 9.10 14.26 59.51
C GLY H 28 8.52 15.34 58.63
N LEU H 29 8.10 16.47 59.18
CA LEU H 29 7.54 17.58 58.42
C LEU H 29 8.40 18.83 58.62
N ARG H 30 8.19 19.80 57.73
CA ARG H 30 9.08 20.95 57.62
C ARG H 30 8.61 22.12 58.45
N GLN H 31 9.57 22.78 59.10
CA GLN H 31 9.32 24.09 59.71
C GLN H 31 9.00 25.10 58.61
N ILE H 32 8.07 26.01 58.91
CA ILE H 32 7.56 26.94 57.91
C ILE H 32 8.08 28.34 58.19
N ASN H 33 7.88 29.22 57.22
CA ASN H 33 8.06 30.65 57.37
C ASN H 33 6.71 31.32 57.13
N ARG H 34 6.35 32.28 57.97
CA ARG H 34 5.16 33.09 57.77
C ARG H 34 5.57 34.55 57.68
N HIS H 35 5.28 35.18 56.56
CA HIS H 35 5.59 36.58 56.32
C HIS H 35 4.30 37.38 56.33
N ILE H 36 4.30 38.49 57.06
CA ILE H 36 3.18 39.42 57.13
C ILE H 36 3.68 40.79 56.68
N THR H 37 3.06 41.33 55.63
CA THR H 37 3.47 42.60 55.06
C THR H 37 2.64 43.74 55.64
N GLY H 38 3.20 44.94 55.57
CA GLY H 38 2.51 46.10 56.06
C GLY H 38 3.17 47.38 55.59
N HIS H 39 2.80 48.49 56.24
CA HIS H 39 3.29 49.81 55.89
C HIS H 39 4.00 50.44 57.08
N ASP H 40 5.13 51.07 56.82
CA ASP H 40 5.85 51.81 57.85
C ASP H 40 5.23 53.19 57.99
N ASP H 41 5.91 54.09 58.69
CA ASP H 41 5.39 55.44 58.89
C ASP H 41 5.23 56.17 57.57
N ASN H 42 6.18 56.00 56.65
CA ASN H 42 6.26 56.83 55.45
C ASN H 42 5.49 56.26 54.26
N GLY H 43 4.77 55.15 54.43
CA GLY H 43 3.91 54.63 53.39
C GLY H 43 4.50 53.54 52.52
N LYS H 44 5.80 53.31 52.58
CA LYS H 44 6.39 52.20 51.85
C LYS H 44 5.93 50.87 52.44
N SER H 45 5.92 49.84 51.60
CA SER H 45 5.49 48.52 52.02
C SER H 45 6.69 47.73 52.54
N VAL H 46 6.56 47.21 53.76
CA VAL H 46 7.65 46.52 54.43
C VAL H 46 7.15 45.17 54.94
N PHE H 47 8.10 44.33 55.37
CA PHE H 47 7.79 43.08 56.05
C PHE H 47 7.73 43.34 57.54
N LEU H 48 6.58 43.05 58.14
CA LEU H 48 6.40 43.25 59.58
C LEU H 48 6.90 42.06 60.38
N SER H 49 6.57 40.85 59.94
CA SER H 49 6.77 39.64 60.73
C SER H 49 7.48 38.57 59.91
N THR H 50 8.15 37.67 60.63
CA THR H 50 8.62 36.41 60.08
C THR H 50 8.71 35.43 61.25
N ASP H 51 7.72 34.57 61.36
CA ASP H 51 7.61 33.64 62.49
C ASP H 51 7.16 32.29 61.96
N HIS H 52 6.74 31.42 62.88
CA HIS H 52 6.28 30.07 62.56
C HIS H 52 4.77 29.94 62.68
N GLY H 53 4.04 31.06 62.62
CA GLY H 53 2.63 31.05 62.93
C GLY H 53 2.37 31.40 64.38
N ASP H 54 1.13 31.20 64.79
CA ASP H 54 0.73 31.49 66.16
C ASP H 54 -0.29 30.47 66.62
N HIS H 55 -0.52 30.46 67.94
CA HIS H 55 -1.54 29.63 68.58
C HIS H 55 -1.38 28.15 68.21
N HIS H 56 -0.19 27.62 68.40
CA HIS H 56 0.03 26.19 68.24
C HIS H 56 -0.79 25.44 69.28
N ARG H 57 -1.42 24.34 68.85
CA ARG H 57 -2.28 23.57 69.73
C ARG H 57 -2.09 22.09 69.44
N ILE H 58 -1.79 21.32 70.48
CA ILE H 58 -1.74 19.87 70.37
C ILE H 58 -3.15 19.32 70.43
N MET H 59 -3.44 18.33 69.59
CA MET H 59 -4.75 17.70 69.53
C MET H 59 -4.61 16.21 69.78
N GLY H 60 -5.59 15.64 70.49
CA GLY H 60 -5.50 14.24 70.85
C GLY H 60 -4.33 13.97 71.76
N GLU H 61 -3.83 12.74 71.71
CA GLU H 61 -2.72 12.31 72.54
C GLU H 61 -1.40 12.55 71.79
N LYS H 62 -1.11 13.82 71.58
CA LYS H 62 0.01 14.23 70.72
C LYS H 62 -0.09 13.56 69.35
N GLN H 63 -1.31 13.50 68.83
CA GLN H 63 -1.59 12.86 67.55
C GLN H 63 -1.62 13.84 66.39
N ALA H 64 -1.65 15.14 66.68
CA ALA H 64 -1.73 16.18 65.66
C ALA H 64 -1.49 17.52 66.35
N VAL H 65 -1.13 18.52 65.56
CA VAL H 65 -0.89 19.86 66.06
C VAL H 65 -1.40 20.86 65.05
N ALA H 66 -2.03 21.93 65.54
CA ALA H 66 -2.60 22.98 64.72
C ALA H 66 -1.72 24.22 64.77
N ASN H 67 -1.82 25.04 63.71
CA ASN H 67 -1.03 26.26 63.58
C ASN H 67 -1.90 27.30 62.88
N ILE H 68 -2.33 28.32 63.63
CA ILE H 68 -3.23 29.34 63.10
C ILE H 68 -2.38 30.40 62.42
N LEU H 69 -2.36 30.38 61.09
CA LEU H 69 -1.49 31.28 60.35
C LEU H 69 -2.01 32.71 60.36
N TYR H 70 -3.33 32.89 60.43
CA TYR H 70 -3.93 34.21 60.50
C TYR H 70 -5.42 34.05 60.78
N SER H 71 -6.09 35.17 60.97
CA SER H 71 -7.54 35.21 61.14
C SER H 71 -8.00 36.66 61.04
N THR H 72 -9.26 36.82 60.64
CA THR H 72 -9.92 38.12 60.59
C THR H 72 -11.30 37.98 61.20
N GLN H 73 -11.78 39.06 61.83
CA GLN H 73 -13.03 39.01 62.57
C GLN H 73 -14.07 39.98 62.02
N GLU H 74 -13.87 40.51 60.82
CA GLU H 74 -14.81 41.45 60.22
C GLU H 74 -14.62 41.43 58.70
N THR H 75 -15.68 41.79 57.99
CA THR H 75 -15.59 41.87 56.54
C THR H 75 -16.33 43.10 56.03
N PRO H 76 -15.67 43.99 55.27
CA PRO H 76 -14.25 43.91 54.89
C PRO H 76 -13.30 44.09 56.08
N VAL H 77 -12.05 43.64 55.91
CA VAL H 77 -11.10 43.58 57.01
C VAL H 77 -10.51 44.96 57.26
N GLN H 78 -10.49 45.38 58.52
CA GLN H 78 -9.89 46.65 58.89
C GLN H 78 -8.39 46.45 59.11
N LEU H 79 -7.58 47.15 58.30
CA LEU H 79 -6.13 47.00 58.35
C LEU H 79 -5.40 48.18 58.99
N ASN H 80 -6.08 49.32 59.18
CA ASN H 80 -5.40 50.52 59.65
C ASN H 80 -5.04 50.40 61.12
N GLY H 81 -3.92 51.02 61.48
CA GLY H 81 -3.41 50.89 62.83
C GLY H 81 -3.02 49.48 63.22
N ASN H 82 -2.90 48.58 62.24
CA ASN H 82 -2.52 47.18 62.46
C ASN H 82 -3.48 46.48 63.42
N VAL H 83 -4.76 46.89 63.42
CA VAL H 83 -5.70 46.30 64.38
C VAL H 83 -6.05 44.87 64.00
N ASP H 84 -5.96 44.52 62.72
CA ASP H 84 -6.21 43.14 62.32
C ASP H 84 -5.13 42.21 62.85
N ILE H 85 -3.88 42.68 62.89
CA ILE H 85 -2.79 41.87 63.40
C ILE H 85 -2.96 41.63 64.90
N ASP H 86 -3.30 42.68 65.65
CA ASP H 86 -3.41 42.55 67.10
C ASP H 86 -4.57 41.64 67.49
N LYS H 87 -5.69 41.73 66.76
CA LYS H 87 -6.80 40.82 67.01
C LYS H 87 -6.38 39.37 66.76
N ALA H 88 -5.56 39.15 65.73
CA ALA H 88 -5.15 37.78 65.40
C ALA H 88 -4.18 37.20 66.43
N ALA H 89 -3.35 38.04 67.03
CA ALA H 89 -2.30 37.58 67.93
C ALA H 89 -2.73 37.51 69.39
N LYS H 90 -3.88 38.10 69.74
CA LYS H 90 -4.24 38.28 71.15
C LYS H 90 -5.10 37.17 71.73
N GLU H 91 -5.70 36.31 70.90
CA GLU H 91 -6.51 35.22 71.42
C GLU H 91 -6.50 34.08 70.41
N GLU H 92 -6.56 32.85 70.92
CA GLU H 92 -6.66 31.69 70.04
C GLU H 92 -8.04 31.68 69.38
N PRO H 93 -8.12 31.57 68.06
CA PRO H 93 -9.43 31.64 67.42
C PRO H 93 -10.24 30.38 67.67
N PRO H 94 -11.57 30.47 67.61
CA PRO H 94 -12.42 29.26 67.67
C PRO H 94 -12.42 28.51 66.36
N LEU H 95 -13.32 27.53 66.21
CA LEU H 95 -13.39 26.77 64.97
C LEU H 95 -13.69 27.68 63.77
N HIS H 96 -14.69 28.56 63.88
CA HIS H 96 -14.94 29.54 62.85
C HIS H 96 -15.24 30.89 63.48
N TYR H 97 -14.77 31.95 62.83
CA TYR H 97 -15.07 33.33 63.22
C TYR H 97 -16.31 33.79 62.48
N HIS H 98 -17.28 34.33 63.22
CA HIS H 98 -18.46 34.91 62.58
C HIS H 98 -18.05 36.15 61.79
N ASN H 99 -18.45 36.19 60.52
CA ASN H 99 -18.14 37.27 59.59
C ASN H 99 -16.64 37.40 59.34
N GLY H 100 -15.88 36.33 59.52
CA GLY H 100 -14.44 36.40 59.36
C GLY H 100 -13.81 35.17 58.73
N SER H 101 -12.54 34.92 59.06
CA SER H 101 -11.79 33.84 58.43
C SER H 101 -10.76 33.29 59.42
N ILE H 102 -10.31 32.07 59.16
CA ILE H 102 -9.21 31.44 59.87
C ILE H 102 -8.37 30.66 58.87
N VAL H 103 -7.05 30.74 59.02
CA VAL H 103 -6.12 29.91 58.27
C VAL H 103 -5.52 28.92 59.27
N ARG H 104 -6.09 27.72 59.32
CA ARG H 104 -5.66 26.68 60.25
C ARG H 104 -4.90 25.61 59.48
N MET H 105 -3.62 25.44 59.81
CA MET H 105 -2.78 24.41 59.23
C MET H 105 -2.55 23.32 60.26
N ILE H 106 -2.73 22.07 59.85
CA ILE H 106 -2.70 20.94 60.79
C ILE H 106 -1.71 19.90 60.30
N ASP H 107 -0.83 19.44 61.19
CA ASP H 107 0.05 18.32 60.94
C ASP H 107 -0.57 17.06 61.51
N PHE H 108 -0.67 16.01 60.69
CA PHE H 108 -1.24 14.74 61.10
C PHE H 108 -0.12 13.73 61.35
N ALA H 109 -0.21 13.01 62.47
CA ALA H 109 0.68 11.89 62.73
C ALA H 109 0.30 10.74 61.80
N PRO H 110 1.18 9.73 61.67
CA PRO H 110 0.87 8.60 60.77
C PRO H 110 -0.46 7.92 61.12
N ALA H 111 -1.27 7.67 60.10
CA ALA H 111 -2.57 7.00 60.15
C ALA H 111 -3.61 7.73 60.98
N VAL H 112 -3.31 8.93 61.49
CA VAL H 112 -4.25 9.62 62.37
C VAL H 112 -5.48 10.04 61.58
N GLU H 113 -6.66 9.79 62.15
CA GLU H 113 -7.92 10.07 61.51
C GLU H 113 -8.75 11.01 62.38
N SER H 114 -9.45 11.94 61.75
CA SER H 114 -10.34 12.85 62.44
C SER H 114 -11.68 12.18 62.75
N PRO H 115 -12.43 12.71 63.70
CA PRO H 115 -13.79 12.21 63.91
C PRO H 115 -14.75 12.77 62.87
N LEU H 116 -15.80 12.00 62.60
CA LEU H 116 -16.86 12.45 61.73
C LEU H 116 -17.56 13.66 62.36
N HIS H 117 -17.49 14.80 61.69
CA HIS H 117 -17.95 16.05 62.27
C HIS H 117 -18.46 16.97 61.17
N ARG H 118 -19.02 18.10 61.59
CA ARG H 118 -19.47 19.13 60.65
C ARG H 118 -19.30 20.49 61.30
N ALA H 119 -18.45 21.33 60.73
CA ALA H 119 -18.42 22.74 61.04
C ALA H 119 -19.34 23.47 60.07
N VAL H 120 -20.11 24.42 60.58
CA VAL H 120 -20.97 25.20 59.69
C VAL H 120 -20.11 26.33 59.12
N SER H 121 -19.39 26.02 58.04
CA SER H 121 -18.47 26.92 57.39
C SER H 121 -18.10 26.32 56.05
N ILE H 122 -17.82 27.19 55.07
CA ILE H 122 -17.24 26.76 53.81
C ILE H 122 -15.72 26.81 53.97
N ASP H 123 -15.04 25.76 53.51
CA ASP H 123 -13.64 25.57 53.86
C ASP H 123 -12.84 25.23 52.61
N TYR H 124 -11.84 26.07 52.32
CA TYR H 124 -10.89 25.83 51.23
C TYR H 124 -9.69 25.08 51.80
N GLY H 125 -9.56 23.82 51.45
CA GLY H 125 -8.45 22.98 51.91
C GLY H 125 -7.53 22.62 50.76
N ILE H 126 -6.23 22.61 51.06
CA ILE H 126 -5.22 22.15 50.12
C ILE H 126 -4.27 21.23 50.87
N VAL H 127 -3.81 20.17 50.21
CA VAL H 127 -2.84 19.26 50.80
C VAL H 127 -1.45 19.85 50.63
N VAL H 128 -0.80 20.16 51.74
CA VAL H 128 0.54 20.73 51.71
C VAL H 128 1.61 19.65 51.59
N GLU H 129 1.40 18.52 52.27
CA GLU H 129 2.30 17.38 52.17
C GLU H 129 1.54 16.14 52.62
N GLY H 130 1.79 15.03 51.94
CA GLY H 130 1.14 13.78 52.27
C GLY H 130 0.00 13.46 51.32
N VAL H 131 -0.71 12.38 51.66
CA VAL H 131 -1.89 11.93 50.93
C VAL H 131 -2.99 11.70 51.95
N PHE H 132 -4.13 12.35 51.74
CA PHE H 132 -5.24 12.29 52.68
C PHE H 132 -6.47 11.71 52.01
N LYS H 133 -7.33 11.10 52.83
CA LYS H 133 -8.62 10.59 52.39
C LYS H 133 -9.72 11.43 53.03
N LEU H 134 -10.59 11.98 52.18
CA LEU H 134 -11.78 12.71 52.64
C LEU H 134 -12.98 11.78 52.50
N VAL H 135 -13.59 11.44 53.64
CA VAL H 135 -14.79 10.61 53.67
C VAL H 135 -15.94 11.46 54.15
N LEU H 136 -17.11 11.30 53.51
CA LEU H 136 -18.32 12.00 53.89
C LEU H 136 -19.29 11.02 54.52
N ASP H 137 -20.26 11.57 55.29
CA ASP H 137 -21.14 10.72 56.08
C ASP H 137 -21.93 9.74 55.23
N SER H 138 -22.11 10.03 53.94
CA SER H 138 -22.80 9.10 53.05
C SER H 138 -21.93 7.92 52.66
N GLY H 139 -20.63 7.96 52.95
CA GLY H 139 -19.70 6.91 52.56
C GLY H 139 -18.80 7.27 51.40
N GLU H 140 -19.22 8.22 50.56
CA GLU H 140 -18.40 8.63 49.43
C GLU H 140 -17.05 9.14 49.91
N GLU H 141 -16.01 8.88 49.11
CA GLU H 141 -14.65 9.24 49.50
C GLU H 141 -13.85 9.65 48.29
N ARG H 142 -12.89 10.55 48.51
CA ARG H 142 -11.91 10.95 47.50
C ARG H 142 -10.53 10.94 48.14
N ILE H 143 -9.53 10.54 47.37
CA ILE H 143 -8.14 10.54 47.83
C ILE H 143 -7.44 11.75 47.25
N MET H 144 -6.89 12.60 48.12
CA MET H 144 -6.30 13.87 47.72
C MET H 144 -4.82 13.84 48.04
N ARG H 145 -3.99 14.11 47.03
CA ARG H 145 -2.55 14.17 47.18
C ARG H 145 -2.10 15.62 47.23
N GLN H 146 -0.79 15.84 47.25
CA GLN H 146 -0.24 17.19 47.35
C GLN H 146 -0.70 18.06 46.19
N GLY H 147 -1.22 19.25 46.52
CA GLY H 147 -1.71 20.17 45.54
C GLY H 147 -3.20 20.06 45.26
N ASP H 148 -3.81 18.92 45.58
CA ASP H 148 -5.25 18.77 45.40
C ASP H 148 -6.00 19.72 46.35
N VAL H 149 -7.14 20.21 45.89
CA VAL H 149 -7.91 21.24 46.58
C VAL H 149 -9.32 20.75 46.78
N SER H 150 -9.91 21.09 47.93
CA SER H 150 -11.30 20.73 48.23
C SER H 150 -12.07 21.97 48.69
N VAL H 151 -13.32 22.05 48.26
CA VAL H 151 -14.26 23.08 48.71
C VAL H 151 -15.31 22.38 49.54
N GLN H 152 -15.18 22.48 50.87
CA GLN H 152 -16.07 21.79 51.80
C GLN H 152 -17.19 22.73 52.20
N ARG H 153 -18.41 22.45 51.73
CA ARG H 153 -19.54 23.34 51.93
C ARG H 153 -20.43 22.81 53.06
N ALA H 154 -19.88 22.93 54.28
CA ALA H 154 -20.62 22.66 55.52
C ALA H 154 -21.12 21.22 55.59
N THR H 155 -20.28 20.29 55.14
CA THR H 155 -20.66 18.88 55.05
C THR H 155 -20.06 18.07 56.19
N ALA H 156 -20.72 16.95 56.50
CA ALA H 156 -20.23 16.02 57.51
C ALA H 156 -19.11 15.17 56.93
N HIS H 157 -17.96 15.19 57.58
CA HIS H 157 -16.77 14.58 56.97
C HIS H 157 -15.77 14.18 58.04
N LYS H 158 -14.82 13.35 57.61
CA LYS H 158 -13.63 13.02 58.38
C LYS H 158 -12.43 13.06 57.45
N TRP H 159 -11.29 13.50 57.99
CA TRP H 159 -10.03 13.50 57.27
C TRP H 159 -9.17 12.35 57.78
N ILE H 160 -8.58 11.61 56.86
CA ILE H 160 -7.73 10.46 57.19
C ILE H 160 -6.37 10.67 56.54
N ASN H 161 -5.31 10.57 57.35
CA ASN H 161 -3.95 10.55 56.83
C ASN H 161 -3.60 9.13 56.44
N ILE H 162 -3.18 8.93 55.18
CA ILE H 162 -2.86 7.61 54.68
C ILE H 162 -1.48 7.61 54.03
N THR H 163 -0.72 8.68 54.23
CA THR H 163 0.56 8.85 53.55
C THR H 163 1.47 7.65 53.78
N ASP H 164 2.01 7.11 52.68
CA ASP H 164 2.86 5.92 52.69
C ASP H 164 2.27 4.80 53.53
N ASN H 165 1.02 4.46 53.23
CA ASN H 165 0.32 3.32 53.85
C ASN H 165 0.23 3.47 55.37
N GLY H 166 0.05 4.70 55.83
CA GLY H 166 -0.13 4.92 57.25
C GLY H 166 1.14 4.98 58.06
N THR H 167 2.30 5.18 57.43
CA THR H 167 3.58 5.27 58.13
C THR H 167 4.25 6.62 57.96
N ALA H 168 3.57 7.61 57.40
CA ALA H 168 4.17 8.91 57.17
C ALA H 168 3.26 10.02 57.68
N PRO H 169 3.83 11.15 58.09
CA PRO H 169 3.02 12.30 58.48
C PRO H 169 2.71 13.20 57.28
N GLY H 170 1.60 13.93 57.42
CA GLY H 170 1.14 14.80 56.35
C GLY H 170 0.55 16.07 56.91
N ARG H 171 0.41 17.06 56.02
CA ARG H 171 0.00 18.40 56.40
C ARG H 171 -1.11 18.91 55.50
N MET H 172 -2.18 19.41 56.11
CA MET H 172 -3.26 20.08 55.42
C MET H 172 -3.27 21.56 55.80
N MET H 173 -3.94 22.36 54.97
CA MET H 173 -4.12 23.78 55.27
C MET H 173 -5.51 24.20 54.82
N TRP H 174 -6.27 24.81 55.73
CA TRP H 174 -7.63 25.23 55.47
C TRP H 174 -7.77 26.74 55.63
N ILE H 175 -8.70 27.31 54.87
CA ILE H 175 -9.17 28.68 55.07
C ILE H 175 -10.66 28.57 55.34
N LEU H 176 -11.06 28.82 56.59
CA LEU H 176 -12.44 28.65 57.00
C LEU H 176 -13.17 29.99 56.90
N LEU H 177 -14.28 29.99 56.17
CA LEU H 177 -15.10 31.19 55.98
C LEU H 177 -16.48 30.96 56.57
N ASP H 178 -17.08 32.04 57.07
CA ASP H 178 -18.40 31.93 57.70
C ASP H 178 -19.46 31.75 56.63
N CYS H 179 -20.35 30.79 56.84
CA CYS H 179 -21.46 30.54 55.92
C CYS H 179 -22.76 30.55 56.72
N HIS H 180 -23.87 30.49 56.00
CA HIS H 180 -25.16 30.30 56.64
C HIS H 180 -25.42 28.82 56.87
N ASP H 181 -26.44 28.53 57.68
CA ASP H 181 -26.80 27.15 57.93
C ASP H 181 -27.42 26.53 56.68
N VAL H 182 -27.05 25.28 56.40
CA VAL H 182 -27.65 24.53 55.32
C VAL H 182 -28.95 23.90 55.84
N VAL H 183 -30.03 24.08 55.10
CA VAL H 183 -31.35 23.58 55.49
C VAL H 183 -31.86 22.67 54.38
N VAL H 184 -32.00 21.38 54.70
CA VAL H 184 -32.47 20.37 53.76
C VAL H 184 -33.78 19.82 54.30
N ASN H 185 -34.82 19.87 53.46
CA ASN H 185 -36.15 19.36 53.82
C ASN H 185 -36.69 20.01 55.09
N GLY H 186 -36.30 21.25 55.35
CA GLY H 186 -36.74 21.95 56.54
C GLY H 186 -36.01 21.58 57.80
N GLN H 187 -34.90 20.85 57.72
CA GLN H 187 -34.11 20.46 58.87
C GLN H 187 -32.75 21.13 58.80
N VAL H 188 -32.37 21.83 59.87
CA VAL H 188 -31.07 22.49 59.92
C VAL H 188 -29.97 21.44 60.02
N MET H 189 -28.99 21.53 59.12
CA MET H 189 -27.81 20.68 59.19
C MET H 189 -26.91 21.20 60.30
N GLU H 190 -27.23 20.78 61.52
CA GLU H 190 -26.52 21.30 62.68
C GLU H 190 -25.12 20.71 62.78
N GLY H 191 -24.21 21.52 63.31
CA GLY H 191 -22.85 21.07 63.49
C GLY H 191 -22.69 20.16 64.70
N TYR H 192 -21.72 19.26 64.60
CA TYR H 192 -21.31 18.43 65.71
C TYR H 192 -19.81 18.22 65.63
N LEU H 193 -19.18 18.07 66.80
CA LEU H 193 -17.74 17.88 66.88
C LEU H 193 -17.34 16.44 67.17
N GLY H 194 -18.32 15.55 67.36
CA GLY H 194 -18.03 14.13 67.55
C GLY H 194 -17.19 13.80 68.76
N VAL I 13 -47.62 -4.84 3.28
CA VAL I 13 -47.32 -4.42 4.63
C VAL I 13 -45.79 -4.31 4.75
N LEU I 14 -45.08 -4.55 3.64
CA LEU I 14 -43.66 -4.24 3.60
C LEU I 14 -43.50 -2.88 2.94
N PRO I 15 -43.41 -1.78 3.70
CA PRO I 15 -43.50 -0.45 3.08
C PRO I 15 -42.21 -0.07 2.37
N GLY I 16 -42.35 0.47 1.16
CA GLY I 16 -41.22 1.02 0.42
C GLY I 16 -40.27 0.00 -0.15
N LEU I 17 -40.79 -1.13 -0.64
CA LEU I 17 -39.95 -2.19 -1.17
C LEU I 17 -39.28 -1.74 -2.47
N ASN I 18 -37.94 -1.69 -2.44
CA ASN I 18 -37.13 -1.33 -3.61
C ASN I 18 -37.39 0.10 -4.08
N TYR I 19 -37.80 0.98 -3.15
CA TYR I 19 -38.11 2.35 -3.52
C TYR I 19 -36.85 3.19 -3.72
N VAL I 20 -35.84 2.99 -2.88
CA VAL I 20 -34.57 3.71 -3.03
C VAL I 20 -33.71 2.97 -4.05
N HIS I 21 -33.79 3.38 -5.31
CA HIS I 21 -33.15 2.63 -6.39
C HIS I 21 -31.78 3.16 -6.79
N SER I 22 -31.38 4.34 -6.30
CA SER I 22 -30.08 4.89 -6.68
C SER I 22 -29.36 5.54 -5.50
N GLY I 23 -29.53 5.00 -4.30
CA GLY I 23 -28.88 5.56 -3.15
C GLY I 23 -29.44 6.91 -2.75
N PHE I 24 -28.60 7.68 -2.06
CA PHE I 24 -28.99 9.01 -1.62
C PHE I 24 -28.81 10.01 -2.76
N PRO I 25 -29.82 10.85 -3.04
CA PRO I 25 -31.10 10.96 -2.32
C PRO I 25 -32.16 9.97 -2.79
N ALA I 26 -33.12 9.68 -1.92
CA ALA I 26 -34.26 8.86 -2.30
C ALA I 26 -35.12 9.57 -3.34
N PRO I 27 -35.83 8.84 -4.19
CA PRO I 27 -36.69 9.47 -5.19
C PRO I 27 -37.75 10.34 -4.53
N GLY I 28 -37.81 11.60 -4.94
CA GLY I 28 -38.73 12.57 -4.37
C GLY I 28 -38.09 13.54 -3.41
N LEU I 29 -36.92 13.23 -2.88
CA LEU I 29 -36.18 14.12 -2.01
C LEU I 29 -34.99 14.71 -2.76
N ARG I 30 -34.40 15.76 -2.18
CA ARG I 30 -33.44 16.59 -2.87
C ARG I 30 -32.00 16.18 -2.53
N GLN I 31 -31.14 16.22 -3.55
CA GLN I 31 -29.71 16.17 -3.29
C GLN I 31 -29.29 17.40 -2.50
N ILE I 32 -28.32 17.23 -1.61
CA ILE I 32 -27.96 18.27 -0.67
C ILE I 32 -26.57 18.81 -0.99
N ASN I 33 -26.18 19.85 -0.26
CA ASN I 33 -24.81 20.35 -0.23
C ASN I 33 -24.31 20.29 1.20
N ARG I 34 -23.10 19.76 1.39
CA ARG I 34 -22.43 19.78 2.68
C ARG I 34 -21.13 20.54 2.53
N HIS I 35 -21.00 21.65 3.23
CA HIS I 35 -19.82 22.50 3.17
C HIS I 35 -19.03 22.38 4.46
N ILE I 36 -17.75 22.06 4.35
CA ILE I 36 -16.84 21.95 5.49
C ILE I 36 -15.80 23.06 5.37
N THR I 37 -15.57 23.77 6.48
CA THR I 37 -14.64 24.88 6.51
C THR I 37 -13.33 24.47 7.16
N GLY I 38 -12.30 25.27 6.92
CA GLY I 38 -11.00 25.01 7.50
C GLY I 38 -10.10 26.21 7.36
N HIS I 39 -8.83 26.01 7.68
CA HIS I 39 -7.82 27.05 7.61
C HIS I 39 -6.73 26.65 6.63
N ASP I 40 -6.23 27.63 5.88
CA ASP I 40 -5.08 27.40 5.02
C ASP I 40 -3.81 27.79 5.77
N ASP I 41 -2.66 27.60 5.11
CA ASP I 41 -1.36 27.72 5.77
C ASP I 41 -1.05 29.14 6.24
N ASN I 42 -1.93 30.09 5.94
CA ASN I 42 -1.71 31.48 6.32
C ASN I 42 -2.79 32.00 7.25
N GLY I 43 -3.55 31.12 7.90
CA GLY I 43 -4.51 31.54 8.89
C GLY I 43 -5.81 32.07 8.35
N LYS I 44 -6.13 31.82 7.08
CA LYS I 44 -7.37 32.28 6.50
C LYS I 44 -8.42 31.18 6.53
N SER I 45 -9.67 31.57 6.71
CA SER I 45 -10.79 30.64 6.72
C SER I 45 -11.21 30.36 5.29
N VAL I 46 -11.03 29.12 4.84
CA VAL I 46 -11.37 28.73 3.47
C VAL I 46 -12.31 27.55 3.51
N PHE I 47 -12.95 27.30 2.37
CA PHE I 47 -13.82 26.15 2.20
C PHE I 47 -12.99 24.95 1.74
N LEU I 48 -13.08 23.86 2.48
CA LEU I 48 -12.28 22.68 2.17
C LEU I 48 -12.97 21.72 1.21
N SER I 49 -14.31 21.66 1.25
CA SER I 49 -15.01 20.71 0.40
C SER I 49 -16.49 21.07 0.32
N THR I 50 -17.09 20.71 -0.80
CA THR I 50 -18.54 20.70 -0.99
C THR I 50 -18.90 19.37 -1.64
N ASP I 51 -19.75 18.59 -0.99
CA ASP I 51 -20.07 17.26 -1.49
C ASP I 51 -21.48 16.89 -1.06
N HIS I 52 -21.81 15.60 -1.14
CA HIS I 52 -23.11 15.08 -0.80
C HIS I 52 -23.12 14.33 0.53
N GLY I 53 -22.08 14.47 1.33
CA GLY I 53 -21.95 13.70 2.54
C GLY I 53 -20.99 12.54 2.40
N ASP I 54 -21.17 11.50 3.20
CA ASP I 54 -20.26 10.37 3.21
C ASP I 54 -20.95 9.17 3.83
N HIS I 55 -20.38 7.99 3.59
CA HIS I 55 -20.81 6.75 4.24
C HIS I 55 -22.29 6.47 3.99
N HIS I 56 -22.71 6.59 2.74
CA HIS I 56 -24.08 6.24 2.38
C HIS I 56 -24.32 4.77 2.67
N ARG I 57 -25.50 4.46 3.18
CA ARG I 57 -25.84 3.09 3.55
C ARG I 57 -27.30 2.83 3.24
N ILE I 58 -27.56 1.87 2.35
CA ILE I 58 -28.92 1.38 2.17
C ILE I 58 -29.37 0.69 3.45
N MET I 59 -30.67 0.79 3.75
CA MET I 59 -31.24 0.15 4.91
C MET I 59 -32.50 -0.60 4.51
N GLY I 60 -32.70 -1.77 5.10
CA GLY I 60 -33.83 -2.60 4.75
C GLY I 60 -33.76 -3.06 3.31
N GLU I 61 -34.94 -3.36 2.76
CA GLU I 61 -35.08 -3.79 1.37
C GLU I 61 -35.16 -2.57 0.45
N LYS I 62 -34.08 -1.77 0.50
CA LYS I 62 -34.04 -0.46 -0.16
C LYS I 62 -35.18 0.43 0.31
N GLN I 63 -35.46 0.37 1.61
CA GLN I 63 -36.54 1.14 2.22
C GLN I 63 -36.08 2.48 2.78
N ALA I 64 -34.77 2.71 2.86
CA ALA I 64 -34.21 3.94 3.39
C ALA I 64 -32.73 3.99 3.03
N VAL I 65 -32.14 5.17 3.20
CA VAL I 65 -30.71 5.35 2.99
C VAL I 65 -30.20 6.36 4.00
N ALA I 66 -29.10 6.03 4.66
CA ALA I 66 -28.47 6.91 5.64
C ALA I 66 -27.32 7.67 5.00
N ASN I 67 -27.04 8.85 5.54
CA ASN I 67 -25.98 9.72 5.06
C ASN I 67 -25.28 10.33 6.27
N ILE I 68 -23.99 10.03 6.42
CA ILE I 68 -23.22 10.46 7.58
C ILE I 68 -22.60 11.81 7.24
N LEU I 69 -23.21 12.89 7.75
CA LEU I 69 -22.76 14.23 7.40
C LEU I 69 -21.44 14.57 8.09
N TYR I 70 -21.32 14.26 9.38
CA TYR I 70 -20.07 14.44 10.09
C TYR I 70 -20.05 13.53 11.30
N SER I 71 -18.88 13.46 11.95
CA SER I 71 -18.72 12.68 13.16
C SER I 71 -17.43 13.07 13.85
N THR I 72 -17.48 13.14 15.18
CA THR I 72 -16.31 13.37 16.03
C THR I 72 -16.23 12.27 17.05
N GLN I 73 -15.01 12.01 17.55
CA GLN I 73 -14.76 10.89 18.44
C GLN I 73 -14.14 11.29 19.77
N GLU I 74 -14.02 12.59 20.05
CA GLU I 74 -13.47 13.05 21.31
C GLU I 74 -14.13 14.38 21.68
N THR I 75 -14.13 14.68 22.97
CA THR I 75 -14.57 15.97 23.49
C THR I 75 -13.49 16.51 24.39
N PRO I 76 -12.97 17.73 24.13
CA PRO I 76 -13.31 18.58 23.00
C PRO I 76 -12.74 18.04 21.69
N VAL I 77 -13.29 18.46 20.55
CA VAL I 77 -12.82 17.98 19.26
C VAL I 77 -11.42 18.52 18.99
N GLN I 78 -10.58 17.70 18.36
CA GLN I 78 -9.23 18.10 17.97
C GLN I 78 -9.25 18.45 16.48
N LEU I 79 -8.92 19.70 16.15
CA LEU I 79 -9.05 20.21 14.80
C LEU I 79 -7.73 20.34 14.06
N ASN I 80 -6.60 20.39 14.75
CA ASN I 80 -5.33 20.66 14.10
C ASN I 80 -4.90 19.47 13.24
N GLY I 81 -4.20 19.78 12.15
CA GLY I 81 -3.85 18.77 11.18
C GLY I 81 -5.01 18.17 10.43
N ASN I 82 -6.22 18.72 10.58
CA ASN I 82 -7.44 18.20 9.95
C ASN I 82 -7.65 16.73 10.31
N VAL I 83 -7.34 16.37 11.55
CA VAL I 83 -7.46 14.98 11.99
C VAL I 83 -8.91 14.56 12.12
N ASP I 84 -9.80 15.49 12.50
CA ASP I 84 -11.22 15.16 12.59
C ASP I 84 -11.79 14.83 11.21
N ILE I 85 -11.34 15.54 10.18
CA ILE I 85 -11.80 15.24 8.82
C ILE I 85 -11.34 13.84 8.41
N ASP I 86 -10.10 13.48 8.73
CA ASP I 86 -9.60 12.16 8.39
C ASP I 86 -10.34 11.07 9.14
N LYS I 87 -10.58 11.28 10.45
CA LYS I 87 -11.29 10.28 11.24
C LYS I 87 -12.73 10.13 10.78
N ALA I 88 -13.38 11.24 10.43
CA ALA I 88 -14.77 11.16 9.99
C ALA I 88 -14.90 10.47 8.63
N ALA I 89 -13.85 10.50 7.81
CA ALA I 89 -13.94 10.04 6.44
C ALA I 89 -13.43 8.62 6.21
N LYS I 90 -12.56 8.11 7.07
CA LYS I 90 -11.87 6.86 6.78
C LYS I 90 -12.59 5.62 7.28
N GLU I 91 -13.57 5.76 8.17
CA GLU I 91 -14.35 4.62 8.64
C GLU I 91 -15.82 5.00 8.67
N GLU I 92 -16.68 4.05 8.34
CA GLU I 92 -18.11 4.27 8.57
C GLU I 92 -18.36 4.21 10.07
N PRO I 93 -18.92 5.26 10.68
CA PRO I 93 -19.09 5.27 12.12
C PRO I 93 -20.10 4.21 12.55
N PRO I 94 -20.01 3.76 13.81
CA PRO I 94 -21.05 2.88 14.35
C PRO I 94 -22.33 3.66 14.58
N LEU I 95 -23.32 3.04 15.23
CA LEU I 95 -24.53 3.77 15.60
C LEU I 95 -24.21 5.04 16.39
N HIS I 96 -23.10 5.05 17.11
CA HIS I 96 -22.88 6.08 18.11
C HIS I 96 -21.43 6.01 18.60
N TYR I 97 -20.82 7.18 18.79
CA TYR I 97 -19.41 7.32 19.17
C TYR I 97 -19.33 7.75 20.63
N HIS I 98 -18.51 7.05 21.41
CA HIS I 98 -18.31 7.40 22.80
C HIS I 98 -17.48 8.67 22.93
N ASN I 99 -17.91 9.55 23.83
CA ASN I 99 -17.34 10.89 23.99
C ASN I 99 -17.32 11.66 22.67
N GLY I 100 -18.20 11.31 21.73
CA GLY I 100 -18.20 11.92 20.43
C GLY I 100 -19.59 12.21 19.90
N SER I 101 -19.70 12.49 18.61
CA SER I 101 -20.96 12.88 18.00
C SER I 101 -21.07 12.30 16.60
N ILE I 102 -22.30 12.13 16.14
CA ILE I 102 -22.60 11.69 14.78
C ILE I 102 -23.78 12.51 14.27
N VAL I 103 -23.65 13.06 13.06
CA VAL I 103 -24.76 13.70 12.37
C VAL I 103 -25.23 12.72 11.30
N ARG I 104 -26.30 12.01 11.60
CA ARG I 104 -26.85 11.01 10.69
C ARG I 104 -28.13 11.56 10.06
N MET I 105 -28.19 11.50 8.73
CA MET I 105 -29.35 11.90 7.96
C MET I 105 -29.91 10.67 7.26
N ILE I 106 -31.23 10.50 7.32
CA ILE I 106 -31.87 9.29 6.78
C ILE I 106 -33.07 9.71 5.93
N ASP I 107 -33.15 9.14 4.72
CA ASP I 107 -34.28 9.32 3.83
C ASP I 107 -35.20 8.11 3.93
N PHE I 108 -36.48 8.35 4.20
CA PHE I 108 -37.45 7.28 4.37
C PHE I 108 -38.30 7.16 3.11
N ALA I 109 -38.42 5.94 2.59
CA ALA I 109 -39.39 5.67 1.53
C ALA I 109 -40.79 5.85 2.13
N PRO I 110 -41.85 5.89 1.34
CA PRO I 110 -43.18 6.12 1.92
C PRO I 110 -43.58 5.02 2.88
N ALA I 111 -44.23 5.42 3.97
CA ALA I 111 -44.79 4.54 5.00
C ALA I 111 -43.74 3.73 5.74
N VAL I 112 -42.46 4.03 5.54
CA VAL I 112 -41.40 3.23 6.16
C VAL I 112 -41.38 3.46 7.67
N GLU I 113 -41.32 2.37 8.42
CA GLU I 113 -41.32 2.39 9.87
C GLU I 113 -40.01 1.80 10.37
N SER I 114 -39.42 2.44 11.35
CA SER I 114 -38.26 1.84 11.99
C SER I 114 -38.70 0.96 13.14
N PRO I 115 -37.92 -0.05 13.50
CA PRO I 115 -38.31 -0.93 14.61
C PRO I 115 -38.24 -0.19 15.94
N LEU I 116 -38.97 -0.72 16.92
CA LEU I 116 -38.87 -0.21 18.27
C LEU I 116 -37.49 -0.52 18.84
N HIS I 117 -36.75 0.52 19.22
CA HIS I 117 -35.35 0.35 19.57
C HIS I 117 -34.94 1.47 20.51
N ARG I 118 -33.94 1.20 21.33
CA ARG I 118 -33.34 2.20 22.20
C ARG I 118 -31.84 2.22 22.01
N ALA I 119 -31.29 3.41 21.88
CA ALA I 119 -29.84 3.61 21.89
C ALA I 119 -29.50 4.51 23.07
N VAL I 120 -28.59 4.05 23.93
CA VAL I 120 -28.23 4.86 25.07
C VAL I 120 -27.30 5.96 24.57
N SER I 121 -27.91 7.08 24.24
CA SER I 121 -27.34 8.30 23.67
C SER I 121 -28.46 9.31 23.71
N ILE I 122 -28.10 10.58 23.54
CA ILE I 122 -29.09 11.66 23.51
C ILE I 122 -29.11 12.22 22.10
N ASP I 123 -30.29 12.18 21.46
CA ASP I 123 -30.44 12.55 20.06
C ASP I 123 -31.16 13.88 19.95
N TYR I 124 -30.59 14.79 19.17
CA TYR I 124 -31.30 15.96 18.66
C TYR I 124 -31.81 15.62 17.27
N GLY I 125 -33.12 15.60 17.10
CA GLY I 125 -33.74 15.25 15.83
C GLY I 125 -34.52 16.42 15.26
N ILE I 126 -34.36 16.65 13.96
CA ILE I 126 -35.09 17.69 13.25
C ILE I 126 -35.64 17.09 11.96
N VAL I 127 -36.90 17.35 11.67
CA VAL I 127 -37.53 16.91 10.42
C VAL I 127 -37.12 17.86 9.32
N VAL I 128 -36.38 17.35 8.33
CA VAL I 128 -35.91 18.19 7.23
C VAL I 128 -36.96 18.31 6.13
N GLU I 129 -37.68 17.23 5.83
CA GLU I 129 -38.82 17.29 4.94
C GLU I 129 -39.75 16.13 5.24
N GLY I 130 -41.05 16.38 5.21
CA GLY I 130 -42.05 15.35 5.43
C GLY I 130 -42.75 15.52 6.76
N VAL I 131 -43.47 14.47 7.14
CA VAL I 131 -44.16 14.40 8.43
C VAL I 131 -43.89 13.03 9.02
N PHE I 132 -43.34 13.02 10.24
CA PHE I 132 -43.01 11.78 10.93
C PHE I 132 -43.80 11.67 12.22
N LYS I 133 -44.04 10.44 12.65
CA LYS I 133 -44.68 10.16 13.93
C LYS I 133 -43.65 9.49 14.84
N LEU I 134 -43.40 10.09 16.00
CA LEU I 134 -42.51 9.55 17.01
C LEU I 134 -43.34 8.79 18.02
N VAL I 135 -43.06 7.50 18.20
CA VAL I 135 -43.82 6.63 19.09
C VAL I 135 -42.87 6.07 20.14
N LEU I 136 -43.17 6.33 21.40
CA LEU I 136 -42.39 5.78 22.51
C LEU I 136 -42.97 4.44 22.94
N ASP I 137 -42.18 3.70 23.72
CA ASP I 137 -42.58 2.34 24.11
C ASP I 137 -43.80 2.33 25.03
N SER I 138 -44.12 3.46 25.67
CA SER I 138 -45.33 3.55 26.46
C SER I 138 -46.59 3.55 25.60
N GLY I 139 -46.45 3.81 24.30
CA GLY I 139 -47.58 4.01 23.43
C GLY I 139 -47.85 5.46 23.09
N GLU I 140 -47.32 6.39 23.89
CA GLU I 140 -47.44 7.81 23.60
C GLU I 140 -46.85 8.12 22.24
N GLU I 141 -47.48 9.05 21.53
CA GLU I 141 -47.02 9.44 20.20
C GLU I 141 -47.16 10.94 20.02
N ARG I 142 -46.19 11.52 19.31
CA ARG I 142 -46.24 12.90 18.86
C ARG I 142 -46.00 12.92 17.36
N ILE I 143 -46.76 13.74 16.66
CA ILE I 143 -46.55 13.95 15.24
C ILE I 143 -45.69 15.18 15.07
N MET I 144 -44.69 15.09 14.19
CA MET I 144 -43.73 16.15 13.97
C MET I 144 -43.69 16.50 12.50
N ARG I 145 -43.91 17.78 12.20
CA ARG I 145 -43.82 18.29 10.84
C ARG I 145 -42.48 18.98 10.64
N GLN I 146 -42.27 19.49 9.43
CA GLN I 146 -40.98 20.08 9.09
C GLN I 146 -40.64 21.24 10.01
N GLY I 147 -39.41 21.24 10.52
CA GLY I 147 -38.93 22.27 11.42
C GLY I 147 -39.03 21.93 12.89
N ASP I 148 -39.75 20.87 13.25
CA ASP I 148 -39.89 20.48 14.64
C ASP I 148 -38.63 19.77 15.12
N VAL I 149 -38.37 19.87 16.42
CA VAL I 149 -37.16 19.34 17.04
C VAL I 149 -37.55 18.43 18.20
N SER I 150 -36.90 17.27 18.28
CA SER I 150 -37.08 16.33 19.38
C SER I 150 -35.77 16.14 20.12
N VAL I 151 -35.86 15.92 21.42
CA VAL I 151 -34.70 15.60 22.26
C VAL I 151 -34.96 14.21 22.83
N GLN I 152 -34.35 13.20 22.22
CA GLN I 152 -34.52 11.81 22.62
C GLN I 152 -33.50 11.50 23.71
N ARG I 153 -33.97 11.37 24.95
CA ARG I 153 -33.08 11.19 26.11
C ARG I 153 -32.96 9.71 26.43
N ALA I 154 -32.29 9.00 25.52
CA ALA I 154 -31.99 7.57 25.67
C ALA I 154 -33.25 6.75 25.95
N THR I 155 -34.33 7.09 25.25
CA THR I 155 -35.60 6.42 25.41
C THR I 155 -35.81 5.39 24.30
N ALA I 156 -36.80 4.53 24.51
CA ALA I 156 -37.16 3.48 23.55
C ALA I 156 -38.25 4.02 22.64
N HIS I 157 -37.97 4.10 21.34
CA HIS I 157 -38.79 4.90 20.45
C HIS I 157 -38.92 4.22 19.09
N LYS I 158 -39.75 4.84 18.24
CA LYS I 158 -40.07 4.31 16.92
C LYS I 158 -40.40 5.49 16.01
N TRP I 159 -39.68 5.62 14.91
CA TRP I 159 -39.94 6.67 13.92
C TRP I 159 -40.77 6.09 12.79
N ILE I 160 -41.90 6.74 12.49
CA ILE I 160 -42.75 6.37 11.37
C ILE I 160 -42.87 7.57 10.44
N ASN I 161 -42.54 7.36 9.17
CA ASN I 161 -42.84 8.35 8.13
C ASN I 161 -44.31 8.23 7.77
N ILE I 162 -45.04 9.35 7.86
CA ILE I 162 -46.46 9.34 7.55
C ILE I 162 -46.78 10.47 6.57
N THR I 163 -45.78 10.90 5.80
CA THR I 163 -45.96 12.02 4.90
C THR I 163 -46.99 11.70 3.82
N ASP I 164 -47.94 12.62 3.63
CA ASP I 164 -49.00 12.51 2.63
C ASP I 164 -49.70 11.15 2.70
N ASN I 165 -50.13 10.79 3.91
CA ASN I 165 -50.85 9.53 4.15
C ASN I 165 -50.04 8.32 3.71
N GLY I 166 -48.74 8.35 4.00
CA GLY I 166 -47.89 7.20 3.71
C GLY I 166 -47.67 6.92 2.24
N THR I 167 -47.65 7.97 1.40
CA THR I 167 -47.38 7.83 -0.02
C THR I 167 -46.19 8.66 -0.50
N ALA I 168 -45.52 9.39 0.40
CA ALA I 168 -44.45 10.30 0.04
C ALA I 168 -43.24 10.06 0.92
N PRO I 169 -42.04 10.30 0.40
CA PRO I 169 -40.83 10.12 1.20
C PRO I 169 -40.63 11.27 2.18
N GLY I 170 -39.84 10.98 3.22
CA GLY I 170 -39.50 11.97 4.22
C GLY I 170 -38.02 11.92 4.53
N ARG I 171 -37.56 12.94 5.26
CA ARG I 171 -36.15 13.06 5.60
C ARG I 171 -36.03 13.56 7.03
N MET I 172 -35.17 12.91 7.80
CA MET I 172 -34.85 13.30 9.16
C MET I 172 -33.35 13.55 9.28
N MET I 173 -32.99 14.35 10.29
CA MET I 173 -31.59 14.50 10.67
C MET I 173 -31.47 14.32 12.17
N TRP I 174 -30.36 13.74 12.59
CA TRP I 174 -30.07 13.49 14.00
C TRP I 174 -28.64 13.92 14.32
N ILE I 175 -28.46 14.39 15.54
CA ILE I 175 -27.14 14.58 16.12
C ILE I 175 -27.11 13.76 17.40
N LEU I 176 -26.40 12.64 17.36
CA LEU I 176 -26.32 11.74 18.50
C LEU I 176 -25.10 12.07 19.34
N LEU I 177 -25.32 12.27 20.64
CA LEU I 177 -24.24 12.50 21.59
C LEU I 177 -24.20 11.35 22.58
N ASP I 178 -23.05 11.16 23.20
CA ASP I 178 -22.89 10.13 24.21
C ASP I 178 -23.51 10.57 25.54
N CYS I 179 -24.06 9.60 26.26
CA CYS I 179 -24.58 9.84 27.60
C CYS I 179 -24.21 8.67 28.49
N HIS I 180 -24.43 8.84 29.79
CA HIS I 180 -24.25 7.76 30.74
C HIS I 180 -25.47 6.85 30.74
N ASP I 181 -25.28 5.64 31.26
CA ASP I 181 -26.37 4.67 31.31
C ASP I 181 -27.54 5.22 32.12
N VAL I 182 -28.75 4.97 31.63
CA VAL I 182 -29.96 5.44 32.29
C VAL I 182 -30.40 4.40 33.30
N VAL I 183 -30.52 4.80 34.56
CA VAL I 183 -30.88 3.92 35.66
C VAL I 183 -32.23 4.36 36.22
N VAL I 184 -33.18 3.44 36.26
CA VAL I 184 -34.51 3.70 36.79
C VAL I 184 -34.81 2.63 37.83
N ASN I 185 -34.93 3.05 39.09
CA ASN I 185 -35.26 2.15 40.21
C ASN I 185 -34.24 1.01 40.34
N GLY I 186 -32.97 1.34 40.12
CA GLY I 186 -31.90 0.37 40.22
C GLY I 186 -31.66 -0.47 38.99
N GLN I 187 -32.49 -0.35 37.97
CA GLN I 187 -32.38 -1.13 36.75
C GLN I 187 -31.79 -0.27 35.65
N VAL I 188 -30.69 -0.73 35.05
CA VAL I 188 -30.15 -0.05 33.88
C VAL I 188 -31.07 -0.32 32.69
N MET I 189 -31.40 0.74 31.96
CA MET I 189 -32.24 0.62 30.76
C MET I 189 -31.33 0.25 29.60
N GLU I 190 -31.27 -1.04 29.28
CA GLU I 190 -30.30 -1.56 28.34
C GLU I 190 -30.67 -1.17 26.91
N GLY I 191 -29.64 -0.97 26.10
CA GLY I 191 -29.86 -0.71 24.69
C GLY I 191 -30.21 -1.98 23.94
N TYR I 192 -31.07 -1.82 22.94
CA TYR I 192 -31.41 -2.91 22.03
C TYR I 192 -31.88 -2.27 20.73
N LEU I 193 -31.63 -2.98 19.62
CA LEU I 193 -31.92 -2.45 18.31
C LEU I 193 -33.01 -3.19 17.57
N GLY I 194 -33.52 -4.29 18.12
CA GLY I 194 -34.54 -5.06 17.43
C GLY I 194 -34.03 -5.70 16.16
N ASP I 195 -34.45 -5.17 15.02
CA ASP I 195 -34.07 -5.69 13.71
C ASP I 195 -33.10 -4.78 12.96
N LEU I 196 -32.59 -3.74 13.61
CA LEU I 196 -31.73 -2.75 12.96
C LEU I 196 -30.26 -3.11 12.96
N GLU I 197 -29.89 -4.25 13.55
CA GLU I 197 -28.48 -4.54 13.81
C GLU I 197 -27.66 -4.67 12.55
N LYS I 198 -28.29 -4.93 11.40
CA LYS I 198 -27.57 -4.94 10.13
C LYS I 198 -27.68 -3.58 9.45
N VAL J 13 -29.65 52.70 6.24
CA VAL J 13 -30.63 52.25 7.22
C VAL J 13 -30.36 50.78 7.58
N LEU J 14 -30.58 50.44 8.84
CA LEU J 14 -30.26 49.10 9.33
C LEU J 14 -31.19 48.06 8.70
N PRO J 15 -30.66 46.95 8.20
CA PRO J 15 -31.53 45.88 7.70
C PRO J 15 -32.33 45.25 8.84
N GLY J 16 -33.63 45.13 8.64
CA GLY J 16 -34.49 44.48 9.61
C GLY J 16 -34.66 45.22 10.92
N LEU J 17 -34.69 46.56 10.89
CA LEU J 17 -34.83 47.31 12.12
C LEU J 17 -36.24 47.13 12.68
N ASN J 18 -36.33 46.63 13.91
CA ASN J 18 -37.59 46.46 14.62
C ASN J 18 -38.57 45.61 13.83
N TYR J 19 -38.05 44.57 13.17
CA TYR J 19 -38.90 43.64 12.44
C TYR J 19 -39.50 42.60 13.37
N VAL J 20 -38.77 42.17 14.39
CA VAL J 20 -39.21 41.13 15.31
C VAL J 20 -39.96 41.83 16.44
N HIS J 21 -41.29 41.87 16.33
CA HIS J 21 -42.13 42.63 17.26
C HIS J 21 -42.78 41.77 18.34
N SER J 22 -42.57 40.45 18.31
CA SER J 22 -43.18 39.58 19.32
C SER J 22 -42.22 38.48 19.74
N GLY J 23 -40.91 38.74 19.68
CA GLY J 23 -39.97 37.68 19.97
C GLY J 23 -40.11 36.54 18.97
N PHE J 24 -39.86 35.34 19.47
CA PHE J 24 -39.93 34.14 18.63
C PHE J 24 -41.37 33.63 18.56
N PRO J 25 -41.84 33.23 17.37
CA PRO J 25 -41.10 33.29 16.11
C PRO J 25 -41.20 34.66 15.44
N ALA J 26 -40.27 34.96 14.54
CA ALA J 26 -40.28 36.23 13.84
C ALA J 26 -41.45 36.27 12.84
N PRO J 27 -41.89 37.47 12.47
CA PRO J 27 -43.00 37.57 11.50
C PRO J 27 -42.64 36.93 10.17
N GLY J 28 -43.49 36.01 9.72
CA GLY J 28 -43.29 35.29 8.49
C GLY J 28 -42.79 33.87 8.66
N LEU J 29 -42.29 33.53 9.85
CA LEU J 29 -41.77 32.20 10.13
C LEU J 29 -42.73 31.44 11.04
N ARG J 30 -42.53 30.13 11.10
CA ARG J 30 -43.46 29.24 11.77
C ARG J 30 -43.09 29.06 13.23
N GLN J 31 -44.10 29.06 14.10
CA GLN J 31 -43.94 28.53 15.44
C GLN J 31 -43.54 27.06 15.35
N ILE J 32 -42.76 26.59 16.31
CA ILE J 32 -42.25 25.23 16.24
C ILE J 32 -42.76 24.42 17.42
N ASN J 33 -42.41 23.13 17.43
CA ASN J 33 -42.66 22.24 18.54
C ASN J 33 -41.34 21.65 19.00
N ARG J 34 -41.06 21.75 20.30
CA ARG J 34 -39.92 21.08 20.90
C ARG J 34 -40.45 20.00 21.84
N HIS J 35 -40.19 18.74 21.49
CA HIS J 35 -40.55 17.60 22.31
C HIS J 35 -39.32 17.08 23.03
N ILE J 36 -39.49 16.73 24.29
CA ILE J 36 -38.42 16.18 25.11
C ILE J 36 -38.93 14.90 25.74
N THR J 37 -38.18 13.81 25.57
CA THR J 37 -38.57 12.52 26.10
C THR J 37 -37.84 12.23 27.40
N GLY J 38 -38.35 11.23 28.12
CA GLY J 38 -37.75 10.84 29.37
C GLY J 38 -38.35 9.53 29.85
N HIS J 39 -37.99 9.14 31.06
CA HIS J 39 -38.45 7.90 31.63
C HIS J 39 -39.40 8.14 32.79
N ASP J 40 -40.34 7.21 32.96
CA ASP J 40 -41.30 7.24 34.04
C ASP J 40 -40.67 6.70 35.32
N ASP J 41 -41.48 6.60 36.37
CA ASP J 41 -41.06 5.88 37.56
C ASP J 41 -41.26 4.38 37.43
N ASN J 42 -42.04 3.95 36.43
CA ASN J 42 -42.16 2.54 36.09
C ASN J 42 -41.18 2.13 34.98
N GLY J 43 -40.39 3.08 34.48
CA GLY J 43 -39.34 2.79 33.51
C GLY J 43 -39.74 2.89 32.06
N LYS J 44 -40.97 3.33 31.77
CA LYS J 44 -41.44 3.44 30.39
C LYS J 44 -41.13 4.82 29.82
N SER J 45 -40.81 4.87 28.53
CA SER J 45 -40.46 6.13 27.89
C SER J 45 -41.71 6.98 27.68
N VAL J 46 -41.64 8.25 28.09
CA VAL J 46 -42.76 9.17 28.00
C VAL J 46 -42.27 10.50 27.47
N PHE J 47 -43.22 11.41 27.22
CA PHE J 47 -42.93 12.75 26.74
C PHE J 47 -42.96 13.70 27.93
N LEU J 48 -41.80 14.25 28.28
CA LEU J 48 -41.73 15.11 29.46
C LEU J 48 -42.42 16.45 29.21
N SER J 49 -42.22 17.04 28.04
CA SER J 49 -42.85 18.32 27.73
C SER J 49 -42.97 18.49 26.22
N THR J 50 -43.77 19.48 25.83
CA THR J 50 -43.87 19.93 24.46
C THR J 50 -44.03 21.44 24.51
N ASP J 51 -43.04 22.17 24.00
CA ASP J 51 -42.99 23.61 24.22
C ASP J 51 -42.37 24.28 23.01
N HIS J 52 -42.08 25.58 23.15
CA HIS J 52 -41.55 26.42 22.09
C HIS J 52 -40.07 26.76 22.31
N GLY J 53 -39.31 25.82 22.87
CA GLY J 53 -37.91 26.11 23.17
C GLY J 53 -37.76 26.85 24.50
N ASP J 54 -36.67 27.58 24.63
CA ASP J 54 -36.37 28.27 25.87
C ASP J 54 -35.33 29.36 25.61
N HIS J 55 -35.28 30.32 26.52
CA HIS J 55 -34.24 31.35 26.55
C HIS J 55 -34.28 32.22 25.29
N HIS J 56 -35.47 32.68 24.93
CA HIS J 56 -35.63 33.58 23.79
C HIS J 56 -34.87 34.88 24.02
N ARG J 57 -33.93 35.18 23.14
CA ARG J 57 -33.11 36.38 23.24
C ARG J 57 -33.27 37.16 21.93
N ILE J 58 -33.86 38.35 22.01
CA ILE J 58 -33.92 39.25 20.88
C ILE J 58 -32.55 39.88 20.68
N MET J 59 -32.03 39.81 19.45
CA MET J 59 -30.71 40.32 19.13
C MET J 59 -30.81 41.58 18.27
N GLY J 60 -29.71 42.32 18.21
CA GLY J 60 -29.66 43.59 17.51
C GLY J 60 -30.73 44.53 18.02
N GLU J 61 -31.16 45.44 17.15
CA GLU J 61 -32.36 46.24 17.46
C GLU J 61 -33.55 45.55 16.81
N LYS J 62 -33.97 44.46 17.47
CA LYS J 62 -35.13 43.65 17.06
C LYS J 62 -34.96 43.12 15.64
N GLN J 63 -33.73 42.74 15.29
CA GLN J 63 -33.42 42.23 13.97
C GLN J 63 -33.29 40.71 13.92
N ALA J 64 -32.98 40.07 15.03
CA ALA J 64 -32.89 38.62 15.11
C ALA J 64 -33.38 38.17 16.47
N VAL J 65 -33.86 36.93 16.54
CA VAL J 65 -34.35 36.37 17.79
C VAL J 65 -33.81 34.94 17.91
N ALA J 66 -33.04 34.69 18.96
CA ALA J 66 -32.44 33.38 19.19
C ALA J 66 -33.33 32.53 20.09
N ASN J 67 -33.26 31.22 19.88
CA ASN J 67 -34.04 30.26 20.64
C ASN J 67 -33.13 29.08 20.97
N ILE J 68 -32.90 28.85 22.26
CA ILE J 68 -32.06 27.76 22.73
C ILE J 68 -32.96 26.54 22.96
N LEU J 69 -32.87 25.57 22.05
CA LEU J 69 -33.72 24.38 22.15
C LEU J 69 -33.22 23.41 23.19
N TYR J 70 -31.91 23.24 23.32
CA TYR J 70 -31.36 22.39 24.38
C TYR J 70 -29.88 22.73 24.58
N SER J 71 -29.29 22.09 25.60
CA SER J 71 -27.91 22.35 26.04
C SER J 71 -27.46 21.23 26.95
N THR J 72 -26.15 20.96 26.94
CA THR J 72 -25.50 20.05 27.87
C THR J 72 -24.15 20.64 28.27
N GLN J 73 -23.74 20.39 29.51
CA GLN J 73 -22.53 20.97 30.06
C GLN J 73 -21.48 19.91 30.42
N GLU J 74 -21.61 18.69 29.91
CA GLU J 74 -20.65 17.64 30.23
C GLU J 74 -20.75 16.55 29.16
N THR J 75 -19.69 15.75 29.07
CA THR J 75 -19.64 14.62 28.16
C THR J 75 -18.97 13.46 28.88
N PRO J 76 -19.61 12.27 28.93
CA PRO J 76 -20.96 12.00 28.45
C PRO J 76 -22.05 12.69 29.27
N VAL J 77 -23.27 12.71 28.73
CA VAL J 77 -24.38 13.44 29.33
C VAL J 77 -24.94 12.67 30.51
N GLN J 78 -25.27 13.40 31.58
CA GLN J 78 -25.89 12.81 32.77
C GLN J 78 -27.40 12.97 32.67
N LEU J 79 -28.11 11.87 32.44
CA LEU J 79 -29.55 11.90 32.27
C LEU J 79 -30.32 11.51 33.53
N ASN J 80 -29.71 10.73 34.42
CA ASN J 80 -30.43 10.22 35.58
C ASN J 80 -30.84 11.36 36.52
N GLY J 81 -32.07 11.28 36.99
CA GLY J 81 -32.62 12.34 37.82
C GLY J 81 -33.04 13.58 37.07
N ASN J 82 -33.08 13.53 35.73
CA ASN J 82 -33.45 14.67 34.91
C ASN J 82 -32.59 15.90 35.19
N VAL J 83 -31.36 15.67 35.66
CA VAL J 83 -30.48 16.79 36.01
C VAL J 83 -30.05 17.55 34.77
N ASP J 84 -30.03 16.91 33.59
CA ASP J 84 -29.64 17.62 32.38
C ASP J 84 -30.72 18.61 31.95
N ILE J 85 -31.99 18.24 32.09
CA ILE J 85 -33.09 19.15 31.77
C ILE J 85 -33.00 20.41 32.62
N ASP J 86 -32.78 20.24 33.92
CA ASP J 86 -32.78 21.38 34.83
C ASP J 86 -31.58 22.27 34.60
N LYS J 87 -30.43 21.69 34.30
CA LYS J 87 -29.26 22.49 33.93
C LYS J 87 -29.55 23.33 32.69
N ALA J 88 -30.32 22.77 31.75
CA ALA J 88 -30.63 23.49 30.52
C ALA J 88 -31.61 24.62 30.76
N ALA J 89 -32.53 24.46 31.70
CA ALA J 89 -33.60 25.43 31.90
C ALA J 89 -33.25 26.56 32.86
N LYS J 90 -32.42 26.28 33.88
CA LYS J 90 -32.20 27.26 34.94
C LYS J 90 -31.39 28.46 34.47
N GLU J 91 -30.49 28.27 33.51
CA GLU J 91 -29.54 29.30 33.10
C GLU J 91 -29.63 29.53 31.60
N GLU J 92 -29.50 30.79 31.19
CA GLU J 92 -29.38 31.07 29.76
C GLU J 92 -27.93 30.84 29.35
N PRO J 93 -27.67 29.85 28.50
CA PRO J 93 -26.28 29.44 28.22
C PRO J 93 -25.52 30.52 27.48
N PRO J 94 -24.18 30.51 27.57
CA PRO J 94 -23.37 31.43 26.77
C PRO J 94 -23.25 30.93 25.34
N LEU J 95 -22.37 31.55 24.56
CA LEU J 95 -22.18 31.15 23.16
C LEU J 95 -21.96 29.65 23.03
N HIS J 96 -21.13 29.07 23.89
CA HIS J 96 -20.94 27.62 23.87
C HIS J 96 -20.60 27.14 25.28
N TYR J 97 -20.86 25.86 25.51
CA TYR J 97 -20.56 25.20 26.78
C TYR J 97 -19.30 24.35 26.60
N HIS J 98 -18.29 24.60 27.41
CA HIS J 98 -17.09 23.77 27.39
C HIS J 98 -17.44 22.36 27.84
N ASN J 99 -16.97 21.36 27.08
CA ASN J 99 -17.30 19.96 27.26
C ASN J 99 -18.77 19.67 27.02
N GLY J 100 -19.45 20.52 26.24
CA GLY J 100 -20.88 20.35 26.06
C GLY J 100 -21.41 20.66 24.68
N SER J 101 -22.71 20.94 24.59
CA SER J 101 -23.38 21.21 23.32
C SER J 101 -24.45 22.28 23.52
N ILE J 102 -24.82 22.93 22.42
CA ILE J 102 -25.87 23.95 22.42
C ILE J 102 -26.59 23.90 21.08
N VAL J 103 -27.91 23.79 21.13
CA VAL J 103 -28.74 23.85 19.93
C VAL J 103 -29.36 25.25 19.90
N ARG J 104 -28.82 26.11 19.04
CA ARG J 104 -29.28 27.49 18.91
C ARG J 104 -29.97 27.68 17.56
N MET J 105 -31.20 28.17 17.59
CA MET J 105 -32.00 28.43 16.41
C MET J 105 -32.27 29.94 16.34
N ILE J 106 -32.06 30.53 15.17
CA ILE J 106 -32.05 31.99 15.03
C ILE J 106 -32.93 32.40 13.86
N ASP J 107 -33.91 33.26 14.14
CA ASP J 107 -34.74 33.86 13.10
C ASP J 107 -34.08 35.15 12.63
N PHE J 108 -33.77 35.23 11.34
CA PHE J 108 -33.18 36.41 10.73
C PHE J 108 -34.27 37.26 10.09
N ALA J 109 -34.32 38.54 10.43
CA ALA J 109 -35.19 39.47 9.72
C ALA J 109 -34.64 39.67 8.31
N PRO J 110 -35.43 40.26 7.41
CA PRO J 110 -34.96 40.42 6.01
C PRO J 110 -33.66 41.20 5.92
N ALA J 111 -32.72 40.66 5.16
CA ALA J 111 -31.40 41.21 4.85
C ALA J 111 -30.49 41.32 6.06
N VAL J 112 -30.91 40.84 7.24
CA VAL J 112 -30.09 40.95 8.43
C VAL J 112 -28.79 40.18 8.24
N GLU J 113 -27.68 40.78 8.67
CA GLU J 113 -26.36 40.22 8.54
C GLU J 113 -25.73 40.08 9.92
N SER J 114 -24.99 39.01 10.13
CA SER J 114 -24.24 38.87 11.37
C SER J 114 -22.85 39.47 11.21
N PRO J 115 -22.22 39.90 12.30
CA PRO J 115 -20.86 40.43 12.19
C PRO J 115 -19.88 39.33 11.84
N LEU J 116 -18.76 39.73 11.25
CA LEU J 116 -17.65 38.80 11.05
C LEU J 116 -17.10 38.41 12.42
N HIS J 117 -17.09 37.11 12.70
CA HIS J 117 -16.67 36.66 14.02
C HIS J 117 -16.11 35.26 13.92
N ARG J 118 -15.43 34.84 14.98
CA ARG J 118 -14.94 33.49 15.15
C ARG J 118 -15.37 32.99 16.51
N ALA J 119 -16.02 31.83 16.54
CA ALA J 119 -16.33 31.12 17.77
C ALA J 119 -15.46 29.88 17.81
N VAL J 120 -14.80 29.63 18.93
CA VAL J 120 -13.90 28.49 18.98
C VAL J 120 -14.79 27.30 19.28
N SER J 121 -15.41 26.78 18.22
CA SER J 121 -16.42 25.75 18.28
C SER J 121 -16.48 25.08 16.92
N ILE J 122 -16.82 23.80 16.91
CA ILE J 122 -17.23 23.14 15.68
C ILE J 122 -18.75 23.21 15.62
N ASP J 123 -19.28 23.76 14.54
CA ASP J 123 -20.69 24.07 14.42
C ASP J 123 -21.31 23.24 13.30
N TYR J 124 -22.33 22.46 13.64
CA TYR J 124 -23.20 21.84 12.65
C TYR J 124 -24.38 22.77 12.45
N GLY J 125 -24.49 23.33 11.24
CA GLY J 125 -25.56 24.26 10.92
C GLY J 125 -26.40 23.74 9.77
N ILE J 126 -27.71 23.89 9.90
CA ILE J 126 -28.66 23.51 8.87
C ILE J 126 -29.61 24.66 8.61
N VAL J 127 -29.93 24.89 7.33
CA VAL J 127 -30.88 25.93 6.95
C VAL J 127 -32.29 25.36 7.10
N VAL J 128 -33.05 25.91 8.05
CA VAL J 128 -34.42 25.44 8.29
C VAL J 128 -35.40 26.12 7.35
N GLU J 129 -35.20 27.41 7.07
CA GLU J 129 -36.06 28.14 6.18
C GLU J 129 -35.27 29.31 5.59
N GLY J 130 -35.46 29.54 4.29
CA GLY J 130 -34.85 30.67 3.62
C GLY J 130 -33.58 30.30 2.88
N VAL J 131 -32.82 31.34 2.54
CA VAL J 131 -31.55 31.20 1.83
C VAL J 131 -30.53 32.10 2.51
N PHE J 132 -29.38 31.52 2.87
CA PHE J 132 -28.32 32.26 3.55
C PHE J 132 -27.04 32.20 2.73
N LYS J 133 -26.17 33.17 2.97
CA LYS J 133 -24.83 33.19 2.39
C LYS J 133 -23.81 33.12 3.52
N LEU J 134 -22.97 32.09 3.50
CA LEU J 134 -21.88 31.94 4.46
C LEU J 134 -20.64 32.59 3.85
N VAL J 135 -20.16 33.66 4.49
CA VAL J 135 -19.00 34.40 4.01
C VAL J 135 -17.87 34.22 5.01
N LEU J 136 -16.70 33.81 4.50
CA LEU J 136 -15.51 33.63 5.31
C LEU J 136 -14.60 34.86 5.19
N ASP J 137 -13.59 34.91 6.05
CA ASP J 137 -12.68 36.06 6.06
C ASP J 137 -11.76 36.08 4.84
N SER J 138 -11.54 34.93 4.22
CA SER J 138 -10.76 34.88 2.98
C SER J 138 -11.48 35.55 1.83
N GLY J 139 -12.80 35.70 1.92
CA GLY J 139 -13.62 36.19 0.83
C GLY J 139 -14.44 35.11 0.17
N GLU J 140 -14.04 33.84 0.32
CA GLU J 140 -14.82 32.74 -0.21
C GLU J 140 -16.21 32.71 0.43
N GLU J 141 -17.19 32.25 -0.36
CA GLU J 141 -18.57 32.22 0.09
C GLU J 141 -19.26 30.99 -0.49
N ARG J 142 -20.33 30.58 0.17
CA ARG J 142 -21.21 29.53 -0.32
C ARG J 142 -22.65 29.94 -0.05
N ILE J 143 -23.49 29.88 -1.07
CA ILE J 143 -24.92 30.09 -0.90
C ILE J 143 -25.53 28.80 -0.39
N MET J 144 -26.28 28.89 0.70
CA MET J 144 -26.86 27.73 1.36
C MET J 144 -28.38 27.86 1.39
N ARG J 145 -29.07 26.84 0.91
CA ARG J 145 -30.53 26.83 0.82
C ARG J 145 -31.09 25.85 1.85
N GLN J 146 -32.42 25.75 1.88
CA GLN J 146 -33.08 24.89 2.86
C GLN J 146 -32.60 23.45 2.73
N GLY J 147 -32.29 22.83 3.86
CA GLY J 147 -31.76 21.48 3.89
C GLY J 147 -30.25 21.37 3.82
N ASP J 148 -29.56 22.46 3.49
CA ASP J 148 -28.11 22.41 3.34
C ASP J 148 -27.43 22.44 4.70
N VAL J 149 -26.27 21.77 4.78
CA VAL J 149 -25.57 21.55 6.03
C VAL J 149 -24.18 22.15 5.94
N SER J 150 -23.79 22.89 6.97
CA SER J 150 -22.45 23.45 7.10
C SER J 150 -21.79 22.85 8.33
N VAL J 151 -20.54 22.42 8.18
CA VAL J 151 -19.72 21.96 9.30
C VAL J 151 -18.59 22.99 9.45
N GLN J 152 -18.76 23.90 10.41
CA GLN J 152 -17.87 25.03 10.59
C GLN J 152 -16.82 24.68 11.66
N ARG J 153 -15.56 24.59 11.26
CA ARG J 153 -14.48 24.19 12.16
C ARG J 153 -13.71 25.42 12.64
N ALA J 154 -14.37 26.16 13.54
CA ALA J 154 -13.76 27.29 14.26
C ALA J 154 -13.16 28.32 13.30
N THR J 155 -13.89 28.61 12.22
CA THR J 155 -13.44 29.55 11.21
C THR J 155 -14.10 30.91 11.40
N ALA J 156 -13.42 31.95 10.94
CA ALA J 156 -13.97 33.30 10.96
C ALA J 156 -14.97 33.46 9.82
N HIS J 157 -16.19 33.89 10.16
CA HIS J 157 -17.27 33.88 9.20
C HIS J 157 -18.32 34.91 9.57
N LYS J 158 -19.25 35.11 8.64
CA LYS J 158 -20.50 35.80 8.88
C LYS J 158 -21.61 35.07 8.13
N TRP J 159 -22.83 35.17 8.66
CA TRP J 159 -24.02 34.66 7.99
C TRP J 159 -24.85 35.84 7.49
N ILE J 160 -25.36 35.72 6.26
CA ILE J 160 -26.16 36.76 5.65
C ILE J 160 -27.48 36.15 5.21
N ASN J 161 -28.59 36.69 5.71
CA ASN J 161 -29.91 36.30 5.23
C ASN J 161 -30.18 37.00 3.90
N ILE J 162 -30.34 36.22 2.83
CA ILE J 162 -30.54 36.76 1.50
C ILE J 162 -31.85 36.25 0.88
N THR J 163 -32.78 35.76 1.71
CA THR J 163 -34.00 35.15 1.21
C THR J 163 -34.81 36.13 0.37
N ASP J 164 -35.23 35.67 -0.81
CA ASP J 164 -35.96 36.46 -1.80
C ASP J 164 -35.40 37.87 -1.93
N ASN J 165 -34.10 37.93 -2.23
CA ASN J 165 -33.37 39.18 -2.41
C ASN J 165 -33.65 40.17 -1.29
N GLY J 166 -33.47 39.72 -0.06
CA GLY J 166 -33.48 40.60 1.09
C GLY J 166 -34.83 41.08 1.58
N THR J 167 -35.90 40.35 1.27
CA THR J 167 -37.25 40.78 1.65
C THR J 167 -38.00 39.76 2.49
N ALA J 168 -37.35 38.68 2.92
CA ALA J 168 -38.04 37.61 3.63
C ALA J 168 -37.22 37.16 4.83
N PRO J 169 -37.88 36.66 5.87
CA PRO J 169 -37.15 36.12 7.02
C PRO J 169 -36.52 34.77 6.70
N GLY J 170 -35.51 34.43 7.50
CA GLY J 170 -34.85 33.15 7.37
C GLY J 170 -34.53 32.57 8.73
N ARG J 171 -34.31 31.26 8.77
CA ARG J 171 -34.12 30.54 10.02
C ARG J 171 -32.97 29.55 9.88
N MET J 172 -31.99 29.68 10.77
CA MET J 172 -30.86 28.76 10.85
C MET J 172 -30.89 28.04 12.19
N MET J 173 -30.40 26.80 12.20
CA MET J 173 -30.21 26.05 13.43
C MET J 173 -28.77 25.56 13.50
N TRP J 174 -28.14 25.78 14.65
CA TRP J 174 -26.77 25.35 14.88
C TRP J 174 -26.71 24.41 16.08
N ILE J 175 -25.88 23.39 15.97
CA ILE J 175 -25.47 22.58 17.11
C ILE J 175 -23.98 22.85 17.29
N LEU J 176 -23.63 23.50 18.40
CA LEU J 176 -22.25 23.88 18.68
C LEU J 176 -21.63 22.90 19.67
N LEU J 177 -20.41 22.50 19.39
CA LEU J 177 -19.67 21.60 20.26
C LEU J 177 -18.36 22.27 20.69
N ASP J 178 -17.86 21.85 21.85
CA ASP J 178 -16.57 22.33 22.31
C ASP J 178 -15.47 21.74 21.43
N CYS J 179 -14.40 22.51 21.24
CA CYS J 179 -13.24 22.06 20.50
C CYS J 179 -12.00 22.69 21.12
N HIS J 180 -10.84 22.16 20.74
CA HIS J 180 -9.58 22.77 21.13
C HIS J 180 -9.25 23.92 20.18
N ASP J 181 -8.43 24.83 20.67
CA ASP J 181 -8.08 26.01 19.88
C ASP J 181 -7.36 25.61 18.60
N VAL J 182 -7.66 26.32 17.51
CA VAL J 182 -7.01 26.09 16.24
C VAL J 182 -5.66 26.79 16.24
N VAL J 183 -4.60 26.04 15.99
CA VAL J 183 -3.25 26.61 15.89
C VAL J 183 -2.78 26.44 14.46
N VAL J 184 -2.40 27.55 13.82
CA VAL J 184 -1.86 27.53 12.47
C VAL J 184 -0.45 28.09 12.53
N ASN J 185 0.51 27.28 12.11
CA ASN J 185 1.92 27.64 12.04
C ASN J 185 2.36 28.43 13.26
N GLY J 186 2.19 27.81 14.42
CA GLY J 186 2.75 28.36 15.62
C GLY J 186 1.80 29.09 16.55
N GLN J 187 0.91 29.94 16.02
CA GLN J 187 0.09 30.77 16.89
C GLN J 187 -1.39 30.42 16.83
N VAL J 188 -2.05 30.68 17.95
CA VAL J 188 -3.47 30.38 18.14
C VAL J 188 -4.30 31.45 17.45
N MET J 189 -5.40 31.03 16.83
CA MET J 189 -6.35 31.95 16.20
C MET J 189 -7.53 32.11 17.16
N GLU J 190 -7.48 33.15 17.98
CA GLU J 190 -8.44 33.33 19.06
C GLU J 190 -9.78 33.83 18.51
N GLY J 191 -10.82 33.69 19.33
CA GLY J 191 -12.16 34.07 18.93
C GLY J 191 -12.47 35.51 19.27
N TYR J 192 -12.99 36.23 18.28
CA TYR J 192 -13.51 37.57 18.45
C TYR J 192 -14.99 37.57 18.09
N LEU J 193 -15.73 38.54 18.63
CA LEU J 193 -17.16 38.64 18.35
C LEU J 193 -17.50 39.84 17.46
N GLY J 194 -16.50 40.50 16.90
CA GLY J 194 -16.72 41.42 15.79
C GLY J 194 -17.46 42.69 16.14
N ASP J 195 -17.57 43.55 15.11
CA ASP J 195 -18.24 44.83 15.18
C ASP J 195 -19.00 45.05 13.89
N LEU J 196 -20.27 45.44 14.01
CA LEU J 196 -21.15 45.71 12.87
C LEU J 196 -21.38 44.46 12.02
N VAL K 13 -16.25 -1.85 42.07
CA VAL K 13 -15.92 -0.64 41.32
C VAL K 13 -14.79 -0.92 40.33
N LEU K 14 -14.80 -0.17 39.22
CA LEU K 14 -13.71 -0.28 38.26
C LEU K 14 -12.57 0.66 38.67
N PRO K 15 -11.31 0.21 38.55
CA PRO K 15 -10.20 1.06 38.98
C PRO K 15 -10.09 2.32 38.14
N GLY K 16 -9.86 3.44 38.80
CA GLY K 16 -9.72 4.72 38.11
C GLY K 16 -10.92 5.09 37.26
N LEU K 17 -12.12 4.85 37.77
CA LEU K 17 -13.32 5.20 37.02
C LEU K 17 -13.49 6.72 36.98
N ASN K 18 -13.60 7.26 35.76
CA ASN K 18 -13.79 8.70 35.54
C ASN K 18 -12.67 9.52 36.19
N TYR K 19 -11.46 8.95 36.28
CA TYR K 19 -10.36 9.67 36.90
C TYR K 19 -9.71 10.68 35.96
N VAL K 20 -9.63 10.36 34.67
CA VAL K 20 -8.96 11.23 33.71
C VAL K 20 -10.02 12.21 33.21
N HIS K 21 -10.13 13.35 33.89
CA HIS K 21 -11.20 14.29 33.61
C HIS K 21 -10.81 15.43 32.69
N SER K 22 -9.53 15.58 32.34
CA SER K 22 -9.12 16.68 31.48
C SER K 22 -8.06 16.24 30.46
N GLY K 23 -8.22 15.04 29.90
CA GLY K 23 -7.30 14.57 28.89
C GLY K 23 -5.88 14.45 29.42
N PHE K 24 -4.91 14.63 28.52
CA PHE K 24 -3.51 14.63 28.92
C PHE K 24 -3.13 16.02 29.44
N PRO K 25 -2.47 16.12 30.60
CA PRO K 25 -2.05 15.02 31.47
C PRO K 25 -3.13 14.59 32.48
N ALA K 26 -3.04 13.36 32.95
CA ALA K 26 -3.95 12.89 33.99
C ALA K 26 -3.70 13.65 35.28
N PRO K 27 -4.73 13.81 36.12
CA PRO K 27 -4.56 14.54 37.38
C PRO K 27 -3.49 13.90 38.26
N GLY K 28 -2.48 14.70 38.62
CA GLY K 28 -1.36 14.23 39.41
C GLY K 28 -0.06 14.17 38.64
N LEU K 29 -0.14 13.95 37.33
CA LEU K 29 1.04 13.88 36.48
C LEU K 29 1.28 15.22 35.79
N ARG K 30 2.50 15.39 35.29
CA ARG K 30 2.96 16.69 34.79
C ARG K 30 2.68 16.84 33.29
N GLN K 31 2.34 18.06 32.90
CA GLN K 31 2.33 18.42 31.49
C GLN K 31 3.76 18.40 30.95
N ILE K 32 3.89 18.08 29.66
CA ILE K 32 5.20 17.85 29.06
C ILE K 32 5.46 18.89 27.97
N ASN K 33 6.71 18.91 27.52
CA ASN K 33 7.13 19.59 26.30
C ASN K 33 7.67 18.54 25.33
N ARG K 34 7.17 18.57 24.11
CA ARG K 34 7.76 17.79 23.02
C ARG K 34 8.41 18.77 22.05
N HIS K 35 9.72 18.60 21.81
CA HIS K 35 10.46 19.41 20.87
C HIS K 35 10.77 18.58 19.64
N ILE K 36 10.48 19.13 18.46
CA ILE K 36 10.82 18.52 17.19
C ILE K 36 11.78 19.46 16.46
N THR K 37 12.93 18.94 16.05
CA THR K 37 13.93 19.72 15.34
C THR K 37 13.87 19.42 13.85
N GLY K 38 14.41 20.35 13.08
CA GLY K 38 14.44 20.20 11.64
C GLY K 38 15.44 21.15 11.03
N HIS K 39 15.34 21.34 9.73
CA HIS K 39 16.25 22.19 8.98
C HIS K 39 15.48 23.32 8.30
N ASP K 40 16.00 24.54 8.44
CA ASP K 40 15.38 25.70 7.81
C ASP K 40 15.87 25.82 6.36
N ASP K 41 15.48 26.91 5.70
CA ASP K 41 15.78 27.09 4.27
C ASP K 41 17.28 27.05 3.99
N ASN K 42 18.11 27.52 4.92
CA ASN K 42 19.54 27.66 4.69
C ASN K 42 20.36 26.54 5.33
N GLY K 43 19.71 25.48 5.81
CA GLY K 43 20.42 24.33 6.33
C GLY K 43 20.74 24.37 7.81
N LYS K 44 20.41 25.45 8.50
CA LYS K 44 20.68 25.54 9.93
C LYS K 44 19.65 24.72 10.71
N SER K 45 20.14 24.00 11.72
CA SER K 45 19.28 23.21 12.58
C SER K 45 18.44 24.12 13.47
N VAL K 46 17.12 23.96 13.41
CA VAL K 46 16.19 24.83 14.12
C VAL K 46 15.16 23.97 14.84
N PHE K 47 14.45 24.61 15.79
CA PHE K 47 13.31 23.99 16.46
C PHE K 47 12.04 24.29 15.68
N LEU K 48 11.30 23.26 15.32
CA LEU K 48 10.10 23.44 14.51
C LEU K 48 8.84 23.60 15.36
N SER K 49 8.77 22.96 16.51
CA SER K 49 7.56 23.04 17.34
C SER K 49 7.90 22.68 18.77
N THR K 50 7.07 23.18 19.68
CA THR K 50 7.10 22.79 21.09
C THR K 50 5.65 22.64 21.54
N ASP K 51 5.22 21.39 21.76
CA ASP K 51 3.81 21.09 21.95
C ASP K 51 3.67 20.07 23.08
N HIS K 52 2.43 19.62 23.28
CA HIS K 52 2.11 18.62 24.28
C HIS K 52 2.01 17.22 23.69
N GLY K 53 2.66 16.97 22.57
CA GLY K 53 2.50 15.73 21.86
C GLY K 53 1.36 15.80 20.86
N ASP K 54 0.85 14.63 20.50
CA ASP K 54 -0.19 14.55 19.48
C ASP K 54 -1.13 13.39 19.80
N HIS K 55 -2.29 13.42 19.17
CA HIS K 55 -3.22 12.28 19.11
C HIS K 55 -3.54 11.72 20.49
N HIS K 56 -3.99 12.59 21.38
CA HIS K 56 -4.46 12.15 22.69
C HIS K 56 -5.71 11.29 22.51
N ARG K 57 -5.73 10.12 23.15
CA ARG K 57 -6.90 9.26 23.13
C ARG K 57 -7.26 8.80 24.53
N ILE K 58 -8.50 9.05 24.93
CA ILE K 58 -9.02 8.52 26.19
C ILE K 58 -9.18 7.01 26.07
N MET K 59 -8.85 6.29 27.13
CA MET K 59 -8.97 4.84 27.17
C MET K 59 -9.81 4.42 28.36
N GLY K 60 -10.65 3.41 28.15
CA GLY K 60 -11.59 3.00 29.18
C GLY K 60 -12.61 4.09 29.42
N GLU K 61 -13.18 4.06 30.62
CA GLU K 61 -14.10 5.11 31.06
C GLU K 61 -13.30 6.20 31.79
N LYS K 62 -12.46 6.87 31.00
CA LYS K 62 -11.53 7.88 31.48
C LYS K 62 -10.59 7.30 32.55
N GLN K 63 -10.06 6.11 32.25
CA GLN K 63 -9.13 5.44 33.14
C GLN K 63 -7.67 5.63 32.74
N ALA K 64 -7.41 5.92 31.47
CA ALA K 64 -6.06 6.22 31.02
C ALA K 64 -6.16 7.14 29.80
N VAL K 65 -5.07 7.85 29.53
CA VAL K 65 -4.98 8.70 28.35
C VAL K 65 -3.60 8.49 27.74
N ALA K 66 -3.58 8.23 26.44
CA ALA K 66 -2.35 8.00 25.70
C ALA K 66 -1.97 9.25 24.90
N ASN K 67 -0.69 9.33 24.56
CA ASN K 67 -0.13 10.50 23.89
C ASN K 67 0.94 10.02 22.93
N ILE K 68 0.73 10.26 21.63
CA ILE K 68 1.63 9.76 20.59
C ILE K 68 2.69 10.82 20.35
N LEU K 69 3.88 10.61 20.91
CA LEU K 69 4.96 11.58 20.76
C LEU K 69 5.47 11.60 19.32
N TYR K 70 5.61 10.43 18.70
CA TYR K 70 6.03 10.41 17.30
C TYR K 70 5.66 9.07 16.69
N SER K 71 5.83 8.99 15.37
CA SER K 71 5.59 7.78 14.60
C SER K 71 6.33 7.90 13.28
N THR K 72 6.87 6.77 12.81
CA THR K 72 7.42 6.66 11.47
C THR K 72 6.79 5.46 10.78
N GLN K 73 6.74 5.51 9.45
CA GLN K 73 6.09 4.47 8.67
C GLN K 73 7.02 3.73 7.73
N GLU K 74 8.31 4.07 7.70
CA GLU K 74 9.25 3.41 6.82
C GLU K 74 10.62 3.36 7.49
N THR K 75 11.51 2.53 6.94
CA THR K 75 12.84 2.32 7.49
C THR K 75 13.86 2.13 6.36
N PRO K 76 14.87 3.00 6.23
CA PRO K 76 15.13 4.20 7.04
C PRO K 76 14.06 5.28 6.90
N VAL K 77 14.01 6.21 7.86
CA VAL K 77 12.98 7.24 7.84
C VAL K 77 13.32 8.28 6.78
N GLN K 78 12.33 8.66 5.97
CA GLN K 78 12.48 9.76 5.04
C GLN K 78 12.17 11.07 5.76
N LEU K 79 13.15 11.96 5.81
CA LEU K 79 12.98 13.24 6.48
C LEU K 79 12.84 14.42 5.52
N ASN K 80 13.24 14.25 4.27
CA ASN K 80 13.31 15.38 3.34
C ASN K 80 11.92 15.83 2.94
N GLY K 81 11.73 17.15 2.87
CA GLY K 81 10.41 17.72 2.71
C GLY K 81 9.56 17.68 3.95
N ASN K 82 10.15 17.32 5.10
CA ASN K 82 9.41 17.16 6.36
C ASN K 82 8.20 16.26 6.18
N VAL K 83 8.37 15.20 5.39
CA VAL K 83 7.24 14.30 5.12
C VAL K 83 6.96 13.40 6.31
N ASP K 84 7.97 13.08 7.12
CA ASP K 84 7.74 12.30 8.33
C ASP K 84 6.87 13.08 9.31
N ILE K 85 7.06 14.39 9.40
CA ILE K 85 6.26 15.21 10.30
C ILE K 85 4.81 15.23 9.85
N ASP K 86 4.58 15.43 8.54
CA ASP K 86 3.23 15.39 8.01
C ASP K 86 2.60 14.01 8.20
N LYS K 87 3.37 12.95 7.91
CA LYS K 87 2.86 11.60 8.10
C LYS K 87 2.49 11.31 9.54
N ALA K 88 3.19 11.93 10.50
CA ALA K 88 2.92 11.67 11.90
C ALA K 88 1.70 12.44 12.41
N ALA K 89 1.47 13.64 11.93
CA ALA K 89 0.35 14.45 12.39
C ALA K 89 -0.93 14.24 11.58
N LYS K 90 -0.83 13.67 10.38
CA LYS K 90 -1.99 13.58 9.50
C LYS K 90 -3.05 12.65 10.06
N GLU K 91 -2.67 11.43 10.43
CA GLU K 91 -3.60 10.43 10.92
C GLU K 91 -3.10 9.83 12.22
N GLU K 92 -4.04 9.30 13.00
CA GLU K 92 -3.70 8.63 14.23
C GLU K 92 -3.04 7.28 13.94
N PRO K 93 -1.87 7.00 14.52
CA PRO K 93 -1.21 5.74 14.21
C PRO K 93 -1.97 4.56 14.81
N PRO K 94 -1.85 3.37 14.20
CA PRO K 94 -2.46 2.17 14.78
C PRO K 94 -1.69 1.69 16.00
N LEU K 95 -2.00 0.48 16.49
CA LEU K 95 -1.22 -0.10 17.57
C LEU K 95 0.28 -0.10 17.24
N HIS K 96 0.63 -0.46 16.00
CA HIS K 96 2.00 -0.29 15.55
C HIS K 96 2.06 -0.30 14.03
N TYR K 97 3.06 0.39 13.49
CA TYR K 97 3.30 0.52 12.07
C TYR K 97 4.27 -0.56 11.61
N HIS K 98 4.01 -1.13 10.43
CA HIS K 98 4.90 -2.12 9.87
C HIS K 98 6.10 -1.43 9.23
N ASN K 99 7.30 -1.92 9.53
CA ASN K 99 8.57 -1.28 9.17
C ASN K 99 8.68 0.13 9.73
N GLY K 100 7.88 0.46 10.74
CA GLY K 100 7.89 1.79 11.30
C GLY K 100 8.18 1.81 12.78
N SER K 101 7.77 2.90 13.44
CA SER K 101 7.97 3.04 14.88
C SER K 101 6.86 3.90 15.44
N ILE K 102 6.58 3.71 16.73
CA ILE K 102 5.63 4.53 17.45
C ILE K 102 6.19 4.82 18.84
N VAL K 103 6.19 6.08 19.23
CA VAL K 103 6.49 6.48 20.60
C VAL K 103 5.16 6.76 21.28
N ARG K 104 4.79 5.92 22.24
CA ARG K 104 3.52 6.06 22.94
C ARG K 104 3.78 6.29 24.41
N MET K 105 3.02 7.24 24.99
CA MET K 105 3.11 7.61 26.39
C MET K 105 1.72 7.55 26.98
N ILE K 106 1.53 6.69 27.98
CA ILE K 106 0.22 6.47 28.58
C ILE K 106 0.26 6.92 30.03
N ASP K 107 -0.77 7.66 30.44
CA ASP K 107 -0.98 8.05 31.83
C ASP K 107 -2.01 7.09 32.43
N PHE K 108 -1.61 6.34 33.44
CA PHE K 108 -2.51 5.42 34.12
C PHE K 108 -3.16 6.12 35.31
N ALA K 109 -4.45 5.89 35.49
CA ALA K 109 -5.13 6.29 36.71
C ALA K 109 -4.72 5.33 37.83
N PRO K 110 -5.06 5.63 39.08
CA PRO K 110 -4.70 4.72 40.18
C PRO K 110 -5.27 3.32 39.98
N ALA K 111 -4.42 2.31 40.18
CA ALA K 111 -4.76 0.89 40.18
C ALA K 111 -5.25 0.38 38.83
N VAL K 112 -5.09 1.15 37.76
CA VAL K 112 -5.66 0.76 36.48
C VAL K 112 -4.84 -0.35 35.84
N GLU K 113 -5.53 -1.30 35.21
CA GLU K 113 -4.95 -2.53 34.69
C GLU K 113 -5.22 -2.63 33.20
N SER K 114 -4.17 -2.88 32.41
CA SER K 114 -4.37 -3.19 31.01
C SER K 114 -4.72 -4.67 30.85
N PRO K 115 -5.45 -5.04 29.79
CA PRO K 115 -5.82 -6.45 29.63
C PRO K 115 -4.67 -7.28 29.12
N LEU K 116 -4.69 -8.56 29.47
CA LEU K 116 -3.67 -9.49 29.01
C LEU K 116 -3.72 -9.59 27.48
N HIS K 117 -2.63 -9.20 26.83
CA HIS K 117 -2.63 -9.06 25.38
C HIS K 117 -1.23 -9.33 24.84
N ARG K 118 -1.18 -9.57 23.53
CA ARG K 118 0.08 -9.79 22.82
C ARG K 118 0.07 -8.97 21.55
N ALA K 119 1.08 -8.11 21.40
CA ALA K 119 1.36 -7.45 20.13
C ALA K 119 2.56 -8.12 19.48
N VAL K 120 2.50 -8.28 18.17
CA VAL K 120 3.64 -8.86 17.42
C VAL K 120 4.56 -7.69 17.11
N SER K 121 5.38 -7.34 18.09
CA SER K 121 6.23 -6.16 18.02
C SER K 121 7.25 -6.25 19.14
N ILE K 122 8.36 -5.54 18.96
CA ILE K 122 9.36 -5.35 20.01
C ILE K 122 9.17 -3.95 20.57
N ASP K 123 8.95 -3.87 21.88
CA ASP K 123 8.59 -2.61 22.53
C ASP K 123 9.61 -2.28 23.60
N TYR K 124 10.25 -1.12 23.48
CA TYR K 124 11.10 -0.57 24.52
C TYR K 124 10.22 0.22 25.48
N GLY K 125 10.25 -0.14 26.75
CA GLY K 125 9.42 0.51 27.75
C GLY K 125 10.26 1.12 28.86
N ILE K 126 9.79 2.26 29.37
CA ILE K 126 10.46 2.99 30.44
C ILE K 126 9.40 3.57 31.36
N VAL K 127 9.63 3.46 32.67
CA VAL K 127 8.73 4.07 33.65
C VAL K 127 9.11 5.53 33.80
N VAL K 128 8.26 6.42 33.30
CA VAL K 128 8.50 7.85 33.41
C VAL K 128 8.20 8.34 34.82
N GLU K 129 7.09 7.88 35.39
CA GLU K 129 6.69 8.28 36.73
C GLU K 129 5.83 7.17 37.33
N GLY K 130 6.17 6.76 38.54
CA GLY K 130 5.37 5.82 39.29
C GLY K 130 6.03 4.46 39.46
N VAL K 131 5.20 3.47 39.78
CA VAL K 131 5.65 2.10 39.97
C VAL K 131 4.65 1.19 39.27
N PHE K 132 5.15 0.29 38.43
CA PHE K 132 4.31 -0.56 37.60
C PHE K 132 4.65 -2.03 37.81
N LYS K 133 3.63 -2.88 37.70
CA LYS K 133 3.81 -4.33 37.67
C LYS K 133 3.63 -4.82 36.24
N LEU K 134 4.66 -5.50 35.73
CA LEU K 134 4.61 -6.13 34.43
C LEU K 134 4.40 -7.63 34.64
N VAL K 135 3.26 -8.14 34.21
CA VAL K 135 2.88 -9.53 34.41
C VAL K 135 2.78 -10.20 33.05
N LEU K 136 3.35 -11.39 32.93
CA LEU K 136 3.31 -12.17 31.70
C LEU K 136 2.31 -13.31 31.82
N ASP K 137 1.94 -13.87 30.68
CA ASP K 137 0.89 -14.90 30.65
C ASP K 137 1.29 -16.17 31.39
N SER K 138 2.56 -16.37 31.70
CA SER K 138 2.99 -17.50 32.52
C SER K 138 2.80 -17.25 34.01
N GLY K 139 2.59 -16.01 34.42
CA GLY K 139 2.45 -15.66 35.81
C GLY K 139 3.66 -14.99 36.42
N GLU K 140 4.81 -15.08 35.77
CA GLU K 140 5.98 -14.36 36.23
C GLU K 140 5.74 -12.86 36.16
N GLU K 141 6.13 -12.15 37.22
CA GLU K 141 5.97 -10.71 37.25
C GLU K 141 7.27 -10.04 37.69
N ARG K 142 7.35 -8.75 37.38
CA ARG K 142 8.45 -7.90 37.79
C ARG K 142 7.89 -6.53 38.13
N ILE K 143 8.44 -5.90 39.17
CA ILE K 143 8.04 -4.56 39.58
C ILE K 143 9.05 -3.56 39.05
N MET K 144 8.56 -2.53 38.37
CA MET K 144 9.40 -1.55 37.71
C MET K 144 9.12 -0.16 38.27
N ARG K 145 10.14 0.45 38.86
CA ARG K 145 10.05 1.82 39.35
C ARG K 145 10.60 2.77 38.29
N GLN K 146 10.72 4.04 38.65
CA GLN K 146 11.15 5.06 37.70
C GLN K 146 12.55 4.75 37.16
N GLY K 147 12.70 4.86 35.84
CA GLY K 147 13.97 4.65 35.19
C GLY K 147 14.24 3.22 34.77
N ASP K 148 13.50 2.26 35.30
CA ASP K 148 13.66 0.88 34.87
C ASP K 148 13.16 0.71 33.43
N VAL K 149 13.77 -0.24 32.71
CA VAL K 149 13.56 -0.39 31.28
C VAL K 149 13.20 -1.84 30.99
N SER K 150 12.25 -2.04 30.07
CA SER K 150 11.80 -3.36 29.69
C SER K 150 11.91 -3.51 28.17
N VAL K 151 12.33 -4.70 27.74
CA VAL K 151 12.37 -5.06 26.32
C VAL K 151 11.33 -6.16 26.12
N GLN K 152 10.17 -5.78 25.58
CA GLN K 152 9.08 -6.71 25.34
C GLN K 152 9.25 -7.33 23.96
N ARG K 153 9.59 -8.61 23.93
CA ARG K 153 9.86 -9.29 22.67
C ARG K 153 8.64 -10.09 22.22
N ALA K 154 7.60 -9.34 21.85
CA ALA K 154 6.37 -9.89 21.28
C ALA K 154 5.72 -10.92 22.20
N THR K 155 5.79 -10.67 23.51
CA THR K 155 5.27 -11.58 24.51
C THR K 155 3.87 -11.16 24.96
N ALA K 156 3.13 -12.13 25.47
CA ALA K 156 1.80 -11.86 26.04
C ALA K 156 1.97 -11.35 27.46
N HIS K 157 1.44 -10.16 27.74
CA HIS K 157 1.75 -9.47 28.97
C HIS K 157 0.58 -8.57 29.39
N LYS K 158 0.74 -7.96 30.57
CA LYS K 158 -0.17 -6.93 31.04
C LYS K 158 0.59 -6.02 31.98
N TRP K 159 0.21 -4.73 31.97
CA TRP K 159 0.80 -3.73 32.84
C TRP K 159 -0.20 -3.35 33.93
N ILE K 160 0.29 -3.25 35.16
CA ILE K 160 -0.54 -2.85 36.29
C ILE K 160 0.13 -1.65 36.96
N ASN K 161 -0.61 -0.55 37.05
CA ASN K 161 -0.18 0.61 37.81
C ASN K 161 -0.46 0.37 39.29
N ILE K 162 0.58 0.40 40.12
CA ILE K 162 0.46 0.10 41.54
C ILE K 162 1.08 1.22 42.36
N THR K 163 1.16 2.42 41.78
CA THR K 163 1.92 3.51 42.37
C THR K 163 1.35 3.91 43.73
N ASP K 164 2.24 3.99 44.71
CA ASP K 164 1.91 4.25 46.12
C ASP K 164 0.67 3.48 46.56
N ASN K 165 0.79 2.15 46.47
CA ASN K 165 -0.23 1.24 46.97
C ASN K 165 -1.54 1.41 46.22
N GLY K 166 -1.44 1.69 44.92
CA GLY K 166 -2.62 1.76 44.08
C GLY K 166 -3.46 3.01 44.22
N THR K 167 -2.94 4.07 44.83
CA THR K 167 -3.70 5.29 45.03
C THR K 167 -3.15 6.49 44.25
N ALA K 168 -2.20 6.27 43.35
CA ALA K 168 -1.58 7.35 42.61
C ALA K 168 -1.52 7.01 41.13
N PRO K 169 -1.54 8.02 40.26
CA PRO K 169 -1.40 7.77 38.83
C PRO K 169 0.05 7.49 38.45
N GLY K 170 0.24 6.98 37.24
CA GLY K 170 1.56 6.64 36.75
C GLY K 170 1.67 6.85 35.25
N ARG K 171 2.91 7.00 34.79
CA ARG K 171 3.18 7.28 33.38
C ARG K 171 4.21 6.30 32.84
N MET K 172 3.89 5.70 31.70
CA MET K 172 4.80 4.82 30.97
C MET K 172 5.02 5.37 29.58
N MET K 173 6.22 5.19 29.05
CA MET K 173 6.51 5.50 27.66
C MET K 173 7.00 4.24 26.95
N TRP K 174 6.53 4.04 25.72
CA TRP K 174 6.89 2.89 24.91
C TRP K 174 7.37 3.34 23.54
N ILE K 175 8.37 2.63 23.02
CA ILE K 175 8.78 2.73 21.63
C ILE K 175 8.50 1.38 21.00
N LEU K 176 7.58 1.35 20.02
CA LEU K 176 7.12 0.12 19.41
C LEU K 176 7.70 0.00 18.01
N LEU K 177 8.45 -1.08 17.78
CA LEU K 177 9.03 -1.36 16.48
C LEU K 177 8.38 -2.62 15.89
N ASP K 178 8.55 -2.77 14.57
CA ASP K 178 8.02 -3.94 13.88
C ASP K 178 8.96 -5.14 14.04
N CYS K 179 8.37 -6.32 14.08
CA CYS K 179 9.13 -7.56 14.24
C CYS K 179 8.49 -8.67 13.43
N HIS K 180 9.23 -9.76 13.26
CA HIS K 180 8.72 -10.94 12.59
C HIS K 180 7.90 -11.79 13.55
N ASP K 181 7.03 -12.62 12.97
CA ASP K 181 6.19 -13.49 13.78
C ASP K 181 7.03 -14.44 14.62
N VAL K 182 6.65 -14.60 15.88
CA VAL K 182 7.35 -15.49 16.80
C VAL K 182 6.80 -16.89 16.63
N VAL K 183 7.69 -17.86 16.43
CA VAL K 183 7.31 -19.24 16.13
C VAL K 183 7.93 -20.15 17.18
N VAL K 184 7.08 -20.87 17.90
CA VAL K 184 7.50 -21.83 18.92
C VAL K 184 6.89 -23.18 18.57
N ASN K 185 7.73 -24.18 18.33
CA ASN K 185 7.30 -25.51 17.91
C ASN K 185 6.39 -25.43 16.69
N GLY K 186 6.88 -24.76 15.66
CA GLY K 186 6.16 -24.61 14.40
C GLY K 186 4.77 -24.03 14.56
N GLN K 187 4.57 -23.23 15.60
CA GLN K 187 3.27 -22.61 15.89
C GLN K 187 3.47 -21.11 16.03
N VAL K 188 2.63 -20.33 15.34
CA VAL K 188 2.72 -18.88 15.40
C VAL K 188 2.07 -18.39 16.69
N MET K 189 2.70 -17.41 17.33
CA MET K 189 2.13 -16.72 18.49
C MET K 189 1.25 -15.59 17.94
N GLU K 190 -0.04 -15.90 17.76
CA GLU K 190 -0.97 -14.91 17.24
C GLU K 190 -1.16 -13.78 18.24
N GLY K 191 -1.25 -12.56 17.72
CA GLY K 191 -1.55 -11.43 18.56
C GLY K 191 -3.03 -11.35 18.88
N TYR K 192 -3.33 -10.84 20.07
CA TYR K 192 -4.72 -10.72 20.50
C TYR K 192 -4.85 -9.51 21.41
N LEU K 193 -6.00 -8.85 21.31
CA LEU K 193 -6.20 -7.60 22.05
C LEU K 193 -6.64 -7.84 23.49
N GLY K 194 -7.43 -8.89 23.73
CA GLY K 194 -7.78 -9.29 25.08
C GLY K 194 -9.04 -8.61 25.60
N ASP K 195 -9.44 -9.06 26.78
CA ASP K 195 -10.64 -8.55 27.44
C ASP K 195 -10.37 -8.18 28.89
N VAL L 13 40.28 21.55 35.17
CA VAL L 13 39.32 22.60 34.87
C VAL L 13 38.30 22.07 33.86
N LEU L 14 38.58 20.90 33.30
CA LEU L 14 37.59 20.24 32.47
C LEU L 14 36.37 19.89 33.32
N PRO L 15 35.16 20.21 32.88
CA PRO L 15 33.97 19.89 33.69
C PRO L 15 33.79 18.38 33.80
N GLY L 16 33.58 17.92 35.03
CA GLY L 16 33.37 16.52 35.28
C GLY L 16 34.63 15.66 35.23
N LEU L 17 35.80 16.25 35.39
CA LEU L 17 37.05 15.50 35.30
C LEU L 17 37.10 14.43 36.38
N ASN L 18 37.20 13.17 35.96
CA ASN L 18 37.36 12.02 36.85
C ASN L 18 36.19 11.88 37.83
N TYR L 19 35.00 12.28 37.40
CA TYR L 19 33.82 12.14 38.26
C TYR L 19 33.26 10.73 38.23
N VAL L 20 33.35 10.04 37.10
CA VAL L 20 32.76 8.69 36.97
C VAL L 20 33.85 7.71 37.38
N HIS L 21 33.95 7.47 38.69
CA HIS L 21 35.03 6.65 39.22
C HIS L 21 34.71 5.16 39.24
N SER L 22 33.47 4.75 38.93
CA SER L 22 33.13 3.34 38.95
C SER L 22 32.18 2.95 37.82
N GLY L 23 32.28 3.62 36.67
CA GLY L 23 31.44 3.26 35.54
C GLY L 23 29.98 3.58 35.78
N PHE L 24 29.09 2.69 35.30
CA PHE L 24 27.66 2.89 35.43
C PHE L 24 27.16 2.24 36.72
N PRO L 25 26.37 2.97 37.55
CA PRO L 25 25.92 4.34 37.31
C PRO L 25 26.86 5.40 37.87
N ALA L 26 26.83 6.60 37.27
CA ALA L 26 27.64 7.70 37.73
C ALA L 26 27.26 8.08 39.17
N PRO L 27 28.18 8.67 39.92
CA PRO L 27 27.88 9.05 41.31
C PRO L 27 26.72 10.04 41.37
N GLY L 28 25.75 9.72 42.22
CA GLY L 28 24.55 10.52 42.36
C GLY L 28 23.36 10.05 41.56
N LEU L 29 23.51 8.99 40.77
CA LEU L 29 22.44 8.46 39.95
C LEU L 29 22.17 7.00 40.32
N ARG L 30 20.98 6.54 39.94
CA ARG L 30 20.48 5.25 40.42
C ARG L 30 20.88 4.10 39.51
N GLN L 31 21.20 2.97 40.12
CA GLN L 31 21.33 1.72 39.37
C GLN L 31 19.98 1.32 38.83
N ILE L 32 19.98 0.71 37.64
CA ILE L 32 18.76 0.44 36.91
C ILE L 32 18.48 -1.06 36.88
N ASN L 33 17.28 -1.40 36.43
CA ASN L 33 16.90 -2.77 36.10
C ASN L 33 16.49 -2.80 34.64
N ARG L 34 17.10 -3.69 33.87
CA ARG L 34 16.71 -3.91 32.47
C ARG L 34 16.13 -5.32 32.36
N HIS L 35 14.84 -5.41 32.07
CA HIS L 35 14.15 -6.68 31.94
C HIS L 35 13.94 -7.00 30.48
N ILE L 36 14.31 -8.21 30.07
CA ILE L 36 14.09 -8.72 28.72
C ILE L 36 13.16 -9.91 28.82
N THR L 37 12.13 -9.93 27.98
CA THR L 37 11.18 -11.02 27.94
C THR L 37 11.39 -11.88 26.70
N GLY L 38 10.85 -13.08 26.76
CA GLY L 38 10.92 -14.01 25.66
C GLY L 38 10.00 -15.18 25.93
N HIS L 39 10.12 -16.20 25.09
CA HIS L 39 9.29 -17.40 25.23
C HIS L 39 10.16 -18.60 25.59
N ASP L 40 9.64 -19.45 26.47
CA ASP L 40 10.25 -20.74 26.73
C ASP L 40 9.74 -21.72 25.67
N ASP L 41 10.00 -23.02 25.86
CA ASP L 41 9.67 -24.00 24.84
C ASP L 41 8.27 -24.58 24.99
N ASN L 42 7.36 -23.88 25.67
CA ASN L 42 5.95 -24.20 25.67
C ASN L 42 5.11 -23.05 25.12
N GLY L 43 5.75 -21.99 24.62
CA GLY L 43 5.06 -20.82 24.13
C GLY L 43 4.72 -19.80 25.19
N LYS L 44 5.02 -20.08 26.46
CA LYS L 44 4.69 -19.16 27.53
C LYS L 44 5.67 -17.99 27.55
N SER L 45 5.15 -16.80 27.90
CA SER L 45 5.99 -15.62 28.02
C SER L 45 6.70 -15.64 29.37
N VAL L 46 8.02 -15.44 29.36
CA VAL L 46 8.84 -15.47 30.56
C VAL L 46 9.87 -14.36 30.49
N PHE L 47 10.50 -14.09 31.63
CA PHE L 47 11.61 -13.16 31.71
C PHE L 47 12.91 -13.93 31.49
N LEU L 48 13.76 -13.40 30.62
CA LEU L 48 15.04 -14.03 30.30
C LEU L 48 16.21 -13.39 31.04
N SER L 49 16.06 -12.17 31.51
CA SER L 49 17.21 -11.42 31.99
C SER L 49 16.77 -10.28 32.89
N THR L 50 17.61 -9.98 33.88
CA THR L 50 17.52 -8.74 34.64
C THR L 50 18.95 -8.34 34.98
N ASP L 51 19.36 -7.15 34.56
CA ASP L 51 20.76 -6.76 34.66
C ASP L 51 20.87 -5.25 34.56
N HIS L 52 22.11 -4.78 34.52
CA HIS L 52 22.46 -3.36 34.54
C HIS L 52 22.70 -2.79 33.15
N GLY L 53 22.32 -3.49 32.10
CA GLY L 53 22.64 -3.08 30.75
C GLY L 53 23.68 -4.00 30.12
N ASP L 54 24.17 -3.59 28.96
CA ASP L 54 24.96 -4.56 28.20
C ASP L 54 26.34 -4.08 27.79
N HIS L 55 26.51 -2.79 27.43
CA HIS L 55 27.80 -2.32 26.93
C HIS L 55 28.12 -0.96 27.55
N HIS L 56 28.78 -0.98 28.70
CA HIS L 56 29.14 0.25 29.40
C HIS L 56 30.44 0.81 28.81
N ARG L 57 30.44 2.13 28.55
CA ARG L 57 31.60 2.79 27.96
C ARG L 57 31.82 4.12 28.65
N ILE L 58 33.03 4.32 29.16
CA ILE L 58 33.40 5.57 29.79
C ILE L 58 33.78 6.58 28.70
N MET L 59 33.17 7.76 28.75
CA MET L 59 33.37 8.78 27.74
C MET L 59 34.11 9.97 28.35
N GLY L 60 34.97 10.59 27.56
CA GLY L 60 35.81 11.66 28.06
C GLY L 60 36.74 11.14 29.15
N GLU L 61 37.34 12.10 29.84
CA GLU L 61 38.18 11.73 30.98
C GLU L 61 37.26 11.42 32.17
N LYS L 62 36.60 10.26 32.09
CA LYS L 62 35.64 9.83 33.10
C LYS L 62 34.58 10.89 33.36
N GLN L 63 34.11 11.53 32.27
CA GLN L 63 33.11 12.58 32.37
C GLN L 63 31.69 12.10 32.06
N ALA L 64 31.54 10.89 31.53
CA ALA L 64 30.23 10.33 31.26
C ALA L 64 30.38 8.83 31.07
N VAL L 65 29.26 8.12 31.17
CA VAL L 65 29.23 6.68 30.92
C VAL L 65 27.97 6.36 30.14
N ALA L 66 28.13 5.63 29.05
CA ALA L 66 27.01 5.21 28.23
C ALA L 66 26.63 3.77 28.59
N ASN L 67 25.35 3.46 28.41
CA ASN L 67 24.81 2.14 28.74
C ASN L 67 23.85 1.74 27.65
N ILE L 68 24.17 0.67 26.92
CA ILE L 68 23.40 0.24 25.76
C ILE L 68 22.36 -0.77 26.26
N LEU L 69 21.11 -0.32 26.34
CA LEU L 69 20.05 -1.17 26.88
C LEU L 69 19.60 -2.22 25.87
N TYR L 70 19.69 -1.93 24.58
CA TYR L 70 19.35 -2.91 23.55
C TYR L 70 19.81 -2.37 22.21
N SER L 71 19.60 -3.18 21.17
CA SER L 71 19.91 -2.80 19.80
C SER L 71 19.29 -3.83 18.86
N THR L 72 18.92 -3.37 17.67
CA THR L 72 18.47 -4.23 16.58
C THR L 72 19.25 -3.86 15.33
N GLN L 73 19.38 -4.82 14.42
CA GLN L 73 20.15 -4.61 13.21
C GLN L 73 19.37 -4.86 11.93
N GLU L 74 18.08 -5.17 12.03
CA GLU L 74 17.27 -5.44 10.85
C GLU L 74 15.85 -4.94 11.12
N THR L 75 15.14 -4.66 10.02
CA THR L 75 13.75 -4.26 10.08
C THR L 75 12.96 -5.09 9.07
N PRO L 76 11.89 -5.79 9.49
CA PRO L 76 11.46 -5.98 10.88
C PRO L 76 12.43 -6.84 11.70
N VAL L 77 12.30 -6.81 13.03
CA VAL L 77 13.23 -7.50 13.91
C VAL L 77 12.90 -8.99 13.93
N GLN L 78 13.93 -9.82 13.75
CA GLN L 78 13.79 -11.27 13.82
C GLN L 78 14.09 -11.73 15.25
N LEU L 79 13.10 -12.37 15.88
CA LEU L 79 13.21 -12.77 17.28
C LEU L 79 13.40 -14.27 17.46
N ASN L 80 13.18 -15.07 16.44
CA ASN L 80 13.16 -16.52 16.62
C ASN L 80 14.58 -17.05 16.82
N GLY L 81 14.69 -18.05 17.69
CA GLY L 81 16.00 -18.52 18.12
C GLY L 81 16.74 -17.56 19.02
N ASN L 82 16.06 -16.50 19.50
CA ASN L 82 16.66 -15.49 20.37
C ASN L 82 17.90 -14.86 19.75
N VAL L 83 17.92 -14.75 18.41
CA VAL L 83 19.11 -14.24 17.74
C VAL L 83 19.26 -12.73 17.87
N ASP L 84 18.16 -12.01 18.19
CA ASP L 84 18.30 -10.58 18.45
C ASP L 84 19.03 -10.32 19.76
N ILE L 85 18.86 -11.20 20.75
CA ILE L 85 19.58 -11.05 22.02
C ILE L 85 21.06 -11.30 21.82
N ASP L 86 21.42 -12.34 21.05
CA ASP L 86 22.82 -12.62 20.79
C ASP L 86 23.47 -11.47 20.02
N LYS L 87 22.84 -11.05 18.92
CA LYS L 87 23.36 -9.93 18.13
C LYS L 87 23.56 -8.68 18.99
N ALA L 88 22.62 -8.40 19.90
CA ALA L 88 22.70 -7.22 20.72
C ALA L 88 23.80 -7.32 21.78
N ALA L 89 24.23 -8.53 22.13
CA ALA L 89 25.17 -8.72 23.23
C ALA L 89 26.57 -9.10 22.79
N LYS L 90 26.75 -9.59 21.57
CA LYS L 90 28.06 -10.11 21.17
C LYS L 90 29.03 -8.99 20.80
N GLU L 91 28.56 -7.89 20.21
CA GLU L 91 29.40 -6.78 19.82
C GLU L 91 28.84 -5.48 20.35
N GLU L 92 29.72 -4.53 20.61
CA GLU L 92 29.28 -3.20 21.02
C GLU L 92 28.80 -2.43 19.79
N PRO L 93 27.58 -1.87 19.83
CA PRO L 93 27.04 -1.27 18.62
C PRO L 93 27.73 0.04 18.29
N PRO L 94 27.75 0.44 17.02
CA PRO L 94 28.29 1.76 16.65
C PRO L 94 27.33 2.88 17.02
N LEU L 95 27.62 4.10 16.56
CA LEU L 95 26.76 5.24 16.84
C LEU L 95 25.31 4.96 16.46
N HIS L 96 25.09 4.39 15.28
CA HIS L 96 23.74 4.01 14.86
C HIS L 96 23.84 2.81 13.93
N TYR L 97 22.77 2.03 13.90
CA TYR L 97 22.70 0.80 13.11
C TYR L 97 21.87 1.04 11.85
N HIS L 98 22.44 0.73 10.70
CA HIS L 98 21.69 0.81 9.45
C HIS L 98 20.50 -0.15 9.50
N ASN L 99 19.33 0.35 9.11
CA ASN L 99 18.07 -0.38 9.18
C ASN L 99 17.77 -0.88 10.59
N GLY L 100 18.41 -0.31 11.60
CA GLY L 100 18.27 -0.82 12.95
C GLY L 100 17.99 0.25 13.99
N SER L 101 18.13 -0.12 15.25
CA SER L 101 17.83 0.77 16.37
C SER L 101 18.84 0.54 17.48
N ILE L 102 19.06 1.57 18.29
CA ILE L 102 19.91 1.48 19.47
C ILE L 102 19.26 2.25 20.61
N VAL L 103 19.13 1.58 21.76
CA VAL L 103 18.74 2.24 23.00
C VAL L 103 20.04 2.59 23.73
N ARG L 104 20.38 3.87 23.76
CA ARG L 104 21.60 4.35 24.40
C ARG L 104 21.24 5.29 25.54
N MET L 105 21.75 4.98 26.74
CA MET L 105 21.54 5.78 27.93
C MET L 105 22.89 6.31 28.40
N ILE L 106 22.96 7.60 28.71
CA ILE L 106 24.21 8.24 29.08
C ILE L 106 24.03 8.98 30.41
N ASP L 107 25.01 8.83 31.30
CA ASP L 107 25.04 9.55 32.57
C ASP L 107 26.05 10.69 32.43
N PHE L 108 25.56 11.93 32.50
CA PHE L 108 26.41 13.11 32.39
C PHE L 108 26.94 13.50 33.76
N ALA L 109 28.24 13.78 33.84
CA ALA L 109 28.80 14.39 35.04
C ALA L 109 28.40 15.86 35.11
N PRO L 110 28.51 16.48 36.27
CA PRO L 110 28.04 17.88 36.41
C PRO L 110 28.69 18.82 35.41
N ALA L 111 27.85 19.61 34.74
CA ALA L 111 28.22 20.66 33.79
C ALA L 111 28.88 20.11 32.52
N VAL L 112 28.77 18.80 32.27
CA VAL L 112 29.41 18.20 31.11
C VAL L 112 28.54 18.45 29.87
N GLU L 113 29.16 18.96 28.82
CA GLU L 113 28.48 19.13 27.54
C GLU L 113 29.21 18.36 26.45
N SER L 114 28.45 17.89 25.48
CA SER L 114 28.96 17.16 24.33
C SER L 114 29.40 18.15 23.25
N PRO L 115 30.29 17.73 22.35
CA PRO L 115 30.67 18.60 21.24
C PRO L 115 29.48 18.83 20.32
N LEU L 116 29.50 19.97 19.63
CA LEU L 116 28.57 20.18 18.55
C LEU L 116 28.79 19.11 17.49
N HIS L 117 27.73 18.37 17.17
CA HIS L 117 27.87 17.20 16.32
C HIS L 117 26.55 16.92 15.61
N ARG L 118 26.64 16.17 14.52
CA ARG L 118 25.48 15.70 13.79
C ARG L 118 25.62 14.22 13.51
N ALA L 119 24.62 13.45 13.94
CA ALA L 119 24.48 12.05 13.55
C ALA L 119 23.33 11.94 12.57
N VAL L 120 23.54 11.22 11.48
CA VAL L 120 22.50 11.08 10.45
C VAL L 120 21.63 9.91 10.91
N SER L 121 20.71 10.23 11.83
CA SER L 121 19.75 9.31 12.40
C SER L 121 18.69 10.14 13.10
N ILE L 122 17.49 9.59 13.21
CA ILE L 122 16.40 10.23 13.94
C ILE L 122 16.37 9.65 15.34
N ASP L 123 16.36 10.53 16.35
CA ASP L 123 16.61 10.13 17.73
C ASP L 123 15.48 10.60 18.62
N TYR L 124 14.80 9.66 19.27
CA TYR L 124 13.83 9.97 20.30
C TYR L 124 14.55 10.08 21.64
N GLY L 125 14.44 11.23 22.29
CA GLY L 125 15.17 11.51 23.51
C GLY L 125 14.24 11.89 24.65
N ILE L 126 14.62 11.48 25.85
CA ILE L 126 13.85 11.78 27.06
C ILE L 126 14.83 12.00 28.21
N VAL L 127 14.53 12.96 29.06
CA VAL L 127 15.35 13.25 30.24
C VAL L 127 14.88 12.34 31.38
N VAL L 128 15.74 11.41 31.78
CA VAL L 128 15.40 10.50 32.87
C VAL L 128 15.69 11.11 34.23
N GLU L 129 16.75 11.91 34.35
CA GLU L 129 17.05 12.64 35.58
C GLU L 129 17.91 13.84 35.24
N GLY L 130 17.55 14.99 35.80
CA GLY L 130 18.33 16.20 35.64
C GLY L 130 17.63 17.24 34.79
N VAL L 131 18.42 18.23 34.34
CA VAL L 131 17.96 19.24 33.40
C VAL L 131 19.06 19.41 32.35
N PHE L 132 18.66 19.41 31.08
CA PHE L 132 19.59 19.51 29.97
C PHE L 132 19.21 20.67 29.06
N LYS L 133 20.22 21.33 28.51
CA LYS L 133 20.02 22.35 27.50
C LYS L 133 20.36 21.75 26.14
N LEU L 134 19.35 21.63 25.27
CA LEU L 134 19.57 21.22 23.89
C LEU L 134 19.86 22.45 23.06
N VAL L 135 21.06 22.52 22.48
CA VAL L 135 21.51 23.66 21.71
C VAL L 135 21.77 23.22 20.28
N LEU L 136 21.16 23.90 19.33
CA LEU L 136 21.36 23.61 17.92
C LEU L 136 22.44 24.53 17.35
N ASP L 137 22.89 24.21 16.14
CA ASP L 137 23.97 24.98 15.53
C ASP L 137 23.55 26.39 15.13
N SER L 138 22.25 26.70 15.19
CA SER L 138 21.72 28.01 14.84
C SER L 138 21.56 28.92 16.06
N GLY L 139 22.16 28.55 17.19
CA GLY L 139 22.04 29.33 18.41
C GLY L 139 20.76 29.10 19.19
N GLU L 140 19.73 28.55 18.56
CA GLU L 140 18.49 28.26 19.28
C GLU L 140 18.72 27.18 20.32
N GLU L 141 17.95 27.27 21.41
CA GLU L 141 18.14 26.34 22.52
C GLU L 141 16.83 26.16 23.28
N ARG L 142 16.65 24.95 23.80
CA ARG L 142 15.52 24.62 24.68
C ARG L 142 16.06 23.96 25.94
N ILE L 143 15.35 24.19 27.04
CA ILE L 143 15.69 23.59 28.33
C ILE L 143 14.70 22.46 28.59
N MET L 144 15.23 21.27 28.86
CA MET L 144 14.43 20.06 29.01
C MET L 144 14.60 19.53 30.43
N ARG L 145 13.55 19.67 31.23
CA ARG L 145 13.51 19.06 32.54
C ARG L 145 13.03 17.62 32.42
N GLN L 146 13.01 16.90 33.54
CA GLN L 146 12.74 15.47 33.52
C GLN L 146 11.37 15.19 32.89
N GLY L 147 11.34 14.17 32.03
CA GLY L 147 10.14 13.79 31.31
C GLY L 147 9.96 14.45 29.96
N ASP L 148 10.70 15.52 29.67
CA ASP L 148 10.57 16.20 28.39
C ASP L 148 11.17 15.35 27.27
N VAL L 149 10.54 15.44 26.09
CA VAL L 149 10.83 14.57 24.96
C VAL L 149 11.29 15.42 23.79
N SER L 150 12.33 14.96 23.10
CA SER L 150 12.86 15.63 21.93
C SER L 150 12.93 14.66 20.76
N VAL L 151 12.51 15.14 19.59
CA VAL L 151 12.59 14.39 18.34
C VAL L 151 13.64 15.07 17.48
N GLN L 152 14.85 14.50 17.47
CA GLN L 152 16.00 15.08 16.78
C GLN L 152 16.10 14.49 15.38
N ARG L 153 15.75 15.28 14.37
CA ARG L 153 15.66 14.80 13.01
C ARG L 153 16.94 15.14 12.23
N ALA L 154 17.99 14.39 12.58
CA ALA L 154 19.28 14.45 11.88
C ALA L 154 19.87 15.86 11.88
N THR L 155 19.77 16.54 13.00
CA THR L 155 20.23 17.92 13.12
C THR L 155 21.55 18.00 13.87
N ALA L 156 22.28 19.09 13.65
CA ALA L 156 23.50 19.38 14.38
C ALA L 156 23.15 20.04 15.70
N HIS L 157 23.67 19.48 16.80
CA HIS L 157 23.19 19.86 18.12
C HIS L 157 24.29 19.66 19.15
N LYS L 158 23.94 19.95 20.40
CA LYS L 158 24.85 19.86 21.53
C LYS L 158 24.04 19.75 22.81
N TRP L 159 24.32 18.74 23.62
CA TRP L 159 23.63 18.53 24.88
C TRP L 159 24.48 19.07 26.03
N ILE L 160 23.85 19.79 26.95
CA ILE L 160 24.54 20.42 28.08
C ILE L 160 23.77 20.08 29.35
N ASN L 161 24.43 19.39 30.27
CA ASN L 161 23.85 19.10 31.57
C ASN L 161 23.96 20.34 32.46
N ILE L 162 22.82 20.84 32.93
CA ILE L 162 22.81 22.08 33.71
C ILE L 162 22.03 21.87 35.01
N THR L 163 21.91 20.63 35.46
CA THR L 163 21.18 20.33 36.69
C THR L 163 21.77 21.07 37.88
N ASP L 164 20.90 21.67 38.69
CA ASP L 164 21.26 22.41 39.89
C ASP L 164 22.43 23.36 39.63
N ASN L 165 22.26 24.22 38.62
CA ASN L 165 23.24 25.22 38.26
C ASN L 165 24.62 24.61 38.00
N GLY L 166 24.65 23.39 37.48
CA GLY L 166 25.89 22.78 37.05
C GLY L 166 26.64 21.99 38.10
N THR L 167 25.98 21.55 39.18
CA THR L 167 26.65 20.81 40.24
C THR L 167 26.09 19.41 40.43
N ALA L 168 25.27 18.91 39.50
CA ALA L 168 24.62 17.62 39.66
C ALA L 168 24.73 16.78 38.41
N PRO L 169 24.75 15.46 38.55
CA PRO L 169 24.74 14.60 37.36
C PRO L 169 23.34 14.51 36.75
N GLY L 170 23.31 14.10 35.49
CA GLY L 170 22.07 13.94 34.78
C GLY L 170 22.10 12.71 33.89
N ARG L 171 20.91 12.22 33.58
CA ARG L 171 20.77 11.00 32.79
C ARG L 171 19.79 11.24 31.65
N MET L 172 20.17 10.80 30.46
CA MET L 172 19.32 10.85 29.29
C MET L 172 19.30 9.47 28.63
N MET L 173 18.23 9.19 27.91
CA MET L 173 18.14 7.98 27.11
C MET L 173 17.69 8.34 25.71
N TRP L 174 18.33 7.74 24.72
CA TRP L 174 18.00 7.96 23.32
C TRP L 174 17.66 6.64 22.66
N ILE L 175 16.69 6.68 21.76
CA ILE L 175 16.40 5.58 20.86
C ILE L 175 16.68 6.10 19.45
N LEU L 176 17.75 5.60 18.85
CA LEU L 176 18.21 6.08 17.55
C LEU L 176 17.73 5.15 16.46
N LEU L 177 17.10 5.72 15.44
CA LEU L 177 16.63 4.96 14.28
C LEU L 177 17.31 5.47 13.02
N ASP L 178 17.51 4.56 12.08
CA ASP L 178 18.19 4.91 10.83
C ASP L 178 17.32 5.86 10.01
N CYS L 179 17.92 6.91 9.48
CA CYS L 179 17.20 7.84 8.63
C CYS L 179 17.96 7.98 7.32
N HIS L 180 17.31 8.61 6.35
CA HIS L 180 18.01 8.93 5.12
C HIS L 180 18.71 10.28 5.26
N ASP L 181 19.73 10.47 4.41
CA ASP L 181 20.45 11.73 4.37
C ASP L 181 19.49 12.90 4.16
N VAL L 182 19.83 14.04 4.72
CA VAL L 182 19.02 15.26 4.60
C VAL L 182 19.65 16.13 3.52
N VAL L 183 18.82 16.60 2.60
CA VAL L 183 19.27 17.37 1.44
C VAL L 183 18.55 18.71 1.42
N VAL L 184 19.31 19.80 1.54
CA VAL L 184 18.78 21.16 1.51
C VAL L 184 19.54 21.93 0.44
N ASN L 185 18.84 22.31 -0.63
CA ASN L 185 19.43 23.06 -1.75
C ASN L 185 20.57 22.26 -2.39
N GLY L 186 20.32 20.97 -2.61
CA GLY L 186 21.32 20.10 -3.18
C GLY L 186 22.52 19.82 -2.30
N GLN L 187 22.57 20.39 -1.10
CA GLN L 187 23.66 20.18 -0.17
C GLN L 187 23.25 19.09 0.82
N VAL L 188 24.05 18.03 0.90
CA VAL L 188 23.79 16.95 1.84
C VAL L 188 24.36 17.35 3.20
N MET L 189 23.51 17.35 4.23
CA MET L 189 23.98 17.56 5.59
C MET L 189 24.85 16.38 6.00
N GLU L 190 26.16 16.61 6.08
CA GLU L 190 27.10 15.54 6.39
C GLU L 190 27.23 15.38 7.90
N GLY L 191 27.28 14.14 8.35
CA GLY L 191 27.51 13.88 9.76
C GLY L 191 28.91 14.24 10.18
N TYR L 192 29.06 14.56 11.46
CA TYR L 192 30.36 14.88 12.05
C TYR L 192 30.23 14.84 13.56
N LEU L 193 31.34 14.53 14.22
CA LEU L 193 31.32 14.28 15.66
C LEU L 193 32.29 15.15 16.44
N GLY L 194 33.41 15.53 15.83
CA GLY L 194 34.51 16.09 16.58
C GLY L 194 34.28 17.51 17.04
N ASP L 195 35.07 17.91 18.03
CA ASP L 195 35.12 19.28 18.50
C ASP L 195 36.32 19.98 17.91
#